data_7O4U
#
_entry.id   7O4U
#
_cell.length_a   49.812
_cell.length_b   86.913
_cell.length_c   88.957
_cell.angle_alpha   88.021
_cell.angle_beta   89.915
_cell.angle_gamma   75.192
#
_symmetry.space_group_name_H-M   'P 1'
#
loop_
_entity.id
_entity.type
_entity.pdbx_description
1 polymer '3-hydroxyacyl-CoA dehydrogenase'
2 non-polymer NICOTINAMIDE-ADENINE-DINUCLEOTIDE
3 water water
#
_entity_poly.entity_id   1
_entity_poly.type   'polypeptide(L)'
_entity_poly.pdbx_seq_one_letter_code
;MGSSHHHHHHSQDPNSMPDNTIQWDKDADGIVTLTMDDPSGSTNVMNEAYIESMGKAVDRLVAEKDSITGVVVASAKKTF
FAGGDVKTMIQARPEDAGDVFNTVETIKRQLRTLETLGKPVVAAINGAALGGGLEIALACHHRIAADVKGSQLGLPEVTL
GLLPGGGGVTRTVRMFGIQNAFVSVLAQGTRFKPAKAKEIGLVDELVATVEELVPAAKAWIKEELKANPDGAGVQPWDKK
GYKMPGGTPSSPGLAAILPSFPSNLRKQLKGAPMPAPRAILAAAVEGAQVDFDTASRIESRYFASLVTGQVAKNMMQAFF
FDLQAINAGGSRPEGIGKTPIKRIGVLGAGMMGAGIAYVSAKAGYEVVLKDVSLEAAAKGKGYSEKLEAKALERGRTTQE
RSDALLARITPTADAADFKGVDFVIEAVFENQELKHKVFGEIEDIVEPNAILGSNTSTLPITGLATGVKRQEDFIGIHFF
SPVDKMPLVEIIKGEKTSDEALARVFDYTLAIGKTPIVVNDSRGFFTSRVIGTFVNEALAMLGEGVEPASIEQAGSQAGY
PAPPLQLSDELNLELMHKIAVATRKGVEDAGGTYQPHPAEAVVEKMIELGRSGRLKGAGFYEYADGKRSGLWPGLRETFK
SGSSQPPLQDMIDRMLFAEALETQKCLDEGVLTSTADANIGSIMGIGFPPWTGGSAQFIVGYSGPAGTGKAAFVARAREL
AAAYGDRFLPPESLLS
;
_entity_poly.pdbx_strand_id   A,B
#
# COMPACT_ATOMS: atom_id res chain seq x y z
N ASP A 19 -0.29 -37.31 6.06
CA ASP A 19 -1.22 -38.34 5.61
C ASP A 19 -2.31 -37.71 4.75
N ASN A 20 -2.88 -38.50 3.84
CA ASN A 20 -3.85 -37.97 2.89
C ASN A 20 -5.11 -37.52 3.60
N THR A 21 -5.81 -36.54 3.00
CA THR A 21 -7.03 -35.99 3.56
C THR A 21 -8.22 -36.02 2.61
N ILE A 22 -8.09 -36.62 1.43
CA ILE A 22 -9.14 -36.58 0.42
C ILE A 22 -9.24 -37.95 -0.25
N GLN A 23 -10.37 -38.63 -0.08
CA GLN A 23 -10.60 -39.91 -0.73
C GLN A 23 -11.21 -39.71 -2.12
N TRP A 24 -10.84 -40.60 -3.04
CA TRP A 24 -11.20 -40.48 -4.44
CA TRP A 24 -11.20 -40.48 -4.44
C TRP A 24 -12.32 -41.46 -4.77
N ASP A 25 -13.44 -40.94 -5.28
CA ASP A 25 -14.60 -41.75 -5.63
C ASP A 25 -15.09 -41.36 -7.02
N LYS A 26 -15.26 -42.36 -7.88
CA LYS A 26 -15.70 -42.14 -9.26
C LYS A 26 -16.71 -43.22 -9.63
N ASP A 27 -17.86 -42.81 -10.17
CA ASP A 27 -18.90 -43.74 -10.59
C ASP A 27 -18.79 -44.02 -12.09
N ALA A 28 -19.75 -44.81 -12.59
CA ALA A 28 -19.72 -45.18 -14.00
C ALA A 28 -20.05 -44.00 -14.91
N ASP A 29 -20.92 -43.09 -14.46
CA ASP A 29 -21.28 -41.93 -15.26
C ASP A 29 -20.07 -41.05 -15.55
N GLY A 30 -19.07 -41.06 -14.66
CA GLY A 30 -17.88 -40.27 -14.83
C GLY A 30 -17.78 -39.05 -13.94
N ILE A 31 -18.58 -38.99 -12.87
CA ILE A 31 -18.60 -37.85 -11.96
C ILE A 31 -17.77 -38.23 -10.75
N VAL A 32 -16.59 -37.62 -10.62
CA VAL A 32 -15.69 -37.92 -9.52
C VAL A 32 -16.14 -37.16 -8.28
N THR A 33 -16.17 -37.86 -7.15
CA THR A 33 -16.55 -37.26 -5.86
C THR A 33 -15.30 -37.15 -4.99
N LEU A 34 -14.85 -35.93 -4.76
CA LEU A 34 -13.72 -35.67 -3.86
C LEU A 34 -14.26 -35.46 -2.46
N THR A 35 -13.97 -36.38 -1.56
CA THR A 35 -14.45 -36.33 -0.19
C THR A 35 -13.31 -35.87 0.71
N MET A 36 -13.45 -34.68 1.29
CA MET A 36 -12.43 -34.11 2.17
C MET A 36 -12.62 -34.68 3.56
N ASP A 37 -11.77 -35.65 3.93
CA ASP A 37 -11.84 -36.34 5.21
C ASP A 37 -10.45 -36.31 5.83
N ASP A 38 -10.17 -35.26 6.60
CA ASP A 38 -8.86 -35.10 7.21
C ASP A 38 -8.77 -36.00 8.44
N PRO A 39 -7.79 -36.92 8.51
CA PRO A 39 -7.76 -37.87 9.62
C PRO A 39 -7.20 -37.31 10.92
N SER A 40 -6.43 -36.23 10.87
CA SER A 40 -5.73 -35.72 12.04
C SER A 40 -6.63 -34.89 12.95
N GLY A 41 -7.91 -34.73 12.61
CA GLY A 41 -8.79 -33.93 13.43
C GLY A 41 -10.23 -34.08 12.99
N SER A 42 -11.12 -33.48 13.78
CA SER A 42 -12.54 -33.55 13.50
C SER A 42 -12.96 -32.64 12.36
N THR A 43 -12.13 -31.68 11.98
CA THR A 43 -12.48 -30.68 10.99
C THR A 43 -11.43 -30.62 9.89
N ASN A 44 -11.89 -30.40 8.66
CA ASN A 44 -10.97 -30.13 7.56
C ASN A 44 -10.44 -28.72 7.68
N VAL A 45 -9.12 -28.57 7.63
CA VAL A 45 -8.46 -27.28 7.79
C VAL A 45 -7.29 -27.20 6.82
N MET A 46 -7.07 -26.02 6.24
CA MET A 46 -6.03 -25.85 5.24
C MET A 46 -4.64 -25.97 5.84
N ASN A 47 -4.26 -27.17 6.25
CA ASN A 47 -2.92 -27.43 6.76
C ASN A 47 -2.02 -27.89 5.62
N GLU A 48 -0.79 -28.31 5.95
CA GLU A 48 0.11 -28.80 4.93
C GLU A 48 -0.35 -30.14 4.37
N ALA A 49 -1.09 -30.91 5.17
CA ALA A 49 -1.60 -32.20 4.69
C ALA A 49 -2.66 -32.01 3.61
N TYR A 50 -3.56 -31.04 3.80
CA TYR A 50 -4.56 -30.75 2.78
C TYR A 50 -3.91 -30.32 1.47
N ILE A 51 -2.98 -29.37 1.55
CA ILE A 51 -2.29 -28.87 0.35
C ILE A 51 -1.64 -30.02 -0.40
N GLU A 52 -1.06 -30.97 0.34
CA GLU A 52 -0.53 -32.19 -0.28
C GLU A 52 -1.64 -32.96 -0.99
N SER A 53 -2.81 -33.09 -0.35
CA SER A 53 -3.86 -33.92 -0.90
C SER A 53 -4.52 -33.26 -2.11
N MET A 54 -4.94 -32.01 -1.97
CA MET A 54 -5.62 -31.31 -3.05
C MET A 54 -4.73 -31.21 -4.29
N GLY A 55 -3.42 -31.12 -4.11
CA GLY A 55 -2.50 -31.14 -5.23
C GLY A 55 -2.56 -32.44 -5.99
N LYS A 56 -2.31 -33.55 -5.30
CA LYS A 56 -2.39 -34.87 -5.93
C LYS A 56 -3.79 -35.20 -6.43
N ALA A 57 -4.84 -34.63 -5.84
CA ALA A 57 -6.20 -34.89 -6.30
C ALA A 57 -6.54 -34.07 -7.54
N VAL A 58 -6.03 -32.85 -7.64
CA VAL A 58 -6.25 -32.05 -8.84
C VAL A 58 -5.33 -32.50 -9.97
N ASP A 59 -4.13 -33.00 -9.63
CA ASP A 59 -3.24 -33.55 -10.65
C ASP A 59 -3.84 -34.79 -11.30
N ARG A 60 -4.66 -35.55 -10.57
CA ARG A 60 -5.27 -36.74 -11.14
C ARG A 60 -6.45 -36.41 -12.04
N LEU A 61 -7.20 -35.36 -11.72
CA LEU A 61 -8.32 -34.95 -12.56
C LEU A 61 -7.86 -34.50 -13.95
N VAL A 62 -6.61 -34.09 -14.09
CA VAL A 62 -6.08 -33.71 -15.39
C VAL A 62 -5.47 -34.91 -16.11
N ALA A 63 -4.99 -35.91 -15.36
CA ALA A 63 -4.44 -37.11 -15.97
C ALA A 63 -5.54 -38.04 -16.47
N GLU A 64 -6.73 -37.98 -15.88
CA GLU A 64 -7.88 -38.76 -16.31
C GLU A 64 -8.97 -37.88 -16.91
N LYS A 65 -8.57 -36.78 -17.56
CA LYS A 65 -9.53 -35.81 -18.06
C LYS A 65 -10.49 -36.42 -19.08
N ASP A 66 -10.05 -37.46 -19.80
CA ASP A 66 -10.86 -38.01 -20.88
C ASP A 66 -12.00 -38.89 -20.37
N SER A 67 -11.92 -39.39 -19.14
CA SER A 67 -12.94 -40.27 -18.59
C SER A 67 -13.75 -39.63 -17.48
N ILE A 68 -13.56 -38.34 -17.22
CA ILE A 68 -14.28 -37.61 -16.18
C ILE A 68 -15.10 -36.52 -16.84
N THR A 69 -16.39 -36.47 -16.52
CA THR A 69 -17.30 -35.47 -17.06
C THR A 69 -17.76 -34.46 -16.00
N GLY A 70 -17.18 -34.51 -14.80
CA GLY A 70 -17.57 -33.62 -13.72
C GLY A 70 -17.00 -34.02 -12.38
N VAL A 71 -16.90 -33.07 -11.45
CA VAL A 71 -16.34 -33.30 -10.14
C VAL A 71 -17.34 -32.86 -9.07
N VAL A 72 -17.31 -33.54 -7.93
CA VAL A 72 -18.14 -33.20 -6.78
C VAL A 72 -17.25 -33.13 -5.55
N VAL A 73 -17.34 -32.02 -4.82
CA VAL A 73 -16.49 -31.76 -3.66
C VAL A 73 -17.35 -31.86 -2.41
N ALA A 74 -17.11 -32.91 -1.61
CA ALA A 74 -17.90 -33.18 -0.42
C ALA A 74 -16.99 -33.31 0.79
N SER A 75 -17.61 -33.46 1.96
CA SER A 75 -16.91 -33.61 3.23
C SER A 75 -17.55 -34.73 4.03
N ALA A 76 -16.76 -35.30 4.94
CA ALA A 76 -17.22 -36.39 5.80
C ALA A 76 -17.36 -35.97 7.25
N LYS A 77 -17.29 -34.68 7.54
CA LYS A 77 -17.44 -34.14 8.89
C LYS A 77 -18.81 -33.49 9.04
N LYS A 78 -19.12 -33.09 10.28
CA LYS A 78 -20.34 -32.32 10.52
C LYS A 78 -20.27 -30.94 9.90
N THR A 79 -19.08 -30.42 9.66
CA THR A 79 -18.88 -29.20 8.91
C THR A 79 -18.42 -29.53 7.50
N PHE A 80 -18.20 -28.49 6.69
CA PHE A 80 -17.64 -28.65 5.36
C PHE A 80 -16.13 -28.44 5.36
N PHE A 81 -15.68 -27.28 5.82
CA PHE A 81 -14.27 -26.94 5.90
C PHE A 81 -14.11 -25.73 6.79
N ALA A 82 -13.17 -25.78 7.75
CA ALA A 82 -13.10 -24.76 8.80
C ALA A 82 -12.28 -23.54 8.42
N GLY A 83 -11.30 -23.68 7.54
CA GLY A 83 -10.51 -22.55 7.13
C GLY A 83 -9.01 -22.77 7.17
N GLY A 84 -8.25 -21.71 7.47
CA GLY A 84 -6.81 -21.81 7.48
C GLY A 84 -6.27 -22.39 8.77
N ASP A 85 -5.03 -22.86 8.70
CA ASP A 85 -4.33 -23.44 9.85
C ASP A 85 -3.76 -22.31 10.68
N VAL A 86 -4.47 -21.94 11.76
CA VAL A 86 -4.05 -20.81 12.57
C VAL A 86 -2.83 -21.14 13.43
N LYS A 87 -2.56 -22.43 13.67
CA LYS A 87 -1.35 -22.80 14.40
C LYS A 87 -0.10 -22.43 13.62
N THR A 88 -0.14 -22.52 12.29
CA THR A 88 1.00 -22.18 11.45
C THR A 88 1.03 -20.70 11.10
N MET A 89 -0.15 -20.10 10.87
CA MET A 89 -0.19 -18.69 10.47
C MET A 89 0.35 -17.78 11.57
N ILE A 90 0.13 -18.13 12.84
CA ILE A 90 0.58 -17.28 13.94
C ILE A 90 2.07 -17.38 14.19
N GLN A 91 2.74 -18.39 13.60
CA GLN A 91 4.19 -18.50 13.70
C GLN A 91 4.92 -17.81 12.55
N ALA A 92 4.19 -17.25 11.60
CA ALA A 92 4.79 -16.68 10.39
C ALA A 92 5.58 -15.43 10.75
N ARG A 93 6.91 -15.52 10.67
CA ARG A 93 7.74 -14.36 10.94
C ARG A 93 7.74 -13.43 9.73
N PRO A 94 8.09 -12.15 9.93
CA PRO A 94 8.15 -11.23 8.78
C PRO A 94 9.07 -11.68 7.67
N GLU A 95 10.18 -12.37 8.00
CA GLU A 95 11.06 -12.87 6.96
C GLU A 95 10.46 -14.03 6.18
N ASP A 96 9.39 -14.65 6.69
CA ASP A 96 8.71 -15.71 5.98
C ASP A 96 7.74 -15.21 4.92
N ALA A 97 7.75 -13.90 4.65
CA ALA A 97 6.77 -13.32 3.73
C ALA A 97 6.86 -13.95 2.35
N GLY A 98 8.08 -14.23 1.88
CA GLY A 98 8.24 -14.80 0.56
C GLY A 98 7.75 -16.23 0.48
N ASP A 99 8.09 -17.05 1.48
CA ASP A 99 7.59 -18.42 1.54
C ASP A 99 6.09 -18.45 1.72
N VAL A 100 5.53 -17.50 2.49
CA VAL A 100 4.07 -17.45 2.66
C VAL A 100 3.39 -17.15 1.34
N PHE A 101 3.97 -16.24 0.56
CA PHE A 101 3.40 -15.93 -0.75
C PHE A 101 3.36 -17.18 -1.64
N ASN A 102 4.40 -18.00 -1.59
CA ASN A 102 4.45 -19.19 -2.42
C ASN A 102 3.45 -20.25 -1.97
N THR A 103 3.15 -20.31 -0.67
CA THR A 103 2.21 -21.31 -0.17
C THR A 103 0.80 -21.01 -0.64
N VAL A 104 0.34 -19.77 -0.46
CA VAL A 104 -1.03 -19.44 -0.88
C VAL A 104 -1.16 -19.47 -2.39
N GLU A 105 -0.09 -19.16 -3.12
CA GLU A 105 -0.10 -19.32 -4.58
C GLU A 105 -0.36 -20.78 -4.97
N THR A 106 0.28 -21.71 -4.27
CA THR A 106 0.03 -23.13 -4.52
C THR A 106 -1.43 -23.48 -4.24
N ILE A 107 -2.00 -22.91 -3.18
CA ILE A 107 -3.41 -23.17 -2.86
C ILE A 107 -4.29 -22.71 -4.02
N LYS A 108 -4.12 -21.46 -4.45
CA LYS A 108 -4.99 -20.92 -5.48
C LYS A 108 -4.75 -21.55 -6.84
N ARG A 109 -3.53 -22.06 -7.08
CA ARG A 109 -3.27 -22.75 -8.34
C ARG A 109 -4.07 -24.06 -8.43
N GLN A 110 -4.23 -24.76 -7.31
CA GLN A 110 -5.06 -25.96 -7.31
C GLN A 110 -6.52 -25.61 -7.52
N LEU A 111 -7.00 -24.54 -6.89
CA LEU A 111 -8.40 -24.14 -7.07
C LEU A 111 -8.64 -23.58 -8.47
N ARG A 112 -7.63 -22.95 -9.06
CA ARG A 112 -7.78 -22.39 -10.40
C ARG A 112 -7.77 -23.48 -11.48
N THR A 113 -6.96 -24.53 -11.28
CA THR A 113 -6.98 -25.65 -12.21
C THR A 113 -8.31 -26.40 -12.11
N LEU A 114 -8.78 -26.66 -10.89
CA LEU A 114 -10.07 -27.30 -10.71
C LEU A 114 -11.19 -26.47 -11.31
N GLU A 115 -11.02 -25.16 -11.37
CA GLU A 115 -12.04 -24.26 -11.90
C GLU A 115 -12.09 -24.27 -13.42
N THR A 116 -10.98 -24.61 -14.09
CA THR A 116 -10.89 -24.51 -15.54
C THR A 116 -10.66 -25.86 -16.21
N LEU A 117 -11.21 -26.94 -15.62
CA LEU A 117 -11.10 -28.24 -16.25
C LEU A 117 -11.94 -28.37 -17.51
N GLY A 118 -12.79 -27.40 -17.81
CA GLY A 118 -13.75 -27.54 -18.89
C GLY A 118 -14.91 -28.44 -18.55
N LYS A 119 -15.02 -28.88 -17.30
CA LYS A 119 -16.06 -29.78 -16.82
C LYS A 119 -16.72 -29.16 -15.59
N PRO A 120 -18.02 -29.40 -15.41
CA PRO A 120 -18.71 -28.81 -14.26
C PRO A 120 -18.15 -29.33 -12.94
N VAL A 121 -18.14 -28.44 -11.94
CA VAL A 121 -17.68 -28.75 -10.59
C VAL A 121 -18.69 -28.20 -9.60
N VAL A 122 -19.16 -29.05 -8.69
CA VAL A 122 -20.18 -28.68 -7.73
C VAL A 122 -19.66 -28.94 -6.33
N ALA A 123 -19.89 -27.97 -5.44
CA ALA A 123 -19.59 -28.12 -4.02
C ALA A 123 -20.83 -28.60 -3.28
N ALA A 124 -20.66 -29.68 -2.51
CA ALA A 124 -21.76 -30.24 -1.71
C ALA A 124 -21.53 -29.82 -0.26
N ILE A 125 -21.93 -28.60 0.05
CA ILE A 125 -21.67 -27.99 1.35
C ILE A 125 -22.63 -28.60 2.36
N ASN A 126 -22.08 -29.33 3.33
CA ASN A 126 -22.87 -30.10 4.29
C ASN A 126 -22.84 -29.52 5.70
N GLY A 127 -22.55 -28.22 5.82
CA GLY A 127 -22.48 -27.60 7.13
C GLY A 127 -21.66 -26.33 7.13
N ALA A 128 -20.93 -26.09 8.22
CA ALA A 128 -20.14 -24.87 8.32
C ALA A 128 -19.04 -24.85 7.27
N ALA A 129 -18.90 -23.71 6.59
CA ALA A 129 -17.88 -23.51 5.56
C ALA A 129 -17.33 -22.10 5.75
N LEU A 130 -16.19 -21.99 6.44
CA LEU A 130 -15.65 -20.72 6.86
C LEU A 130 -14.24 -20.51 6.29
N GLY A 131 -13.94 -19.26 5.97
CA GLY A 131 -12.61 -18.88 5.50
C GLY A 131 -12.11 -19.67 4.32
N GLY A 132 -11.11 -20.52 4.55
CA GLY A 132 -10.60 -21.36 3.50
C GLY A 132 -11.66 -22.29 2.93
N GLY A 133 -12.67 -22.62 3.73
CA GLY A 133 -13.71 -23.53 3.26
C GLY A 133 -14.61 -22.90 2.22
N LEU A 134 -15.06 -21.67 2.47
CA LEU A 134 -15.85 -20.98 1.46
C LEU A 134 -15.02 -20.68 0.22
N GLU A 135 -13.72 -20.46 0.38
CA GLU A 135 -12.87 -20.18 -0.78
C GLU A 135 -12.79 -21.40 -1.70
N ILE A 136 -12.74 -22.60 -1.13
CA ILE A 136 -12.77 -23.81 -1.92
C ILE A 136 -14.09 -23.90 -2.69
N ALA A 137 -15.21 -23.59 -2.04
CA ALA A 137 -16.51 -23.68 -2.70
C ALA A 137 -16.68 -22.61 -3.77
N LEU A 138 -16.06 -21.44 -3.59
CA LEU A 138 -16.17 -20.38 -4.59
C LEU A 138 -15.45 -20.73 -5.89
N ALA A 139 -14.46 -21.62 -5.82
CA ALA A 139 -13.79 -22.10 -7.02
C ALA A 139 -14.62 -23.11 -7.80
N CYS A 140 -15.82 -23.44 -7.32
CA CYS A 140 -16.72 -24.31 -8.04
C CYS A 140 -17.69 -23.48 -8.88
N HIS A 141 -18.40 -24.15 -9.79
CA HIS A 141 -19.36 -23.49 -10.65
C HIS A 141 -20.77 -23.48 -10.05
N HIS A 142 -21.04 -24.35 -9.07
CA HIS A 142 -22.35 -24.45 -8.47
C HIS A 142 -22.18 -24.86 -7.01
N ARG A 143 -22.96 -24.24 -6.13
CA ARG A 143 -22.82 -24.45 -4.69
C ARG A 143 -24.18 -24.83 -4.11
N ILE A 144 -24.34 -26.12 -3.78
CA ILE A 144 -25.53 -26.62 -3.09
C ILE A 144 -25.21 -26.74 -1.61
N ALA A 145 -26.02 -26.10 -0.78
CA ALA A 145 -25.83 -26.11 0.66
C ALA A 145 -27.06 -26.66 1.35
N ALA A 146 -26.85 -27.37 2.46
CA ALA A 146 -27.95 -27.88 3.25
C ALA A 146 -28.48 -26.81 4.20
N ASP A 147 -29.67 -27.04 4.72
CA ASP A 147 -30.30 -26.13 5.67
C ASP A 147 -30.31 -26.79 7.05
N VAL A 148 -29.12 -26.98 7.60
CA VAL A 148 -28.93 -27.61 8.90
C VAL A 148 -28.70 -26.54 9.94
N LYS A 149 -29.34 -26.69 11.10
CA LYS A 149 -29.15 -25.75 12.19
C LYS A 149 -27.69 -25.72 12.63
N GLY A 150 -27.12 -24.52 12.66
CA GLY A 150 -25.73 -24.34 13.03
C GLY A 150 -24.78 -24.14 11.86
N SER A 151 -25.23 -24.38 10.64
CA SER A 151 -24.36 -24.21 9.48
C SER A 151 -24.13 -22.73 9.20
N GLN A 152 -22.86 -22.36 9.05
CA GLN A 152 -22.46 -20.98 8.79
C GLN A 152 -21.53 -20.93 7.59
N LEU A 153 -21.58 -19.80 6.89
CA LEU A 153 -20.74 -19.57 5.72
C LEU A 153 -20.25 -18.13 5.74
N GLY A 154 -19.02 -17.93 5.31
CA GLY A 154 -18.45 -16.60 5.26
C GLY A 154 -16.95 -16.65 5.17
N LEU A 155 -16.36 -15.47 5.26
CA LEU A 155 -14.91 -15.28 5.23
C LEU A 155 -14.53 -14.44 6.43
N PRO A 156 -14.47 -15.06 7.61
CA PRO A 156 -14.25 -14.29 8.85
C PRO A 156 -12.80 -13.98 9.19
N GLU A 157 -11.86 -14.14 8.27
CA GLU A 157 -10.46 -13.89 8.61
C GLU A 157 -10.13 -12.41 8.77
N VAL A 158 -11.05 -11.50 8.43
CA VAL A 158 -10.80 -10.09 8.72
C VAL A 158 -10.80 -9.85 10.22
N THR A 159 -11.59 -10.62 10.98
CA THR A 159 -11.63 -10.47 12.42
C THR A 159 -10.33 -10.92 13.08
N LEU A 160 -9.52 -11.69 12.38
CA LEU A 160 -8.22 -12.12 12.87
C LEU A 160 -7.08 -11.28 12.29
N GLY A 161 -7.38 -10.16 11.65
CA GLY A 161 -6.35 -9.34 11.04
C GLY A 161 -5.81 -9.88 9.73
N LEU A 162 -6.40 -10.93 9.19
CA LEU A 162 -5.97 -11.55 7.96
C LEU A 162 -6.89 -11.09 6.81
N LEU A 163 -6.85 -11.80 5.69
CA LEU A 163 -7.75 -11.52 4.57
C LEU A 163 -7.98 -12.82 3.83
N PRO A 164 -9.13 -12.96 3.16
CA PRO A 164 -9.35 -14.17 2.34
C PRO A 164 -8.32 -14.29 1.23
N GLY A 165 -7.28 -15.09 1.46
CA GLY A 165 -6.17 -15.21 0.55
C GLY A 165 -6.20 -16.39 -0.39
N GLY A 166 -7.21 -17.26 -0.27
CA GLY A 166 -7.32 -18.40 -1.18
C GLY A 166 -8.28 -18.12 -2.31
N GLY A 167 -8.32 -16.87 -2.77
CA GLY A 167 -9.21 -16.47 -3.83
C GLY A 167 -10.52 -15.86 -3.39
N GLY A 168 -10.74 -15.75 -2.08
CA GLY A 168 -12.01 -15.21 -1.61
C GLY A 168 -12.21 -13.76 -2.01
N VAL A 169 -11.16 -12.95 -1.91
CA VAL A 169 -11.27 -11.55 -2.32
C VAL A 169 -11.46 -11.47 -3.84
N THR A 170 -10.63 -12.19 -4.59
CA THR A 170 -10.64 -12.08 -6.04
C THR A 170 -11.95 -12.57 -6.63
N ARG A 171 -12.48 -13.67 -6.10
CA ARG A 171 -13.70 -14.23 -6.67
C ARG A 171 -14.94 -13.46 -6.25
N THR A 172 -15.02 -13.04 -4.98
CA THR A 172 -16.20 -12.29 -4.55
C THR A 172 -16.31 -10.97 -5.30
N VAL A 173 -15.17 -10.32 -5.58
CA VAL A 173 -15.22 -9.09 -6.36
C VAL A 173 -15.69 -9.35 -7.77
N ARG A 174 -15.25 -10.47 -8.37
CA ARG A 174 -15.71 -10.82 -9.70
C ARG A 174 -17.18 -11.21 -9.71
N MET A 175 -17.70 -11.69 -8.58
CA MET A 175 -19.08 -12.14 -8.52
C MET A 175 -20.05 -10.98 -8.29
N PHE A 176 -19.77 -10.12 -7.32
CA PHE A 176 -20.70 -9.08 -6.91
C PHE A 176 -20.21 -7.67 -7.15
N GLY A 177 -19.01 -7.49 -7.68
CA GLY A 177 -18.43 -6.17 -7.81
C GLY A 177 -17.74 -5.73 -6.53
N ILE A 178 -17.07 -4.58 -6.62
CA ILE A 178 -16.26 -4.10 -5.51
C ILE A 178 -17.16 -3.70 -4.33
N GLN A 179 -18.21 -2.92 -4.61
CA GLN A 179 -19.05 -2.39 -3.54
C GLN A 179 -19.72 -3.51 -2.75
N ASN A 180 -20.43 -4.40 -3.43
CA ASN A 180 -21.21 -5.43 -2.73
C ASN A 180 -20.29 -6.43 -2.04
N ALA A 181 -19.26 -6.90 -2.74
CA ALA A 181 -18.39 -7.92 -2.15
C ALA A 181 -17.69 -7.39 -0.90
N PHE A 182 -17.30 -6.11 -0.90
CA PHE A 182 -16.56 -5.57 0.23
C PHE A 182 -17.48 -5.34 1.43
N VAL A 183 -18.57 -4.61 1.23
CA VAL A 183 -19.42 -4.22 2.35
C VAL A 183 -20.07 -5.43 3.00
N SER A 184 -20.51 -6.39 2.19
CA SER A 184 -21.29 -7.52 2.71
C SER A 184 -20.39 -8.60 3.32
N VAL A 185 -19.49 -9.15 2.52
CA VAL A 185 -18.75 -10.36 2.90
C VAL A 185 -17.36 -10.03 3.45
N LEU A 186 -16.63 -9.15 2.77
CA LEU A 186 -15.18 -9.04 3.03
C LEU A 186 -14.87 -8.15 4.21
N ALA A 187 -15.49 -6.97 4.27
CA ALA A 187 -15.08 -5.96 5.26
C ALA A 187 -15.37 -6.45 6.68
N GLN A 188 -16.57 -6.97 6.93
CA GLN A 188 -16.95 -7.33 8.29
C GLN A 188 -16.76 -8.81 8.59
N GLY A 189 -16.57 -9.65 7.57
CA GLY A 189 -16.45 -11.08 7.78
C GLY A 189 -17.73 -11.66 8.35
N THR A 190 -18.85 -11.29 7.74
CA THR A 190 -20.16 -11.71 8.24
C THR A 190 -20.35 -13.20 8.04
N ARG A 191 -20.81 -13.88 9.09
CA ARG A 191 -21.18 -15.28 8.98
C ARG A 191 -22.66 -15.40 8.63
N PHE A 192 -22.96 -16.20 7.61
CA PHE A 192 -24.31 -16.30 7.07
C PHE A 192 -24.91 -17.67 7.34
N LYS A 193 -26.22 -17.68 7.56
CA LYS A 193 -26.93 -18.94 7.50
C LYS A 193 -27.27 -19.27 6.04
N PRO A 194 -27.46 -20.55 5.72
CA PRO A 194 -27.65 -20.94 4.30
C PRO A 194 -28.77 -20.20 3.59
N ALA A 195 -29.85 -19.83 4.29
CA ALA A 195 -30.91 -19.07 3.64
C ALA A 195 -30.44 -17.66 3.29
N LYS A 196 -29.68 -17.03 4.18
CA LYS A 196 -29.14 -15.71 3.90
C LYS A 196 -28.00 -15.77 2.90
N ALA A 197 -27.27 -16.89 2.88
CA ALA A 197 -26.19 -17.05 1.91
C ALA A 197 -26.71 -17.24 0.49
N LYS A 198 -27.88 -17.85 0.34
CA LYS A 198 -28.45 -18.04 -0.98
C LYS A 198 -28.95 -16.73 -1.56
N GLU A 199 -29.47 -15.83 -0.72
CA GLU A 199 -30.11 -14.62 -1.23
C GLU A 199 -29.08 -13.64 -1.78
N ILE A 200 -27.96 -13.46 -1.09
CA ILE A 200 -26.98 -12.48 -1.53
C ILE A 200 -26.19 -12.96 -2.74
N GLY A 201 -26.17 -14.28 -2.98
CA GLY A 201 -25.48 -14.82 -4.15
C GLY A 201 -24.32 -15.72 -3.80
N LEU A 202 -24.16 -16.04 -2.52
CA LEU A 202 -23.08 -16.92 -2.07
C LEU A 202 -23.41 -18.39 -2.28
N VAL A 203 -24.69 -18.74 -2.36
CA VAL A 203 -25.14 -20.11 -2.52
C VAL A 203 -26.19 -20.14 -3.62
N ASP A 204 -26.09 -21.12 -4.52
CA ASP A 204 -26.94 -21.17 -5.69
C ASP A 204 -28.19 -22.02 -5.50
N GLU A 205 -28.19 -22.96 -4.56
CA GLU A 205 -29.34 -23.82 -4.32
C GLU A 205 -29.30 -24.35 -2.90
N LEU A 206 -30.48 -24.65 -2.37
CA LEU A 206 -30.63 -25.23 -1.04
C LEU A 206 -31.31 -26.59 -1.14
N VAL A 207 -31.05 -27.42 -0.14
CA VAL A 207 -31.66 -28.74 -0.01
C VAL A 207 -32.16 -28.92 1.41
N ALA A 208 -32.99 -29.94 1.62
CA ALA A 208 -33.60 -30.15 2.93
C ALA A 208 -32.59 -30.74 3.91
N THR A 209 -32.02 -31.90 3.59
CA THR A 209 -31.11 -32.60 4.48
C THR A 209 -29.84 -32.98 3.72
N VAL A 210 -28.85 -33.51 4.46
CA VAL A 210 -27.56 -33.82 3.88
C VAL A 210 -27.59 -35.09 3.04
N GLU A 211 -28.63 -35.91 3.18
CA GLU A 211 -28.71 -37.13 2.38
C GLU A 211 -28.80 -36.84 0.89
N GLU A 212 -29.48 -35.75 0.53
CA GLU A 212 -29.72 -35.40 -0.86
C GLU A 212 -28.75 -34.35 -1.39
N LEU A 213 -27.66 -34.09 -0.67
CA LEU A 213 -26.67 -33.12 -1.14
C LEU A 213 -25.89 -33.66 -2.33
N VAL A 214 -25.23 -34.81 -2.14
CA VAL A 214 -24.47 -35.41 -3.24
C VAL A 214 -25.37 -35.81 -4.40
N PRO A 215 -26.55 -36.43 -4.20
CA PRO A 215 -27.39 -36.75 -5.36
C PRO A 215 -27.84 -35.54 -6.16
N ALA A 216 -28.17 -34.43 -5.48
CA ALA A 216 -28.57 -33.22 -6.20
C ALA A 216 -27.42 -32.60 -6.97
N ALA A 217 -26.17 -32.87 -6.55
CA ALA A 217 -25.03 -32.34 -7.28
C ALA A 217 -24.84 -33.08 -8.60
N LYS A 218 -24.82 -34.41 -8.56
CA LYS A 218 -24.68 -35.20 -9.78
C LYS A 218 -25.85 -34.97 -10.73
N ALA A 219 -27.04 -34.73 -10.19
CA ALA A 219 -28.20 -34.43 -11.04
C ALA A 219 -28.04 -33.08 -11.71
N TRP A 220 -27.53 -32.08 -10.99
CA TRP A 220 -27.29 -30.78 -11.59
C TRP A 220 -26.19 -30.84 -12.65
N ILE A 221 -25.20 -31.73 -12.46
CA ILE A 221 -24.16 -31.90 -13.45
C ILE A 221 -24.73 -32.56 -14.70
N LYS A 222 -25.56 -33.60 -14.53
CA LYS A 222 -26.19 -34.25 -15.67
C LYS A 222 -27.07 -33.27 -16.45
N GLU A 223 -27.78 -32.39 -15.74
CA GLU A 223 -28.64 -31.42 -16.40
C GLU A 223 -27.82 -30.35 -17.11
N GLU A 224 -26.77 -29.84 -16.46
CA GLU A 224 -25.98 -28.78 -17.07
C GLU A 224 -25.22 -29.25 -18.31
N LEU A 225 -24.88 -30.54 -18.37
CA LEU A 225 -24.11 -31.06 -19.49
C LEU A 225 -24.86 -31.07 -20.80
N LYS A 226 -26.19 -30.89 -20.78
CA LYS A 226 -26.96 -30.79 -22.00
C LYS A 226 -27.62 -29.43 -22.20
N ALA A 227 -27.94 -28.70 -21.13
CA ALA A 227 -28.55 -27.40 -21.28
C ALA A 227 -27.52 -26.33 -21.61
N ASN A 228 -26.34 -26.42 -21.01
CA ASN A 228 -25.25 -25.47 -21.25
C ASN A 228 -23.98 -26.24 -21.61
N PRO A 229 -23.97 -26.95 -22.75
CA PRO A 229 -22.84 -27.83 -23.05
C PRO A 229 -21.56 -27.08 -23.41
N ASP A 230 -21.66 -25.82 -23.84
CA ASP A 230 -20.47 -25.05 -24.18
C ASP A 230 -19.95 -24.26 -22.98
N GLY A 231 -20.84 -23.65 -22.20
CA GLY A 231 -20.45 -22.91 -21.03
C GLY A 231 -20.24 -23.74 -19.79
N ALA A 232 -20.47 -25.05 -19.86
CA ALA A 232 -20.28 -25.91 -18.70
C ALA A 232 -18.83 -25.89 -18.25
N GLY A 233 -18.61 -25.61 -16.97
CA GLY A 233 -17.27 -25.50 -16.43
C GLY A 233 -16.61 -24.15 -16.66
N VAL A 234 -17.28 -23.22 -17.33
CA VAL A 234 -16.75 -21.89 -17.60
C VAL A 234 -17.40 -20.91 -16.64
N GLN A 235 -16.60 -20.33 -15.75
CA GLN A 235 -17.11 -19.35 -14.81
C GLN A 235 -17.59 -18.09 -15.54
N PRO A 236 -18.47 -17.30 -14.92
CA PRO A 236 -18.97 -16.09 -15.59
C PRO A 236 -17.89 -15.09 -15.95
N TRP A 237 -16.77 -15.07 -15.21
CA TRP A 237 -15.69 -14.12 -15.46
C TRP A 237 -14.60 -14.68 -16.38
N ASP A 238 -14.77 -15.89 -16.92
CA ASP A 238 -13.84 -16.43 -17.88
C ASP A 238 -14.38 -16.42 -19.30
N LYS A 239 -15.65 -16.08 -19.50
CA LYS A 239 -16.22 -15.99 -20.82
C LYS A 239 -15.67 -14.74 -21.54
N LYS A 240 -15.94 -14.67 -22.85
CA LYS A 240 -15.40 -13.61 -23.69
C LYS A 240 -15.85 -12.24 -23.22
N GLY A 241 -17.14 -11.95 -23.34
CA GLY A 241 -17.66 -10.65 -22.97
C GLY A 241 -18.07 -10.53 -21.53
N TYR A 242 -17.11 -10.38 -20.62
CA TYR A 242 -17.38 -10.26 -19.20
C TYR A 242 -17.22 -8.82 -18.75
N LYS A 243 -18.22 -8.31 -18.03
CA LYS A 243 -18.18 -6.99 -17.41
C LYS A 243 -18.48 -7.16 -15.94
N MET A 244 -17.52 -6.76 -15.09
CA MET A 244 -17.71 -6.87 -13.66
C MET A 244 -18.88 -6.00 -13.21
N PRO A 245 -19.73 -6.49 -12.31
CA PRO A 245 -20.85 -5.65 -11.83
C PRO A 245 -20.35 -4.41 -11.11
N GLY A 246 -20.96 -3.27 -11.43
CA GLY A 246 -20.59 -2.01 -10.84
C GLY A 246 -19.48 -1.26 -11.55
N GLY A 247 -18.88 -1.85 -12.58
CA GLY A 247 -17.83 -1.20 -13.33
C GLY A 247 -16.48 -1.24 -12.66
N THR A 248 -15.42 -1.35 -13.45
CA THR A 248 -14.08 -1.41 -12.91
C THR A 248 -13.65 -0.02 -12.39
N PRO A 249 -12.76 0.02 -11.39
CA PRO A 249 -12.27 1.22 -10.73
C PRO A 249 -11.71 2.27 -11.70
N ILE A 257 -8.61 5.07 -4.12
CA ILE A 257 -9.18 5.64 -2.90
C ILE A 257 -10.53 6.29 -3.19
N LEU A 258 -11.61 5.55 -2.92
CA LEU A 258 -12.96 6.06 -3.10
C LEU A 258 -13.80 5.87 -1.84
N PRO A 259 -13.28 6.19 -0.63
CA PRO A 259 -13.99 5.87 0.61
C PRO A 259 -15.14 6.84 0.91
N SER A 260 -16.02 7.02 -0.06
CA SER A 260 -17.23 7.81 0.11
C SER A 260 -18.50 7.02 -0.17
N PHE A 261 -18.43 6.02 -1.06
CA PHE A 261 -19.54 5.14 -1.37
C PHE A 261 -19.83 4.13 -0.26
N PRO A 262 -18.82 3.57 0.41
CA PRO A 262 -19.12 2.64 1.50
C PRO A 262 -19.80 3.36 2.66
N SER A 263 -20.37 2.54 3.56
CA SER A 263 -21.21 3.00 4.65
C SER A 263 -20.42 3.86 5.63
N ASN A 264 -21.11 4.40 6.64
CA ASN A 264 -20.47 5.28 7.62
C ASN A 264 -19.36 4.60 8.40
N LEU A 265 -19.19 3.29 8.24
CA LEU A 265 -18.10 2.56 8.88
C LEU A 265 -16.83 2.64 8.02
N ARG A 266 -16.38 3.87 7.80
CA ARG A 266 -15.13 4.14 7.10
C ARG A 266 -13.98 4.43 8.05
N LYS A 267 -14.24 4.46 9.35
CA LYS A 267 -13.15 4.58 10.32
C LYS A 267 -12.21 3.38 10.27
N GLN A 268 -12.68 2.25 9.75
CA GLN A 268 -11.83 1.09 9.56
C GLN A 268 -11.04 1.16 8.26
N LEU A 269 -11.48 1.99 7.31
CA LEU A 269 -10.84 2.05 6.00
C LEU A 269 -9.57 2.88 5.99
N LYS A 270 -9.35 3.71 7.02
CA LYS A 270 -8.09 4.43 7.11
C LYS A 270 -6.92 3.49 7.36
N GLY A 271 -7.18 2.29 7.87
CA GLY A 271 -6.14 1.30 8.04
C GLY A 271 -5.02 1.71 8.97
N ALA A 272 -5.29 2.64 9.89
CA ALA A 272 -4.22 3.20 10.71
C ALA A 272 -3.87 2.27 11.87
N PRO A 273 -4.84 1.84 12.72
CA PRO A 273 -4.48 0.88 13.77
C PRO A 273 -4.60 -0.56 13.29
N MET A 274 -5.58 -0.81 12.43
CA MET A 274 -5.84 -2.15 11.89
C MET A 274 -5.63 -2.10 10.38
N PRO A 275 -4.57 -2.74 9.84
CA PRO A 275 -4.31 -2.65 8.40
C PRO A 275 -5.13 -3.61 7.55
N ALA A 276 -5.88 -4.53 8.17
CA ALA A 276 -6.61 -5.52 7.39
C ALA A 276 -7.72 -4.92 6.53
N PRO A 277 -8.62 -4.06 7.05
CA PRO A 277 -9.71 -3.57 6.20
C PRO A 277 -9.24 -2.83 4.96
N ARG A 278 -8.23 -1.96 5.10
CA ARG A 278 -7.76 -1.20 3.94
C ARG A 278 -7.01 -2.11 2.97
N ALA A 279 -6.26 -3.09 3.49
CA ALA A 279 -5.52 -4.00 2.61
C ALA A 279 -6.48 -4.81 1.74
N ILE A 280 -7.60 -5.25 2.31
CA ILE A 280 -8.60 -5.96 1.53
C ILE A 280 -9.11 -5.08 0.39
N LEU A 281 -9.46 -3.84 0.72
CA LEU A 281 -9.93 -2.90 -0.29
C LEU A 281 -8.86 -2.62 -1.34
N ALA A 282 -7.58 -2.65 -0.95
CA ALA A 282 -6.50 -2.44 -1.90
C ALA A 282 -6.42 -3.59 -2.89
N ALA A 283 -6.44 -4.83 -2.40
CA ALA A 283 -6.38 -5.98 -3.29
C ALA A 283 -7.59 -6.04 -4.21
N ALA A 284 -8.76 -5.65 -3.71
CA ALA A 284 -9.97 -5.66 -4.53
C ALA A 284 -9.88 -4.62 -5.65
N VAL A 285 -9.57 -3.37 -5.30
CA VAL A 285 -9.57 -2.31 -6.29
C VAL A 285 -8.46 -2.53 -7.32
N GLU A 286 -7.27 -2.93 -6.85
CA GLU A 286 -6.18 -3.20 -7.77
C GLU A 286 -6.42 -4.45 -8.60
N GLY A 287 -7.18 -5.41 -8.06
CA GLY A 287 -7.46 -6.63 -8.80
C GLY A 287 -8.52 -6.49 -9.87
N ALA A 288 -9.34 -5.43 -9.80
CA ALA A 288 -10.37 -5.22 -10.80
C ALA A 288 -9.85 -4.59 -12.08
N GLN A 289 -8.69 -3.94 -12.03
CA GLN A 289 -8.09 -3.31 -13.21
C GLN A 289 -7.29 -4.30 -14.06
N VAL A 290 -7.14 -5.54 -13.61
CA VAL A 290 -6.36 -6.54 -14.33
C VAL A 290 -7.23 -7.77 -14.58
N ASP A 291 -6.63 -8.84 -15.10
CA ASP A 291 -7.37 -10.08 -15.35
C ASP A 291 -7.49 -10.86 -14.04
N PHE A 292 -7.96 -12.10 -14.13
CA PHE A 292 -8.18 -12.90 -12.93
C PHE A 292 -6.86 -13.38 -12.33
N ASP A 293 -5.93 -13.83 -13.17
CA ASP A 293 -4.69 -14.41 -12.67
C ASP A 293 -3.81 -13.35 -12.01
N THR A 294 -3.76 -12.14 -12.57
CA THR A 294 -2.99 -11.07 -11.93
C THR A 294 -3.70 -10.55 -10.68
N ALA A 295 -5.03 -10.49 -10.72
CA ALA A 295 -5.79 -10.14 -9.52
C ALA A 295 -5.51 -11.12 -8.39
N SER A 296 -5.36 -12.40 -8.73
CA SER A 296 -5.05 -13.41 -7.73
C SER A 296 -3.69 -13.13 -7.08
N ARG A 297 -2.68 -12.82 -7.89
CA ARG A 297 -1.35 -12.55 -7.35
C ARG A 297 -1.32 -11.30 -6.48
N ILE A 298 -2.11 -10.29 -6.81
CA ILE A 298 -2.24 -9.12 -5.94
C ILE A 298 -2.85 -9.52 -4.61
N GLU A 299 -3.84 -10.42 -4.65
CA GLU A 299 -4.42 -10.95 -3.42
C GLU A 299 -3.36 -11.65 -2.57
N SER A 300 -2.45 -12.39 -3.22
CA SER A 300 -1.42 -13.10 -2.47
C SER A 300 -0.41 -12.14 -1.85
N ARG A 301 -0.05 -11.07 -2.57
CA ARG A 301 0.93 -10.13 -2.05
C ARG A 301 0.41 -9.46 -0.79
N TYR A 302 -0.84 -8.99 -0.81
CA TYR A 302 -1.41 -8.38 0.38
C TYR A 302 -1.68 -9.38 1.50
N PHE A 303 -1.84 -10.66 1.18
CA PHE A 303 -2.03 -11.67 2.22
C PHE A 303 -0.74 -11.90 3.00
N ALA A 304 0.39 -12.07 2.29
CA ALA A 304 1.67 -12.21 2.97
C ALA A 304 2.07 -10.94 3.71
N SER A 305 1.50 -9.79 3.35
CA SER A 305 1.79 -8.56 4.07
C SER A 305 1.16 -8.56 5.45
N LEU A 306 -0.12 -8.94 5.55
CA LEU A 306 -0.82 -8.93 6.82
C LEU A 306 -0.42 -10.10 7.71
N VAL A 307 -0.24 -11.28 7.12
CA VAL A 307 0.01 -12.49 7.91
C VAL A 307 1.32 -12.37 8.68
N THR A 308 2.37 -11.87 8.02
CA THR A 308 3.67 -11.74 8.65
C THR A 308 3.75 -10.52 9.56
N GLY A 309 2.65 -9.79 9.75
CA GLY A 309 2.65 -8.61 10.60
C GLY A 309 2.33 -8.92 12.05
N GLN A 310 2.63 -7.95 12.91
CA GLN A 310 2.40 -8.11 14.33
C GLN A 310 0.93 -7.93 14.71
N VAL A 311 0.20 -7.12 13.94
CA VAL A 311 -1.21 -6.91 14.22
C VAL A 311 -1.99 -8.22 14.05
N ALA A 312 -1.68 -8.97 13.00
CA ALA A 312 -2.39 -10.23 12.76
C ALA A 312 -2.09 -11.26 13.85
N LYS A 313 -0.88 -11.26 14.39
CA LYS A 313 -0.57 -12.17 15.48
C LYS A 313 -1.34 -11.80 16.74
N ASN A 314 -1.48 -10.50 17.02
CA ASN A 314 -2.26 -10.07 18.16
C ASN A 314 -3.71 -10.48 18.04
N MET A 315 -4.28 -10.38 16.84
CA MET A 315 -5.68 -10.73 16.65
C MET A 315 -5.87 -12.24 16.55
N MET A 316 -4.93 -12.95 15.94
CA MET A 316 -5.00 -14.41 15.95
C MET A 316 -4.91 -14.96 17.37
N GLN A 317 -4.17 -14.26 18.24
CA GLN A 317 -4.02 -14.72 19.62
C GLN A 317 -5.31 -14.52 20.41
N ALA A 318 -5.92 -13.35 20.27
CA ALA A 318 -7.08 -13.00 21.10
C ALA A 318 -8.36 -13.63 20.56
N PHE A 319 -8.74 -13.30 19.33
CA PHE A 319 -10.04 -13.66 18.80
C PHE A 319 -10.07 -15.05 18.16
N PHE A 320 -9.08 -15.88 18.44
CA PHE A 320 -9.17 -17.28 18.02
C PHE A 320 -8.70 -18.21 19.14
N PHE A 321 -7.47 -18.01 19.62
CA PHE A 321 -6.93 -18.90 20.64
C PHE A 321 -7.51 -18.58 22.02
N ASP A 322 -7.57 -17.30 22.38
CA ASP A 322 -8.03 -16.95 23.72
C ASP A 322 -9.54 -17.13 23.87
N LEU A 323 -10.31 -16.77 22.84
CA LEU A 323 -11.75 -16.95 22.91
C LEU A 323 -12.12 -18.41 23.09
N GLN A 324 -11.52 -19.29 22.28
CA GLN A 324 -11.82 -20.72 22.37
C GLN A 324 -11.39 -21.29 23.71
N ALA A 325 -10.27 -20.82 24.26
CA ALA A 325 -9.81 -21.31 25.55
C ALA A 325 -10.78 -20.93 26.67
N ILE A 326 -11.50 -19.81 26.53
CA ILE A 326 -12.44 -19.39 27.56
C ILE A 326 -13.76 -20.13 27.41
N ASN A 327 -14.25 -20.28 26.17
CA ASN A 327 -15.48 -21.02 25.94
C ASN A 327 -15.30 -22.53 26.10
N ALA A 328 -14.07 -23.00 26.24
CA ALA A 328 -13.81 -24.41 26.53
C ALA A 328 -13.57 -24.65 28.01
N GLY A 329 -13.81 -23.65 28.86
CA GLY A 329 -13.68 -23.83 30.29
C GLY A 329 -12.27 -23.69 30.83
N GLY A 330 -11.53 -22.70 30.35
CA GLY A 330 -10.17 -22.51 30.84
C GLY A 330 -10.14 -22.06 32.29
N SER A 331 -10.98 -21.08 32.63
CA SER A 331 -11.07 -20.56 33.99
C SER A 331 -12.03 -21.37 34.87
N ARG A 332 -12.84 -22.24 34.28
CA ARG A 332 -13.82 -23.01 35.04
C ARG A 332 -13.13 -24.15 35.77
N PRO A 333 -13.49 -24.41 37.03
CA PRO A 333 -12.94 -25.57 37.73
C PRO A 333 -13.23 -26.86 36.98
N GLU A 334 -12.34 -27.84 37.14
CA GLU A 334 -12.26 -28.98 36.25
C GLU A 334 -13.24 -30.11 36.57
N GLY A 335 -13.59 -30.32 37.83
CA GLY A 335 -14.36 -31.51 38.18
C GLY A 335 -15.77 -31.30 38.69
N ILE A 336 -16.45 -30.27 38.20
CA ILE A 336 -17.80 -29.94 38.65
C ILE A 336 -18.77 -30.18 37.50
N GLY A 337 -19.95 -30.72 37.84
CA GLY A 337 -20.98 -30.97 36.86
C GLY A 337 -22.00 -29.85 36.76
N LYS A 338 -23.01 -30.07 35.91
CA LYS A 338 -24.02 -29.07 35.64
C LYS A 338 -25.09 -29.06 36.72
N THR A 339 -25.52 -27.87 37.09
CA THR A 339 -26.68 -27.67 37.98
C THR A 339 -27.68 -26.80 37.25
N PRO A 340 -28.75 -27.38 36.69
CA PRO A 340 -29.73 -26.58 35.95
C PRO A 340 -30.42 -25.55 36.83
N ILE A 341 -30.70 -24.39 36.27
CA ILE A 341 -31.29 -23.27 36.98
C ILE A 341 -32.78 -23.23 36.70
N LYS A 342 -33.57 -22.93 37.73
CA LYS A 342 -35.03 -22.92 37.63
C LYS A 342 -35.58 -21.50 37.66
N ARG A 343 -35.45 -20.80 38.79
CA ARG A 343 -36.02 -19.46 38.95
C ARG A 343 -34.93 -18.50 39.41
N ILE A 344 -34.99 -17.28 38.91
CA ILE A 344 -33.97 -16.27 39.16
C ILE A 344 -34.60 -15.08 39.88
N GLY A 345 -33.83 -14.45 40.76
CA GLY A 345 -34.30 -13.27 41.47
C GLY A 345 -33.32 -12.12 41.43
N VAL A 346 -33.79 -10.94 41.05
CA VAL A 346 -32.97 -9.75 40.90
C VAL A 346 -33.36 -8.76 41.98
N LEU A 347 -32.44 -8.50 42.90
CA LEU A 347 -32.68 -7.55 44.00
C LEU A 347 -32.21 -6.17 43.56
N GLY A 348 -33.15 -5.33 43.15
CA GLY A 348 -32.82 -3.98 42.72
C GLY A 348 -32.90 -3.80 41.23
N ALA A 349 -33.97 -3.17 40.74
CA ALA A 349 -34.19 -2.93 39.32
C ALA A 349 -33.74 -1.52 38.98
N GLY A 350 -32.67 -1.42 38.20
CA GLY A 350 -32.17 -0.12 37.77
C GLY A 350 -31.63 -0.16 36.36
N MET A 351 -30.60 0.63 36.07
CA MET A 351 -29.98 0.59 34.75
C MET A 351 -29.37 -0.78 34.48
N MET A 352 -29.00 -1.50 35.54
CA MET A 352 -28.46 -2.85 35.44
C MET A 352 -29.45 -3.92 35.85
N GLY A 353 -30.17 -3.71 36.97
CA GLY A 353 -31.09 -4.73 37.44
C GLY A 353 -32.18 -5.06 36.44
N ALA A 354 -32.82 -4.02 35.89
CA ALA A 354 -33.82 -4.25 34.85
C ALA A 354 -33.21 -4.89 33.62
N GLY A 355 -31.98 -4.53 33.28
CA GLY A 355 -31.31 -5.18 32.16
C GLY A 355 -30.92 -6.62 32.46
N ILE A 356 -30.57 -6.91 33.71
CA ILE A 356 -30.25 -8.28 34.10
C ILE A 356 -31.47 -9.18 33.91
N ALA A 357 -32.67 -8.65 34.18
CA ALA A 357 -33.88 -9.44 34.02
C ALA A 357 -34.16 -9.75 32.56
N TYR A 358 -33.79 -8.85 31.65
CA TYR A 358 -34.09 -9.06 30.23
C TYR A 358 -33.19 -10.13 29.64
N VAL A 359 -31.88 -10.06 29.90
CA VAL A 359 -30.96 -11.02 29.32
C VAL A 359 -31.21 -12.42 29.87
N SER A 360 -31.64 -12.52 31.12
CA SER A 360 -31.96 -13.83 31.69
C SER A 360 -33.24 -14.38 31.10
N ALA A 361 -34.24 -13.51 30.89
CA ALA A 361 -35.49 -13.93 30.28
C ALA A 361 -35.38 -14.17 28.78
N LYS A 362 -34.25 -13.82 28.16
CA LYS A 362 -34.04 -14.19 26.76
C LYS A 362 -34.05 -15.69 26.59
N ALA A 363 -33.49 -16.42 27.55
CA ALA A 363 -33.60 -17.87 27.59
C ALA A 363 -34.88 -18.25 28.32
N GLY A 364 -35.04 -19.54 28.61
CA GLY A 364 -36.26 -20.02 29.25
C GLY A 364 -36.27 -19.88 30.76
N TYR A 365 -35.39 -19.03 31.29
CA TYR A 365 -35.27 -18.86 32.73
C TYR A 365 -36.37 -17.94 33.25
N GLU A 366 -37.16 -18.44 34.19
CA GLU A 366 -38.13 -17.60 34.88
C GLU A 366 -37.40 -16.58 35.76
N VAL A 367 -37.93 -15.36 35.79
CA VAL A 367 -37.28 -14.25 36.49
C VAL A 367 -38.29 -13.58 37.41
N VAL A 368 -37.93 -13.44 38.67
CA VAL A 368 -38.70 -12.71 39.67
C VAL A 368 -37.92 -11.45 40.03
N LEU A 369 -38.56 -10.29 39.88
CA LEU A 369 -37.92 -9.01 40.11
C LEU A 369 -38.47 -8.37 41.38
N LYS A 370 -37.57 -7.80 42.20
CA LYS A 370 -37.97 -7.13 43.43
C LYS A 370 -37.32 -5.76 43.51
N ASP A 371 -38.05 -4.82 44.10
CA ASP A 371 -37.55 -3.48 44.35
C ASP A 371 -38.25 -2.95 45.60
N VAL A 372 -38.04 -1.66 45.90
CA VAL A 372 -38.58 -1.09 47.13
C VAL A 372 -40.11 -1.10 47.10
N SER A 373 -40.69 -0.59 46.02
CA SER A 373 -42.13 -0.55 45.86
C SER A 373 -42.54 -1.36 44.63
N LEU A 374 -43.79 -1.79 44.62
CA LEU A 374 -44.29 -2.59 43.50
C LEU A 374 -44.23 -1.81 42.19
N GLU A 375 -44.43 -0.50 42.23
CA GLU A 375 -44.33 0.30 41.01
C GLU A 375 -42.89 0.42 40.54
N ALA A 376 -41.93 0.45 41.47
CA ALA A 376 -40.52 0.48 41.07
C ALA A 376 -40.08 -0.85 40.47
N ALA A 377 -40.70 -1.96 40.90
CA ALA A 377 -40.43 -3.24 40.27
C ALA A 377 -41.16 -3.37 38.93
N ALA A 378 -42.38 -2.84 38.84
CA ALA A 378 -43.11 -2.86 37.58
C ALA A 378 -42.47 -1.94 36.56
N LYS A 379 -41.94 -0.80 37.02
CA LYS A 379 -41.23 0.12 36.12
C LYS A 379 -40.01 -0.56 35.50
N GLY A 380 -39.30 -1.37 36.28
CA GLY A 380 -38.14 -2.07 35.75
C GLY A 380 -38.51 -3.01 34.62
N LYS A 381 -39.65 -3.69 34.74
CA LYS A 381 -40.11 -4.55 33.66
C LYS A 381 -40.49 -3.74 32.42
N GLY A 382 -41.07 -2.56 32.63
CA GLY A 382 -41.45 -1.73 31.50
C GLY A 382 -40.27 -1.37 30.61
N TYR A 383 -39.11 -1.14 31.21
CA TYR A 383 -37.91 -0.92 30.42
C TYR A 383 -37.53 -2.15 29.62
N SER A 384 -37.70 -3.34 30.22
CA SER A 384 -37.45 -4.57 29.48
C SER A 384 -38.46 -4.77 28.36
N GLU A 385 -39.66 -4.20 28.50
CA GLU A 385 -40.65 -4.26 27.43
C GLU A 385 -40.37 -3.24 26.33
N LYS A 386 -39.69 -2.14 26.65
CA LYS A 386 -39.36 -1.16 25.62
C LYS A 386 -38.32 -1.71 24.66
N LEU A 387 -37.47 -2.63 25.11
CA LEU A 387 -36.53 -3.28 24.20
C LEU A 387 -37.22 -4.27 23.29
N GLU A 388 -38.20 -5.01 23.82
CA GLU A 388 -38.94 -5.96 23.00
C GLU A 388 -39.84 -5.25 21.99
N ALA A 389 -40.41 -4.11 22.39
CA ALA A 389 -41.24 -3.34 21.46
C ALA A 389 -40.39 -2.81 20.31
N LYS A 390 -39.16 -2.40 20.59
CA LYS A 390 -38.26 -1.95 19.52
C LYS A 390 -37.86 -3.11 18.61
N ALA A 391 -37.68 -4.30 19.20
CA ALA A 391 -37.35 -5.47 18.39
C ALA A 391 -38.51 -5.89 17.50
N LEU A 392 -39.74 -5.71 17.97
CA LEU A 392 -40.90 -6.00 17.11
C LEU A 392 -40.98 -5.02 15.95
N GLU A 393 -40.63 -3.76 16.18
CA GLU A 393 -40.65 -2.78 15.10
C GLU A 393 -39.57 -3.06 14.06
N ARG A 394 -38.49 -3.73 14.47
CA ARG A 394 -37.43 -4.13 13.55
C ARG A 394 -37.62 -5.55 13.04
N GLY A 395 -38.64 -6.27 13.50
CA GLY A 395 -38.84 -7.64 13.08
C GLY A 395 -37.74 -8.59 13.51
N ARG A 396 -37.12 -8.34 14.67
CA ARG A 396 -36.02 -9.19 15.13
C ARG A 396 -36.52 -10.58 15.48
N THR A 397 -37.60 -10.67 16.26
CA THR A 397 -38.18 -11.95 16.62
C THR A 397 -39.66 -11.94 16.22
N THR A 398 -40.43 -12.86 16.79
CA THR A 398 -41.85 -12.98 16.49
C THR A 398 -42.69 -12.40 17.63
N GLN A 399 -43.99 -12.28 17.38
CA GLN A 399 -44.91 -11.77 18.39
C GLN A 399 -45.23 -12.83 19.44
N GLU A 400 -45.35 -14.09 19.03
CA GLU A 400 -45.57 -15.16 19.99
C GLU A 400 -44.36 -15.35 20.89
N ARG A 401 -43.16 -15.05 20.39
CA ARG A 401 -41.96 -15.08 21.23
C ARG A 401 -41.82 -13.83 22.08
N SER A 402 -42.50 -12.74 21.71
CA SER A 402 -42.46 -11.52 22.53
C SER A 402 -43.29 -11.68 23.79
N ASP A 403 -44.52 -12.19 23.65
CA ASP A 403 -45.36 -12.42 24.81
C ASP A 403 -44.79 -13.52 25.70
N ALA A 404 -44.13 -14.52 25.11
CA ALA A 404 -43.58 -15.61 25.90
C ALA A 404 -42.37 -15.15 26.73
N LEU A 405 -41.63 -14.14 26.25
CA LEU A 405 -40.50 -13.64 27.01
C LEU A 405 -40.96 -12.83 28.21
N LEU A 406 -41.93 -11.93 28.01
CA LEU A 406 -42.47 -11.14 29.11
C LEU A 406 -43.26 -12.00 30.09
N ALA A 407 -43.69 -13.19 29.69
CA ALA A 407 -44.38 -14.10 30.59
C ALA A 407 -43.44 -14.74 31.61
N ARG A 408 -42.12 -14.54 31.47
CA ARG A 408 -41.16 -15.07 32.42
C ARG A 408 -40.70 -14.04 33.45
N ILE A 409 -40.92 -12.75 33.19
CA ILE A 409 -40.60 -11.70 34.14
C ILE A 409 -41.84 -11.43 34.99
N THR A 410 -41.66 -11.49 36.31
CA THR A 410 -42.75 -11.26 37.26
C THR A 410 -42.24 -10.34 38.36
N PRO A 411 -42.42 -9.03 38.21
CA PRO A 411 -41.96 -8.10 39.25
C PRO A 411 -42.87 -8.13 40.47
N THR A 412 -42.27 -7.86 41.62
CA THR A 412 -43.00 -7.89 42.88
C THR A 412 -42.23 -7.12 43.94
N ALA A 413 -42.89 -6.88 45.07
CA ALA A 413 -42.26 -6.32 46.24
C ALA A 413 -42.31 -7.27 47.44
N ASP A 414 -42.86 -8.46 47.26
CA ASP A 414 -42.98 -9.45 48.32
C ASP A 414 -41.88 -10.50 48.19
N ALA A 415 -41.27 -10.84 49.32
CA ALA A 415 -40.19 -11.84 49.33
C ALA A 415 -40.69 -13.26 49.13
N ALA A 416 -41.99 -13.51 49.33
CA ALA A 416 -42.53 -14.85 49.13
C ALA A 416 -42.41 -15.29 47.67
N ASP A 417 -42.43 -14.35 46.73
CA ASP A 417 -42.20 -14.70 45.34
C ASP A 417 -40.76 -15.17 45.13
N PHE A 418 -39.82 -14.64 45.90
CA PHE A 418 -38.43 -15.09 45.81
C PHE A 418 -38.25 -16.51 46.33
N LYS A 419 -39.22 -17.04 47.05
CA LYS A 419 -39.16 -18.43 47.48
C LYS A 419 -39.19 -19.34 46.26
N GLY A 420 -38.21 -20.24 46.18
CA GLY A 420 -38.04 -21.08 45.02
C GLY A 420 -36.96 -20.62 44.06
N VAL A 421 -36.40 -19.43 44.28
CA VAL A 421 -35.31 -18.93 43.45
C VAL A 421 -34.02 -19.65 43.84
N ASP A 422 -33.32 -20.19 42.86
CA ASP A 422 -32.03 -20.85 43.08
C ASP A 422 -30.88 -20.08 42.47
N PHE A 423 -31.07 -18.79 42.17
CA PHE A 423 -30.02 -17.96 41.60
C PHE A 423 -30.39 -16.50 41.85
N VAL A 424 -29.78 -15.90 42.87
CA VAL A 424 -30.04 -14.51 43.25
C VAL A 424 -28.96 -13.63 42.66
N ILE A 425 -29.38 -12.47 42.13
CA ILE A 425 -28.47 -11.48 41.55
C ILE A 425 -28.83 -10.13 42.15
N GLU A 426 -28.03 -9.67 43.11
CA GLU A 426 -28.27 -8.39 43.77
C GLU A 426 -27.80 -7.24 42.90
N ALA A 427 -28.60 -6.16 42.87
CA ALA A 427 -28.24 -4.98 42.10
C ALA A 427 -28.80 -3.73 42.74
N VAL A 428 -28.77 -3.67 44.08
CA VAL A 428 -29.30 -2.53 44.82
C VAL A 428 -28.26 -1.43 44.85
N PHE A 429 -28.53 -0.35 45.59
CA PHE A 429 -27.57 0.72 45.75
C PHE A 429 -26.25 0.17 46.31
N GLU A 430 -25.13 0.68 45.77
CA GLU A 430 -23.82 0.21 46.19
C GLU A 430 -23.53 0.72 47.60
N ASN A 431 -24.10 0.01 48.57
CA ASN A 431 -23.95 0.34 49.98
C ASN A 431 -23.74 -0.96 50.76
N GLN A 432 -22.64 -1.04 51.51
CA GLN A 432 -22.25 -2.29 52.14
C GLN A 432 -23.28 -2.73 53.19
N GLU A 433 -23.61 -1.87 54.15
CA GLU A 433 -24.58 -2.24 55.17
C GLU A 433 -25.98 -2.41 54.62
N LEU A 434 -26.25 -1.91 53.41
CA LEU A 434 -27.53 -2.16 52.77
C LEU A 434 -27.59 -3.57 52.18
N LYS A 435 -26.53 -4.00 51.51
CA LYS A 435 -26.52 -5.32 50.89
C LYS A 435 -26.55 -6.43 51.93
N HIS A 436 -25.98 -6.21 53.12
CA HIS A 436 -26.14 -7.15 54.21
C HIS A 436 -27.60 -7.26 54.63
N LYS A 437 -28.36 -6.17 54.49
CA LYS A 437 -29.78 -6.19 54.83
C LYS A 437 -30.62 -6.80 53.72
N VAL A 438 -30.28 -6.52 52.46
CA VAL A 438 -31.07 -7.01 51.33
C VAL A 438 -31.02 -8.53 51.28
N PHE A 439 -29.85 -9.12 51.56
CA PHE A 439 -29.73 -10.57 51.58
C PHE A 439 -30.30 -11.15 52.87
N GLY A 440 -30.16 -10.45 54.00
CA GLY A 440 -30.72 -10.93 55.25
C GLY A 440 -32.21 -11.15 55.18
N GLU A 441 -32.91 -10.36 54.36
CA GLU A 441 -34.34 -10.59 54.16
C GLU A 441 -34.59 -11.81 53.29
N ILE A 442 -33.69 -12.11 52.37
CA ILE A 442 -33.98 -13.08 51.31
C ILE A 442 -33.26 -14.40 51.48
N GLU A 443 -32.19 -14.47 52.29
CA GLU A 443 -31.42 -15.70 52.38
C GLU A 443 -32.20 -16.83 53.02
N ASP A 444 -33.17 -16.52 53.88
CA ASP A 444 -33.96 -17.55 54.52
C ASP A 444 -35.12 -18.02 53.65
N ILE A 445 -35.58 -17.16 52.73
CA ILE A 445 -36.75 -17.50 51.93
C ILE A 445 -36.37 -18.19 50.62
N VAL A 446 -35.20 -17.88 50.05
CA VAL A 446 -34.74 -18.55 48.84
C VAL A 446 -34.34 -19.98 49.16
N GLU A 447 -33.94 -20.73 48.14
CA GLU A 447 -33.59 -22.13 48.31
C GLU A 447 -32.28 -22.26 49.09
N PRO A 448 -32.09 -23.39 49.78
CA PRO A 448 -30.83 -23.59 50.52
C PRO A 448 -29.61 -23.75 49.62
N ASN A 449 -29.81 -24.05 48.33
CA ASN A 449 -28.73 -24.15 47.37
C ASN A 449 -28.68 -22.96 46.43
N ALA A 450 -29.38 -21.88 46.75
CA ALA A 450 -29.46 -20.73 45.87
C ALA A 450 -28.14 -19.98 45.84
N ILE A 451 -27.77 -19.49 44.65
CA ILE A 451 -26.56 -18.70 44.49
C ILE A 451 -26.83 -17.28 44.98
N LEU A 452 -25.96 -16.79 45.87
CA LEU A 452 -26.10 -15.44 46.42
C LEU A 452 -25.17 -14.49 45.67
N GLY A 453 -25.56 -14.20 44.42
CA GLY A 453 -24.71 -13.41 43.55
C GLY A 453 -24.88 -11.91 43.79
N SER A 454 -23.75 -11.21 43.78
CA SER A 454 -23.72 -9.77 44.00
C SER A 454 -23.12 -9.07 42.78
N ASN A 455 -23.74 -7.97 42.39
CA ASN A 455 -23.28 -7.15 41.27
C ASN A 455 -22.79 -5.82 41.85
N THR A 456 -21.53 -5.77 42.24
CA THR A 456 -20.91 -4.58 42.79
C THR A 456 -19.73 -4.16 41.92
N SER A 457 -19.49 -2.85 41.85
CA SER A 457 -18.43 -2.32 41.00
C SER A 457 -17.07 -2.41 41.66
N THR A 458 -16.98 -2.09 42.95
CA THR A 458 -15.70 -2.09 43.64
C THR A 458 -15.71 -2.69 45.04
N LEU A 459 -16.87 -2.88 45.67
CA LEU A 459 -16.90 -3.37 47.05
C LEU A 459 -16.40 -4.81 47.10
N PRO A 460 -15.47 -5.13 48.01
CA PRO A 460 -14.91 -6.49 48.05
C PRO A 460 -15.99 -7.54 48.35
N ILE A 461 -15.91 -8.66 47.64
CA ILE A 461 -16.91 -9.71 47.79
C ILE A 461 -16.82 -10.35 49.17
N THR A 462 -15.59 -10.60 49.63
CA THR A 462 -15.42 -11.20 50.95
C THR A 462 -16.00 -10.32 52.05
N GLY A 463 -15.98 -9.00 51.85
CA GLY A 463 -16.63 -8.08 52.77
C GLY A 463 -18.14 -8.05 52.67
N LEU A 464 -18.70 -8.60 51.60
CA LEU A 464 -20.15 -8.68 51.42
C LEU A 464 -20.72 -10.03 51.84
N ALA A 465 -19.93 -11.09 51.76
CA ALA A 465 -20.40 -12.42 52.14
C ALA A 465 -20.56 -12.59 53.64
N THR A 466 -19.99 -11.69 54.46
CA THR A 466 -20.13 -11.79 55.90
C THR A 466 -21.57 -11.56 56.36
N GLY A 467 -22.40 -10.95 55.51
CA GLY A 467 -23.79 -10.67 55.82
C GLY A 467 -24.76 -11.79 55.53
N VAL A 468 -24.30 -12.89 54.95
CA VAL A 468 -25.15 -14.04 54.67
C VAL A 468 -24.65 -15.22 55.49
N LYS A 469 -25.54 -16.20 55.70
CA LYS A 469 -25.19 -17.38 56.46
C LYS A 469 -24.24 -18.28 55.68
N ARG A 470 -24.60 -18.61 54.44
CA ARG A 470 -23.80 -19.51 53.61
C ARG A 470 -22.84 -18.69 52.78
N GLN A 471 -21.61 -18.54 53.30
CA GLN A 471 -20.60 -17.76 52.58
C GLN A 471 -20.04 -18.52 51.38
N GLU A 472 -20.08 -19.85 51.41
CA GLU A 472 -19.51 -20.63 50.31
C GLU A 472 -20.29 -20.43 49.01
N ASP A 473 -21.57 -20.11 49.11
CA ASP A 473 -22.39 -19.89 47.92
C ASP A 473 -22.44 -18.42 47.49
N PHE A 474 -21.97 -17.50 48.33
CA PHE A 474 -21.92 -16.10 47.94
C PHE A 474 -20.81 -15.87 46.93
N ILE A 475 -21.10 -15.05 45.91
CA ILE A 475 -20.19 -14.85 44.79
C ILE A 475 -20.48 -13.49 44.17
N GLY A 476 -19.47 -12.95 43.49
CA GLY A 476 -19.60 -11.68 42.78
C GLY A 476 -19.82 -11.93 41.30
N ILE A 477 -20.77 -11.20 40.74
CA ILE A 477 -21.15 -11.31 39.33
C ILE A 477 -21.29 -9.88 38.83
N HIS A 478 -20.24 -9.36 38.21
CA HIS A 478 -20.20 -7.98 37.74
C HIS A 478 -20.59 -7.92 36.27
N PHE A 479 -21.72 -7.28 35.97
CA PHE A 479 -22.15 -7.03 34.61
C PHE A 479 -21.61 -5.69 34.12
N PHE A 480 -22.00 -5.31 32.91
CA PHE A 480 -21.61 -4.03 32.31
C PHE A 480 -22.80 -3.44 31.59
N SER A 481 -22.98 -2.12 31.75
CA SER A 481 -24.15 -1.41 31.22
C SER A 481 -23.87 -0.83 29.84
N PRO A 482 -24.84 -0.89 28.91
CA PRO A 482 -26.13 -1.56 29.08
C PRO A 482 -26.01 -3.08 29.00
N VAL A 483 -26.75 -3.78 29.87
CA VAL A 483 -26.57 -5.21 30.03
C VAL A 483 -26.93 -5.96 28.75
N ASP A 484 -27.93 -5.48 28.02
CA ASP A 484 -28.32 -6.14 26.78
C ASP A 484 -27.24 -6.10 25.71
N LYS A 485 -26.31 -5.15 25.79
CA LYS A 485 -25.29 -4.98 24.77
C LYS A 485 -23.94 -5.56 25.16
N MET A 486 -23.54 -5.44 26.42
CA MET A 486 -22.18 -5.80 26.80
C MET A 486 -22.02 -7.31 26.89
N PRO A 487 -21.02 -7.89 26.22
CA PRO A 487 -20.88 -9.35 26.19
C PRO A 487 -20.01 -9.95 27.28
N LEU A 488 -19.52 -9.16 28.23
CA LEU A 488 -18.64 -9.65 29.27
C LEU A 488 -19.36 -9.75 30.60
N VAL A 489 -19.01 -10.77 31.38
CA VAL A 489 -19.42 -10.88 32.77
C VAL A 489 -18.18 -11.20 33.59
N GLU A 490 -17.85 -10.33 34.54
CA GLU A 490 -16.66 -10.50 35.37
C GLU A 490 -17.08 -11.18 36.68
N ILE A 491 -16.76 -12.47 36.80
CA ILE A 491 -17.09 -13.25 37.98
C ILE A 491 -15.96 -13.08 38.99
N ILE A 492 -16.29 -12.55 40.17
CA ILE A 492 -15.32 -12.28 41.23
C ILE A 492 -15.49 -13.33 42.32
N LYS A 493 -14.40 -13.99 42.68
CA LYS A 493 -14.41 -15.09 43.64
C LYS A 493 -13.89 -14.59 44.99
N GLY A 494 -14.72 -14.70 46.02
CA GLY A 494 -14.29 -14.35 47.36
C GLY A 494 -13.51 -15.46 48.02
N GLU A 495 -12.91 -15.11 49.17
CA GLU A 495 -12.08 -16.08 49.88
C GLU A 495 -12.86 -17.31 50.29
N LYS A 496 -14.15 -17.16 50.60
CA LYS A 496 -14.99 -18.28 51.00
C LYS A 496 -15.74 -18.92 49.84
N THR A 497 -15.69 -18.32 48.65
CA THR A 497 -16.52 -18.79 47.54
C THR A 497 -16.13 -20.19 47.13
N SER A 498 -17.12 -21.08 47.10
CA SER A 498 -16.89 -22.46 46.68
C SER A 498 -16.67 -22.51 45.17
N ASP A 499 -15.86 -23.49 44.75
CA ASP A 499 -15.62 -23.68 43.34
C ASP A 499 -16.85 -24.21 42.61
N GLU A 500 -17.80 -24.81 43.33
CA GLU A 500 -19.02 -25.26 42.69
C GLU A 500 -19.93 -24.09 42.34
N ALA A 501 -20.06 -23.12 43.26
CA ALA A 501 -20.80 -21.91 42.95
C ALA A 501 -20.14 -21.12 41.84
N LEU A 502 -18.81 -21.16 41.77
CA LEU A 502 -18.11 -20.52 40.67
C LEU A 502 -18.49 -21.16 39.33
N ALA A 503 -18.64 -22.49 39.31
CA ALA A 503 -18.99 -23.16 38.06
C ALA A 503 -20.46 -22.92 37.70
N ARG A 504 -21.33 -22.85 38.70
CA ARG A 504 -22.75 -22.61 38.42
C ARG A 504 -22.98 -21.22 37.84
N VAL A 505 -22.14 -20.24 38.21
CA VAL A 505 -22.22 -18.93 37.58
C VAL A 505 -21.56 -18.94 36.22
N PHE A 506 -20.44 -19.67 36.09
CA PHE A 506 -19.77 -19.80 34.80
C PHE A 506 -20.71 -20.35 33.73
N ASP A 507 -21.56 -21.30 34.12
CA ASP A 507 -22.52 -21.86 33.16
C ASP A 507 -23.65 -20.88 32.88
N TYR A 508 -24.07 -20.12 33.88
CA TYR A 508 -25.12 -19.13 33.68
C TYR A 508 -24.70 -18.06 32.69
N THR A 509 -23.41 -17.70 32.68
CA THR A 509 -22.93 -16.69 31.76
C THR A 509 -23.01 -17.17 30.31
N LEU A 510 -22.63 -18.43 30.06
CA LEU A 510 -22.75 -18.99 28.72
C LEU A 510 -24.20 -19.12 28.28
N ALA A 511 -25.14 -19.15 29.22
CA ALA A 511 -26.57 -19.28 28.92
C ALA A 511 -27.18 -17.95 28.49
N ILE A 512 -26.64 -16.83 28.95
CA ILE A 512 -27.09 -15.51 28.51
C ILE A 512 -26.27 -15.00 27.32
N GLY A 513 -25.49 -15.87 26.67
CA GLY A 513 -24.77 -15.43 25.50
C GLY A 513 -23.56 -14.56 25.75
N LYS A 514 -23.14 -14.43 26.99
CA LYS A 514 -22.03 -13.56 27.36
C LYS A 514 -20.79 -14.40 27.69
N THR A 515 -19.65 -13.72 27.72
CA THR A 515 -18.35 -14.33 27.95
C THR A 515 -17.92 -14.12 29.40
N PRO A 516 -17.41 -15.16 30.06
CA PRO A 516 -17.02 -15.02 31.46
C PRO A 516 -15.52 -14.93 31.69
N ILE A 517 -15.12 -14.16 32.69
CA ILE A 517 -13.77 -14.18 33.22
C ILE A 517 -13.86 -14.29 34.74
N VAL A 518 -12.91 -15.00 35.33
CA VAL A 518 -12.91 -15.28 36.77
C VAL A 518 -11.81 -14.44 37.40
N VAL A 519 -12.16 -13.73 38.47
CA VAL A 519 -11.27 -12.79 39.13
C VAL A 519 -11.24 -13.09 40.63
N ASN A 520 -10.06 -12.98 41.23
CA ASN A 520 -9.95 -13.07 42.67
C ASN A 520 -10.29 -11.73 43.32
N ASP A 521 -10.90 -11.81 44.50
CA ASP A 521 -11.36 -10.61 45.19
C ASP A 521 -10.18 -9.71 45.57
N SER A 522 -10.28 -8.44 45.20
CA SER A 522 -9.27 -7.44 45.51
C SER A 522 -9.85 -6.07 45.22
N ARG A 523 -9.25 -5.04 45.83
CA ARG A 523 -9.73 -3.67 45.65
C ARG A 523 -9.66 -3.26 44.19
N GLY A 524 -10.81 -2.91 43.62
CA GLY A 524 -10.90 -2.54 42.23
C GLY A 524 -11.10 -3.69 41.27
N PHE A 525 -11.09 -4.93 41.76
CA PHE A 525 -11.27 -6.14 40.95
C PHE A 525 -10.21 -6.09 39.85
N PHE A 526 -10.57 -6.24 38.59
CA PHE A 526 -9.66 -6.11 37.47
C PHE A 526 -10.15 -5.13 36.42
N THR A 527 -11.44 -5.17 36.09
CA THR A 527 -11.94 -4.35 34.99
C THR A 527 -12.05 -2.88 35.39
N SER A 528 -12.43 -2.60 36.63
CA SER A 528 -12.54 -1.22 37.07
C SER A 528 -11.20 -0.65 37.50
N ARG A 529 -10.30 -1.51 37.96
CA ARG A 529 -8.96 -1.05 38.34
C ARG A 529 -8.15 -0.65 37.12
N VAL A 530 -8.19 -1.45 36.06
CA VAL A 530 -7.39 -1.16 34.87
C VAL A 530 -7.96 0.03 34.12
N ILE A 531 -9.29 0.12 34.01
CA ILE A 531 -9.89 1.25 33.32
C ILE A 531 -9.68 2.54 34.10
N GLY A 532 -9.44 2.45 35.41
CA GLY A 532 -9.13 3.63 36.19
C GLY A 532 -7.80 4.25 35.80
N THR A 533 -6.76 3.42 35.64
CA THR A 533 -5.46 3.93 35.21
C THR A 533 -5.50 4.54 33.82
N PHE A 534 -6.44 4.11 32.98
CA PHE A 534 -6.63 4.69 31.66
C PHE A 534 -7.27 6.07 31.73
N VAL A 535 -8.38 6.19 32.48
CA VAL A 535 -9.04 7.48 32.58
C VAL A 535 -8.25 8.44 33.46
N ASN A 536 -7.47 7.91 34.41
CA ASN A 536 -6.65 8.78 35.24
C ASN A 536 -5.45 9.33 34.47
N GLU A 537 -4.99 8.60 33.45
CA GLU A 537 -3.88 9.10 32.65
C GLU A 537 -4.31 10.30 31.80
N ALA A 538 -5.48 10.23 31.19
CA ALA A 538 -5.94 11.34 30.37
C ALA A 538 -6.24 12.56 31.22
N LEU A 539 -6.87 12.36 32.38
CA LEU A 539 -7.11 13.48 33.29
C LEU A 539 -5.80 14.09 33.78
N ALA A 540 -4.75 13.28 33.90
CA ALA A 540 -3.45 13.79 34.30
C ALA A 540 -2.90 14.75 33.26
N MET A 541 -2.94 14.36 31.99
CA MET A 541 -2.47 15.24 30.92
C MET A 541 -3.22 16.57 30.92
N LEU A 542 -4.52 16.54 31.19
CA LEU A 542 -5.31 17.76 31.22
C LEU A 542 -4.82 18.68 32.34
N GLY A 543 -4.51 18.12 33.50
CA GLY A 543 -3.94 18.93 34.58
C GLY A 543 -2.53 19.39 34.28
N GLU A 544 -1.79 18.63 33.48
CA GLU A 544 -0.45 19.05 33.07
C GLU A 544 -0.49 20.18 32.05
N GLY A 545 -1.59 20.33 31.32
CA GLY A 545 -1.74 21.44 30.39
C GLY A 545 -1.77 21.03 28.94
N VAL A 546 -2.44 19.93 28.63
CA VAL A 546 -2.54 19.41 27.27
C VAL A 546 -3.87 19.85 26.68
N GLU A 547 -3.86 20.18 25.39
CA GLU A 547 -5.09 20.55 24.70
C GLU A 547 -6.08 19.39 24.76
N PRO A 548 -7.31 19.63 25.23
CA PRO A 548 -8.28 18.52 25.36
C PRO A 548 -8.62 17.86 24.04
N ALA A 549 -8.42 18.55 22.91
CA ALA A 549 -8.65 17.93 21.62
C ALA A 549 -7.59 16.89 21.30
N SER A 550 -6.34 17.15 21.70
CA SER A 550 -5.27 16.19 21.43
C SER A 550 -5.40 14.95 22.30
N ILE A 551 -5.95 15.09 23.51
CA ILE A 551 -6.18 13.92 24.35
C ILE A 551 -7.19 12.99 23.68
N GLU A 552 -8.28 13.55 23.16
CA GLU A 552 -9.27 12.74 22.45
C GLU A 552 -8.74 12.23 21.12
N GLN A 553 -7.87 13.00 20.46
CA GLN A 553 -7.26 12.53 19.22
C GLN A 553 -6.36 11.33 19.50
N ALA A 554 -5.47 11.44 20.49
CA ALA A 554 -4.60 10.32 20.84
C ALA A 554 -5.41 9.10 21.23
N GLY A 555 -6.54 9.30 21.93
CA GLY A 555 -7.39 8.18 22.27
C GLY A 555 -7.99 7.52 21.04
N SER A 556 -8.55 8.32 20.14
CA SER A 556 -9.12 7.76 18.92
C SER A 556 -8.05 7.10 18.06
N GLN A 557 -6.87 7.72 17.97
CA GLN A 557 -5.81 7.17 17.14
C GLN A 557 -5.22 5.90 17.74
N ALA A 558 -5.22 5.80 19.07
CA ALA A 558 -4.73 4.59 19.71
C ALA A 558 -5.66 3.41 19.48
N GLY A 559 -6.93 3.67 19.15
CA GLY A 559 -7.88 2.61 18.87
C GLY A 559 -8.95 2.38 19.93
N TYR A 560 -9.05 3.23 20.94
CA TYR A 560 -10.13 3.11 21.91
C TYR A 560 -11.46 3.42 21.24
N PRO A 561 -12.50 2.62 21.47
CA PRO A 561 -13.82 2.96 20.89
C PRO A 561 -14.38 4.27 21.44
N ALA A 562 -14.06 4.61 22.68
CA ALA A 562 -14.50 5.85 23.30
C ALA A 562 -13.29 6.63 23.78
N PRO A 563 -13.14 7.89 23.37
CA PRO A 563 -12.04 8.69 23.90
C PRO A 563 -12.16 8.84 25.40
N PRO A 564 -11.03 9.02 26.10
CA PRO A 564 -11.06 8.89 27.56
C PRO A 564 -11.87 9.97 28.28
N LEU A 565 -11.85 11.21 27.80
CA LEU A 565 -12.67 12.23 28.43
C LEU A 565 -14.15 11.96 28.22
N GLN A 566 -14.51 11.41 27.06
CA GLN A 566 -15.88 10.97 26.82
C GLN A 566 -16.25 9.83 27.78
N LEU A 567 -15.31 8.93 28.03
CA LEU A 567 -15.56 7.84 28.96
C LEU A 567 -15.59 8.33 30.40
N SER A 568 -14.89 9.43 30.70
CA SER A 568 -14.87 9.96 32.05
C SER A 568 -16.18 10.64 32.44
N ASP A 569 -17.01 11.00 31.46
CA ASP A 569 -18.32 11.56 31.76
C ASP A 569 -19.40 10.50 31.93
N GLU A 570 -19.21 9.31 31.36
CA GLU A 570 -20.14 8.21 31.60
C GLU A 570 -19.99 7.70 33.03
N LEU A 571 -18.82 7.18 33.37
CA LEU A 571 -18.48 6.96 34.77
C LEU A 571 -18.54 8.28 35.51
N ASN A 572 -19.36 8.33 36.55
CA ASN A 572 -19.55 9.59 37.27
C ASN A 572 -18.25 10.00 37.96
N LEU A 573 -17.94 11.30 37.89
CA LEU A 573 -16.75 11.80 38.56
C LEU A 573 -16.89 11.73 40.08
N GLU A 574 -18.08 12.05 40.60
CA GLU A 574 -18.31 11.88 42.03
C GLU A 574 -18.23 10.41 42.42
N LEU A 575 -18.62 9.50 41.52
CA LEU A 575 -18.40 8.08 41.76
C LEU A 575 -16.91 7.77 41.74
N MET A 576 -16.15 8.40 40.85
CA MET A 576 -14.70 8.28 40.84
C MET A 576 -14.03 9.06 41.96
N HIS A 577 -14.77 9.93 42.66
CA HIS A 577 -14.19 10.66 43.78
C HIS A 577 -13.93 9.74 44.95
N LYS A 578 -14.96 9.02 45.42
CA LYS A 578 -14.78 8.13 46.55
C LYS A 578 -13.95 6.89 46.20
N ILE A 579 -13.76 6.61 44.90
CA ILE A 579 -12.80 5.59 44.52
C ILE A 579 -11.39 6.02 44.93
N ALA A 580 -11.10 7.32 44.87
CA ALA A 580 -9.83 7.85 45.33
C ALA A 580 -9.78 8.09 46.83
N VAL A 581 -10.92 8.05 47.51
CA VAL A 581 -10.93 8.20 48.98
C VAL A 581 -10.72 6.86 49.66
N ALA A 582 -11.24 5.78 49.08
CA ALA A 582 -11.04 4.46 49.66
C ALA A 582 -9.58 4.02 49.53
N THR A 583 -8.96 4.33 48.39
CA THR A 583 -7.55 3.96 48.20
C THR A 583 -6.64 4.74 49.13
N ARG A 584 -6.88 6.04 49.30
CA ARG A 584 -6.05 6.86 50.17
C ARG A 584 -6.12 6.36 51.62
N LYS A 585 -7.33 6.21 52.15
CA LYS A 585 -7.47 5.77 53.53
C LYS A 585 -7.10 4.30 53.71
N GLY A 586 -7.11 3.52 52.63
CA GLY A 586 -6.66 2.14 52.71
C GLY A 586 -5.16 1.97 52.79
N VAL A 587 -4.40 3.01 52.44
CA VAL A 587 -2.95 2.99 52.54
C VAL A 587 -2.54 3.64 53.85
N GLU A 588 -3.32 4.62 54.30
CA GLU A 588 -3.03 5.27 55.58
C GLU A 588 -3.36 4.36 56.76
N ASP A 589 -4.35 3.49 56.61
CA ASP A 589 -4.66 2.53 57.67
C ASP A 589 -3.50 1.55 57.89
N ALA A 590 -2.71 1.29 56.85
CA ALA A 590 -1.56 0.40 56.94
C ALA A 590 -0.32 1.11 57.48
N GLY A 591 -0.46 2.32 58.00
CA GLY A 591 0.67 3.02 58.59
C GLY A 591 1.68 3.54 57.60
N GLY A 592 1.25 3.87 56.38
CA GLY A 592 2.16 4.36 55.38
C GLY A 592 1.67 5.66 54.77
N THR A 593 2.59 6.36 54.13
CA THR A 593 2.29 7.62 53.46
C THR A 593 1.79 7.34 52.05
N TYR A 594 0.70 8.01 51.66
CA TYR A 594 0.05 7.78 50.38
C TYR A 594 0.51 8.79 49.36
N GLN A 595 0.64 8.34 48.11
CA GLN A 595 1.06 9.20 47.00
C GLN A 595 -0.13 9.40 46.07
N PRO A 596 -0.63 10.61 45.91
CA PRO A 596 -1.83 10.82 45.11
C PRO A 596 -1.54 10.84 43.61
N HIS A 597 -2.51 10.33 42.85
CA HIS A 597 -2.45 10.40 41.40
C HIS A 597 -2.69 11.84 40.94
N PRO A 598 -1.93 12.34 39.98
CA PRO A 598 -2.17 13.72 39.49
C PRO A 598 -3.57 13.94 38.96
N ALA A 599 -4.28 12.88 38.56
CA ALA A 599 -5.65 13.03 38.10
C ALA A 599 -6.60 13.40 39.23
N GLU A 600 -6.23 13.10 40.47
CA GLU A 600 -7.12 13.40 41.59
C GLU A 600 -7.35 14.90 41.73
N ALA A 601 -6.33 15.70 41.45
CA ALA A 601 -6.50 17.16 41.51
C ALA A 601 -7.46 17.65 40.43
N VAL A 602 -7.42 17.02 39.25
CA VAL A 602 -8.32 17.41 38.18
C VAL A 602 -9.77 17.08 38.53
N VAL A 603 -9.98 15.93 39.17
CA VAL A 603 -11.34 15.54 39.57
C VAL A 603 -11.90 16.56 40.56
N GLU A 604 -11.14 16.84 41.62
CA GLU A 604 -11.59 17.80 42.63
C GLU A 604 -11.81 19.18 42.01
N LYS A 605 -10.99 19.56 41.04
CA LYS A 605 -11.21 20.82 40.34
C LYS A 605 -12.50 20.79 39.54
N MET A 606 -12.77 19.68 38.85
CA MET A 606 -14.02 19.54 38.11
C MET A 606 -15.23 19.48 39.04
N ILE A 607 -15.05 18.96 40.26
CA ILE A 607 -16.16 18.91 41.21
C ILE A 607 -16.44 20.31 41.76
N GLU A 608 -15.38 21.09 41.99
CA GLU A 608 -15.56 22.46 42.46
C GLU A 608 -16.39 23.28 41.48
N LEU A 609 -16.17 23.09 40.19
CA LEU A 609 -16.88 23.84 39.16
C LEU A 609 -18.29 23.32 38.89
N GLY A 610 -18.72 22.26 39.58
CA GLY A 610 -20.06 21.74 39.38
C GLY A 610 -20.27 21.01 38.09
N ARG A 611 -19.22 20.38 37.55
CA ARG A 611 -19.32 19.57 36.33
C ARG A 611 -18.87 18.15 36.71
N SER A 612 -19.84 17.25 36.85
CA SER A 612 -19.59 15.92 37.39
C SER A 612 -19.79 14.79 36.38
N GLY A 613 -20.29 15.08 35.19
CA GLY A 613 -20.42 14.05 34.18
C GLY A 613 -21.74 14.14 33.45
N ARG A 614 -22.06 13.06 32.73
CA ARG A 614 -23.26 13.05 31.91
C ARG A 614 -24.52 13.02 32.77
N LEU A 615 -24.48 12.29 33.89
CA LEU A 615 -25.67 12.17 34.74
C LEU A 615 -26.10 13.53 35.28
N LYS A 616 -25.14 14.32 35.76
CA LYS A 616 -25.45 15.66 36.25
C LYS A 616 -25.86 16.60 35.13
N GLY A 617 -25.53 16.28 33.89
CA GLY A 617 -25.84 17.13 32.77
C GLY A 617 -24.71 18.03 32.29
N ALA A 618 -23.50 17.87 32.84
CA ALA A 618 -22.36 18.69 32.46
C ALA A 618 -21.08 18.01 32.91
N GLY A 619 -20.07 18.04 32.04
CA GLY A 619 -18.77 17.49 32.36
C GLY A 619 -17.68 18.04 31.48
N PHE A 620 -16.73 17.19 31.06
CA PHE A 620 -15.75 17.62 30.07
C PHE A 620 -16.43 18.00 28.76
N TYR A 621 -17.52 17.33 28.43
CA TYR A 621 -18.39 17.72 27.33
C TYR A 621 -19.62 18.43 27.87
N GLU A 622 -20.14 19.37 27.10
CA GLU A 622 -21.46 19.91 27.39
C GLU A 622 -22.53 18.93 26.92
N TYR A 623 -23.63 18.88 27.66
CA TYR A 623 -24.70 17.92 27.38
C TYR A 623 -26.03 18.64 27.27
N ALA A 624 -26.86 18.16 26.36
CA ALA A 624 -28.17 18.75 26.11
C ALA A 624 -29.14 17.67 25.68
N ASP A 625 -30.27 17.57 26.38
CA ASP A 625 -31.34 16.63 26.05
C ASP A 625 -30.84 15.18 26.04
N GLY A 626 -29.92 14.87 26.95
CA GLY A 626 -29.38 13.53 27.02
C GLY A 626 -28.39 13.18 25.94
N LYS A 627 -28.00 14.14 25.12
CA LYS A 627 -27.00 13.93 24.07
C LYS A 627 -25.73 14.69 24.41
N ARG A 628 -24.66 14.36 23.70
CA ARG A 628 -23.34 14.91 23.97
C ARG A 628 -23.06 16.05 22.99
N SER A 629 -22.98 17.26 23.51
CA SER A 629 -22.59 18.42 22.71
C SER A 629 -21.06 18.50 22.69
N GLY A 630 -20.52 19.63 22.23
CA GLY A 630 -19.09 19.76 22.13
C GLY A 630 -18.40 19.85 23.48
N LEU A 631 -17.07 19.85 23.43
CA LEU A 631 -16.28 20.01 24.64
C LEU A 631 -16.57 21.35 25.30
N TRP A 632 -16.44 21.40 26.61
CA TRP A 632 -16.72 22.61 27.36
C TRP A 632 -15.76 23.73 26.94
N PRO A 633 -16.27 24.87 26.46
CA PRO A 633 -15.36 25.94 26.00
C PRO A 633 -14.45 26.47 27.10
N GLY A 634 -14.98 26.71 28.29
CA GLY A 634 -14.23 27.15 29.46
C GLY A 634 -13.28 26.12 30.04
N LEU A 635 -13.08 24.97 29.38
CA LEU A 635 -12.16 23.96 29.90
C LEU A 635 -10.70 24.34 29.69
N ARG A 636 -10.39 25.01 28.58
CA ARG A 636 -9.01 25.37 28.29
C ARG A 636 -8.49 26.42 29.27
N GLU A 637 -9.34 27.37 29.65
CA GLU A 637 -8.92 28.39 30.61
C GLU A 637 -8.74 27.81 32.01
N THR A 638 -9.46 26.73 32.31
CA THR A 638 -9.37 26.13 33.65
C THR A 638 -8.01 25.49 33.88
N PHE A 639 -7.52 24.72 32.91
CA PHE A 639 -6.30 23.94 33.07
C PHE A 639 -5.12 24.52 32.30
N LYS A 640 -5.22 25.78 31.87
CA LYS A 640 -4.17 26.45 31.09
C LYS A 640 -3.74 25.59 29.91
N SER A 641 -4.73 25.15 29.13
CA SER A 641 -4.47 24.24 28.02
C SER A 641 -3.54 24.91 27.00
N GLY A 642 -2.55 24.15 26.55
CA GLY A 642 -1.53 24.64 25.64
C GLY A 642 -0.14 24.71 26.24
N SER A 643 -0.03 24.71 27.57
CA SER A 643 1.27 24.79 28.21
C SER A 643 2.08 23.52 28.02
N SER A 644 1.41 22.37 27.92
CA SER A 644 2.07 21.09 27.73
C SER A 644 1.69 20.54 26.36
N GLN A 645 2.69 20.22 25.54
CA GLN A 645 2.49 19.75 24.18
C GLN A 645 3.40 18.54 23.94
N PRO A 646 3.06 17.39 24.52
CA PRO A 646 3.89 16.20 24.35
C PRO A 646 3.67 15.59 22.97
N PRO A 647 4.57 14.70 22.53
CA PRO A 647 4.36 14.02 21.25
C PRO A 647 3.10 13.18 21.27
N LEU A 648 2.48 13.06 20.09
CA LEU A 648 1.22 12.32 19.99
C LEU A 648 1.40 10.85 20.35
N GLN A 649 2.54 10.27 19.99
CA GLN A 649 2.78 8.87 20.35
C GLN A 649 2.99 8.72 21.86
N ASP A 650 3.66 9.70 22.49
CA ASP A 650 3.79 9.69 23.93
C ASP A 650 2.42 9.66 24.62
N MET A 651 1.48 10.46 24.11
CA MET A 651 0.14 10.45 24.67
C MET A 651 -0.54 9.10 24.42
N ILE A 652 -0.38 8.56 23.21
CA ILE A 652 -0.96 7.25 22.89
C ILE A 652 -0.35 6.16 23.76
N ASP A 653 0.97 6.19 23.93
CA ASP A 653 1.65 5.16 24.71
C ASP A 653 1.49 5.36 26.21
N ARG A 654 1.20 6.58 26.68
CA ARG A 654 0.98 6.79 28.10
C ARG A 654 -0.30 6.10 28.56
N MET A 655 -1.35 6.14 27.73
CA MET A 655 -2.61 5.51 28.09
C MET A 655 -2.55 4.01 27.93
N LEU A 656 -1.89 3.52 26.87
CA LEU A 656 -1.81 2.07 26.65
C LEU A 656 -0.91 1.41 27.68
N PHE A 657 0.26 1.98 27.92
CA PHE A 657 1.19 1.38 28.88
C PHE A 657 0.63 1.38 30.29
N ALA A 658 -0.21 2.37 30.62
CA ALA A 658 -0.84 2.40 31.94
C ALA A 658 -1.70 1.15 32.14
N GLU A 659 -2.52 0.81 31.16
CA GLU A 659 -3.37 -0.38 31.27
C GLU A 659 -2.55 -1.67 31.19
N ALA A 660 -1.46 -1.67 30.40
CA ALA A 660 -0.67 -2.89 30.25
C ALA A 660 0.16 -3.17 31.50
N LEU A 661 0.74 -2.12 32.11
CA LEU A 661 1.46 -2.29 33.36
C LEU A 661 0.52 -2.66 34.50
N GLU A 662 -0.67 -2.06 34.53
CA GLU A 662 -1.62 -2.37 35.59
C GLU A 662 -2.12 -3.80 35.46
N THR A 663 -2.41 -4.24 34.22
CA THR A 663 -2.78 -5.63 33.99
C THR A 663 -1.69 -6.58 34.47
N GLN A 664 -0.43 -6.23 34.21
CA GLN A 664 0.68 -7.08 34.65
C GLN A 664 0.73 -7.19 36.17
N LYS A 665 0.42 -6.11 36.88
CA LYS A 665 0.41 -6.16 38.34
C LYS A 665 -0.75 -6.96 38.89
N CYS A 666 -1.84 -7.09 38.13
CA CYS A 666 -2.92 -7.98 38.54
C CYS A 666 -2.50 -9.44 38.41
N LEU A 667 -1.72 -9.77 37.38
CA LEU A 667 -1.23 -11.14 37.22
C LEU A 667 -0.19 -11.49 38.28
N ASP A 668 0.57 -10.51 38.76
CA ASP A 668 1.51 -10.77 39.85
C ASP A 668 0.78 -10.95 41.16
N GLU A 669 -0.17 -10.05 41.46
CA GLU A 669 -0.95 -10.14 42.69
C GLU A 669 -1.90 -11.33 42.71
N GLY A 670 -2.14 -11.96 41.57
CA GLY A 670 -3.06 -13.06 41.49
C GLY A 670 -4.50 -12.68 41.24
N VAL A 671 -4.78 -11.42 40.92
CA VAL A 671 -6.13 -10.99 40.60
C VAL A 671 -6.66 -11.74 39.39
N LEU A 672 -5.78 -12.09 38.45
CA LEU A 672 -6.12 -12.94 37.32
C LEU A 672 -5.18 -14.14 37.30
N THR A 673 -5.65 -15.24 36.70
CA THR A 673 -4.89 -16.47 36.65
C THR A 673 -4.49 -16.89 35.24
N SER A 674 -4.84 -16.11 34.22
CA SER A 674 -4.49 -16.45 32.85
C SER A 674 -4.46 -15.19 32.02
N THR A 675 -3.54 -15.16 31.04
CA THR A 675 -3.48 -14.01 30.14
C THR A 675 -4.69 -13.97 29.22
N ALA A 676 -5.29 -15.12 28.94
CA ALA A 676 -6.47 -15.15 28.07
C ALA A 676 -7.62 -14.38 28.70
N ASP A 677 -7.82 -14.52 30.02
CA ASP A 677 -8.81 -13.69 30.69
C ASP A 677 -8.42 -12.22 30.66
N ALA A 678 -7.13 -11.93 30.83
CA ALA A 678 -6.68 -10.54 30.78
C ALA A 678 -6.93 -9.94 29.41
N ASN A 679 -6.55 -10.64 28.34
CA ASN A 679 -6.71 -10.13 26.99
C ASN A 679 -8.18 -9.96 26.62
N ILE A 680 -8.98 -11.01 26.82
CA ILE A 680 -10.40 -10.93 26.50
C ILE A 680 -11.12 -9.99 27.47
N GLY A 681 -10.67 -9.94 28.72
CA GLY A 681 -11.26 -9.00 29.66
C GLY A 681 -11.02 -7.56 29.27
N SER A 682 -9.81 -7.23 28.85
CA SER A 682 -9.51 -5.85 28.47
C SER A 682 -10.27 -5.44 27.20
N ILE A 683 -10.47 -6.37 26.28
CA ILE A 683 -11.11 -6.03 25.01
C ILE A 683 -12.61 -5.90 25.17
N MET A 684 -13.27 -6.97 25.63
CA MET A 684 -14.72 -6.98 25.73
C MET A 684 -15.25 -6.21 26.94
N GLY A 685 -14.38 -5.78 27.85
CA GLY A 685 -14.83 -5.17 29.08
C GLY A 685 -14.62 -3.66 29.17
N ILE A 686 -13.40 -3.21 28.89
CA ILE A 686 -13.04 -1.81 29.06
C ILE A 686 -12.67 -1.14 27.74
N GLY A 687 -12.84 -1.84 26.63
CA GLY A 687 -12.58 -1.24 25.33
C GLY A 687 -11.11 -1.05 25.01
N PHE A 688 -10.28 -2.02 25.35
CA PHE A 688 -8.89 -1.96 24.92
C PHE A 688 -8.82 -2.17 23.41
N PRO A 689 -7.91 -1.51 22.72
CA PRO A 689 -7.87 -1.59 21.25
C PRO A 689 -7.72 -3.02 20.77
N PRO A 690 -8.57 -3.45 19.84
CA PRO A 690 -8.49 -4.85 19.38
C PRO A 690 -7.19 -5.19 18.68
N TRP A 691 -6.55 -4.23 18.03
CA TRP A 691 -5.31 -4.52 17.31
C TRP A 691 -4.17 -4.91 18.25
N THR A 692 -4.24 -4.50 19.52
CA THR A 692 -3.28 -4.95 20.52
C THR A 692 -3.47 -6.41 20.90
N GLY A 693 -4.68 -6.94 20.71
CA GLY A 693 -4.99 -8.29 21.13
C GLY A 693 -5.19 -8.47 22.62
N GLY A 694 -5.31 -7.38 23.37
CA GLY A 694 -5.45 -7.43 24.81
C GLY A 694 -4.35 -6.68 25.55
N SER A 695 -4.58 -6.37 26.83
CA SER A 695 -3.59 -5.65 27.62
C SER A 695 -2.42 -6.52 28.04
N ALA A 696 -2.60 -7.84 28.07
CA ALA A 696 -1.47 -8.73 28.32
C ALA A 696 -0.68 -9.00 27.06
N GLN A 697 -1.38 -9.19 25.94
CA GLN A 697 -0.72 -9.37 24.65
C GLN A 697 0.08 -8.14 24.25
N PHE A 698 -0.36 -6.96 24.68
CA PHE A 698 0.33 -5.73 24.34
C PHE A 698 1.75 -5.68 24.89
N ILE A 699 2.06 -6.51 25.89
CA ILE A 699 3.40 -6.54 26.45
C ILE A 699 4.32 -7.38 25.56
N VAL A 700 3.84 -8.54 25.10
CA VAL A 700 4.63 -9.40 24.23
C VAL A 700 4.51 -9.03 22.76
N GLY A 701 3.51 -8.23 22.40
CA GLY A 701 3.31 -7.81 21.03
C GLY A 701 3.59 -6.35 20.74
N TYR A 702 4.10 -5.59 21.71
CA TYR A 702 4.40 -4.18 21.47
C TYR A 702 5.44 -4.04 20.37
N SER A 703 5.29 -2.99 19.56
CA SER A 703 6.21 -2.72 18.47
C SER A 703 6.40 -1.22 18.37
N GLY A 704 7.64 -0.76 18.49
CA GLY A 704 7.97 0.63 18.33
C GLY A 704 9.21 0.82 17.49
N PRO A 705 9.64 2.07 17.30
CA PRO A 705 10.85 2.34 16.52
C PRO A 705 12.12 1.80 17.15
N ALA A 706 12.05 1.25 18.36
CA ALA A 706 13.21 0.66 19.03
C ALA A 706 13.09 -0.84 19.25
N GLY A 707 12.14 -1.52 18.60
CA GLY A 707 12.10 -2.96 18.66
C GLY A 707 10.68 -3.49 18.87
N THR A 708 10.59 -4.81 18.98
CA THR A 708 9.34 -5.51 19.21
C THR A 708 9.52 -6.50 20.35
N GLY A 709 8.47 -6.68 21.15
CA GLY A 709 8.46 -7.70 22.19
C GLY A 709 8.56 -7.11 23.58
N LYS A 710 8.80 -8.00 24.54
CA LYS A 710 8.79 -7.60 25.95
C LYS A 710 9.98 -6.71 26.28
N ALA A 711 11.16 -7.03 25.77
CA ALA A 711 12.32 -6.19 26.01
C ALA A 711 12.11 -4.79 25.45
N ALA A 712 11.52 -4.69 24.26
CA ALA A 712 11.19 -3.37 23.70
C ALA A 712 10.12 -2.69 24.54
N PHE A 713 9.15 -3.45 25.03
CA PHE A 713 8.15 -2.88 25.94
C PHE A 713 8.80 -2.35 27.20
N VAL A 714 9.77 -3.09 27.75
CA VAL A 714 10.46 -2.65 28.96
C VAL A 714 11.24 -1.38 28.70
N ALA A 715 11.97 -1.34 27.58
CA ALA A 715 12.76 -0.17 27.26
C ALA A 715 11.88 1.06 27.06
N ARG A 716 10.74 0.88 26.37
CA ARG A 716 9.83 2.00 26.14
C ARG A 716 9.18 2.45 27.44
N ALA A 717 8.88 1.51 28.32
CA ALA A 717 8.28 1.84 29.61
C ALA A 717 9.20 2.75 30.41
N ARG A 718 10.49 2.42 30.46
CA ARG A 718 11.45 3.26 31.17
C ARG A 718 11.58 4.62 30.50
N GLU A 719 11.38 4.69 29.19
CA GLU A 719 11.44 5.97 28.50
C GLU A 719 10.30 6.88 28.95
N LEU A 720 9.08 6.35 28.99
CA LEU A 720 7.95 7.11 29.52
C LEU A 720 8.13 7.43 30.99
N ALA A 721 8.84 6.57 31.72
CA ALA A 721 8.99 6.77 33.16
C ALA A 721 9.92 7.93 33.48
N ALA A 722 11.07 7.99 32.80
CA ALA A 722 12.03 9.07 33.04
C ALA A 722 11.46 10.43 32.68
N ALA A 723 10.43 10.49 31.84
CA ALA A 723 9.86 11.75 31.38
C ALA A 723 8.64 12.19 32.17
N TYR A 724 7.79 11.26 32.59
CA TYR A 724 6.49 11.61 33.15
C TYR A 724 6.31 11.21 34.61
N GLY A 725 6.81 10.06 35.02
CA GLY A 725 6.65 9.67 36.41
C GLY A 725 7.04 8.23 36.64
N ASP A 726 7.20 7.89 37.92
CA ASP A 726 7.64 6.55 38.29
C ASP A 726 6.55 5.51 38.10
N ARG A 727 5.29 5.92 37.91
CA ARG A 727 4.21 4.97 37.72
C ARG A 727 4.38 4.15 36.44
N PHE A 728 5.26 4.56 35.54
CA PHE A 728 5.50 3.82 34.31
C PHE A 728 6.66 2.83 34.43
N LEU A 729 7.28 2.72 35.60
CA LEU A 729 8.37 1.77 35.79
C LEU A 729 7.84 0.34 35.70
N PRO A 730 8.46 -0.52 34.91
CA PRO A 730 7.96 -1.89 34.76
C PRO A 730 8.18 -2.69 36.03
N PRO A 731 7.24 -3.57 36.38
CA PRO A 731 7.44 -4.43 37.56
C PRO A 731 8.61 -5.38 37.36
N GLU A 732 8.96 -6.06 38.46
CA GLU A 732 10.07 -7.00 38.43
C GLU A 732 9.77 -8.18 37.51
N SER A 733 8.51 -8.60 37.42
CA SER A 733 8.16 -9.80 36.67
C SER A 733 8.47 -9.67 35.19
N LEU A 734 8.56 -8.44 34.67
CA LEU A 734 8.90 -8.24 33.26
C LEU A 734 10.40 -8.20 33.02
N LEU A 735 11.20 -8.10 34.06
CA LEU A 735 12.66 -8.01 33.92
C LEU A 735 13.29 -9.39 34.04
N SER A 736 14.62 -9.43 33.95
CA SER A 736 15.35 -10.69 34.06
C SER A 736 16.73 -10.47 34.66
N ASP B 19 32.09 -17.85 -11.15
CA ASP B 19 33.39 -17.85 -10.51
C ASP B 19 33.48 -16.69 -9.52
N ASN B 20 34.36 -16.85 -8.52
CA ASN B 20 34.50 -15.87 -7.44
C ASN B 20 34.73 -14.47 -7.99
N THR B 21 34.05 -13.49 -7.39
CA THR B 21 34.14 -12.09 -7.81
C THR B 21 34.72 -11.19 -6.73
N ILE B 22 35.28 -11.78 -5.66
CA ILE B 22 35.84 -11.01 -4.55
C ILE B 22 37.19 -11.61 -4.18
N GLN B 23 38.23 -10.79 -4.22
CA GLN B 23 39.58 -11.24 -3.87
C GLN B 23 39.87 -10.90 -2.41
N TRP B 24 40.46 -11.86 -1.70
CA TRP B 24 40.73 -11.75 -0.28
C TRP B 24 42.17 -11.27 -0.06
N ASP B 25 42.35 -10.43 0.96
CA ASP B 25 43.67 -9.91 1.29
C ASP B 25 43.66 -9.50 2.75
N LYS B 26 44.35 -10.26 3.60
CA LYS B 26 44.36 -10.02 5.04
C LYS B 26 45.65 -9.34 5.45
N ASP B 27 45.53 -8.31 6.27
CA ASP B 27 46.68 -7.56 6.76
C ASP B 27 47.39 -8.33 7.87
N ALA B 28 48.57 -7.83 8.25
CA ALA B 28 49.22 -8.34 9.45
C ALA B 28 48.48 -7.87 10.70
N ASP B 29 47.89 -6.67 10.65
CA ASP B 29 47.06 -6.18 11.74
C ASP B 29 45.70 -6.84 11.79
N GLY B 30 45.35 -7.63 10.77
CA GLY B 30 44.04 -8.23 10.68
C GLY B 30 43.02 -7.41 9.92
N ILE B 31 43.46 -6.41 9.15
CA ILE B 31 42.55 -5.57 8.37
C ILE B 31 42.34 -6.27 7.03
N VAL B 32 41.21 -6.98 6.92
CA VAL B 32 40.89 -7.69 5.69
C VAL B 32 40.46 -6.69 4.62
N THR B 33 40.95 -6.88 3.41
CA THR B 33 40.56 -6.08 2.26
C THR B 33 39.75 -6.94 1.31
N LEU B 34 38.52 -6.53 1.03
CA LEU B 34 37.64 -7.23 0.09
C LEU B 34 37.64 -6.44 -1.21
N THR B 35 38.42 -6.91 -2.18
CA THR B 35 38.48 -6.29 -3.50
C THR B 35 37.49 -6.99 -4.42
N MET B 36 36.57 -6.23 -4.99
CA MET B 36 35.50 -6.77 -5.83
C MET B 36 35.90 -6.64 -7.30
N ASP B 37 36.05 -7.78 -7.97
CA ASP B 37 36.42 -7.78 -9.40
C ASP B 37 35.69 -8.95 -10.07
N ASP B 38 34.59 -8.66 -10.74
CA ASP B 38 33.80 -9.70 -11.40
C ASP B 38 34.44 -10.05 -12.73
N PRO B 39 34.89 -11.30 -12.94
CA PRO B 39 35.70 -11.61 -14.13
C PRO B 39 34.88 -11.78 -15.40
N SER B 40 33.59 -11.46 -15.35
CA SER B 40 32.71 -11.63 -16.50
C SER B 40 32.12 -10.28 -16.94
N GLY B 41 32.91 -9.24 -16.87
CA GLY B 41 32.46 -7.92 -17.26
C GLY B 41 33.32 -6.84 -16.67
N SER B 42 33.25 -5.66 -17.29
CA SER B 42 34.05 -4.51 -16.87
C SER B 42 33.50 -3.81 -15.64
N THR B 43 32.49 -4.38 -14.99
CA THR B 43 31.79 -3.69 -13.91
C THR B 43 31.24 -4.71 -12.92
N ASN B 44 31.40 -4.42 -11.63
CA ASN B 44 30.81 -5.24 -10.58
C ASN B 44 29.32 -4.96 -10.51
N VAL B 45 28.52 -6.02 -10.47
CA VAL B 45 27.06 -5.90 -10.50
C VAL B 45 26.47 -7.02 -9.65
N MET B 46 25.31 -6.75 -9.04
CA MET B 46 24.67 -7.70 -8.12
C MET B 46 23.99 -8.83 -8.91
N ASN B 47 24.83 -9.65 -9.52
CA ASN B 47 24.38 -10.84 -10.23
C ASN B 47 24.48 -12.06 -9.31
N GLU B 48 24.12 -13.23 -9.86
CA GLU B 48 24.17 -14.45 -9.07
C GLU B 48 25.59 -14.81 -8.66
N ALA B 49 26.60 -14.34 -9.41
CA ALA B 49 27.98 -14.57 -9.01
C ALA B 49 28.36 -13.73 -7.80
N TYR B 50 27.81 -12.52 -7.68
CA TYR B 50 28.15 -11.67 -6.55
C TYR B 50 27.51 -12.19 -5.26
N ILE B 51 26.24 -12.57 -5.31
CA ILE B 51 25.53 -13.03 -4.11
C ILE B 51 26.29 -14.17 -3.46
N GLU B 52 26.73 -15.15 -4.26
CA GLU B 52 27.52 -16.25 -3.72
C GLU B 52 28.86 -15.76 -3.16
N SER B 53 29.51 -14.85 -3.87
CA SER B 53 30.83 -14.37 -3.45
C SER B 53 30.75 -13.63 -2.13
N MET B 54 29.90 -12.59 -2.07
CA MET B 54 29.73 -11.84 -0.83
C MET B 54 29.25 -12.74 0.31
N GLY B 55 28.46 -13.77 -0.01
CA GLY B 55 28.00 -14.68 1.04
C GLY B 55 29.14 -15.44 1.69
N LYS B 56 30.06 -15.97 0.88
CA LYS B 56 31.18 -16.71 1.41
C LYS B 56 32.28 -15.79 1.96
N ALA B 57 32.33 -14.54 1.51
CA ALA B 57 33.28 -13.59 2.09
C ALA B 57 32.86 -13.16 3.48
N VAL B 58 31.59 -12.78 3.65
CA VAL B 58 31.09 -12.39 4.97
C VAL B 58 31.12 -13.58 5.92
N ASP B 59 30.82 -14.78 5.41
CA ASP B 59 30.89 -15.97 6.25
C ASP B 59 32.31 -16.19 6.78
N ARG B 60 33.32 -15.89 5.98
CA ARG B 60 34.70 -16.04 6.42
C ARG B 60 35.10 -14.97 7.44
N LEU B 61 34.44 -13.81 7.41
CA LEU B 61 34.70 -12.78 8.41
C LEU B 61 34.17 -13.19 9.78
N VAL B 62 33.15 -14.05 9.81
CA VAL B 62 32.62 -14.52 11.07
C VAL B 62 33.43 -15.69 11.61
N ALA B 63 33.81 -16.63 10.73
CA ALA B 63 34.55 -17.80 11.16
C ALA B 63 35.97 -17.47 11.59
N GLU B 64 36.48 -16.29 11.23
CA GLU B 64 37.83 -15.88 11.58
C GLU B 64 37.83 -14.50 12.26
N LYS B 65 36.76 -14.20 13.00
CA LYS B 65 36.61 -12.86 13.57
C LYS B 65 37.67 -12.56 14.62
N ASP B 66 38.19 -13.60 15.29
CA ASP B 66 39.21 -13.36 16.30
C ASP B 66 40.51 -12.85 15.69
N SER B 67 40.76 -13.16 14.43
CA SER B 67 41.96 -12.73 13.73
C SER B 67 41.75 -11.45 12.93
N ILE B 68 40.57 -10.85 13.01
CA ILE B 68 40.21 -9.69 12.21
C ILE B 68 39.90 -8.52 13.14
N THR B 69 40.43 -7.34 12.81
CA THR B 69 40.13 -6.12 13.54
C THR B 69 39.44 -5.06 12.70
N GLY B 70 39.59 -5.09 11.37
CA GLY B 70 38.92 -4.14 10.50
C GLY B 70 38.71 -4.75 9.13
N VAL B 71 37.87 -4.08 8.34
CA VAL B 71 37.53 -4.53 7.00
C VAL B 71 37.47 -3.32 6.08
N VAL B 72 38.03 -3.47 4.88
CA VAL B 72 37.93 -2.48 3.82
C VAL B 72 37.26 -3.13 2.62
N VAL B 73 36.38 -2.38 1.96
CA VAL B 73 35.66 -2.85 0.78
C VAL B 73 36.05 -1.98 -0.41
N ALA B 74 36.70 -2.58 -1.40
CA ALA B 74 37.23 -1.85 -2.55
C ALA B 74 36.82 -2.54 -3.84
N SER B 75 37.26 -1.97 -4.96
CA SER B 75 36.95 -2.51 -6.28
C SER B 75 38.14 -2.25 -7.20
N ALA B 76 38.47 -3.26 -8.01
CA ALA B 76 39.54 -3.17 -9.00
C ALA B 76 39.02 -2.84 -10.39
N LYS B 77 38.04 -1.94 -10.47
CA LYS B 77 37.44 -1.53 -11.73
C LYS B 77 37.51 -0.01 -11.83
N LYS B 78 37.24 0.49 -13.05
CA LYS B 78 37.13 1.94 -13.24
C LYS B 78 35.99 2.52 -12.41
N THR B 79 34.94 1.74 -12.19
CA THR B 79 33.85 2.10 -11.30
C THR B 79 33.97 1.33 -10.00
N PHE B 80 33.09 1.66 -9.05
CA PHE B 80 33.03 0.94 -7.78
C PHE B 80 32.07 -0.24 -7.89
N PHE B 81 30.80 0.04 -8.17
CA PHE B 81 29.76 -0.97 -8.26
C PHE B 81 28.50 -0.32 -8.82
N ALA B 82 28.01 -0.80 -9.97
CA ALA B 82 26.98 -0.09 -10.72
C ALA B 82 25.68 -0.89 -10.71
N GLY B 83 24.92 -0.74 -9.63
CA GLY B 83 23.55 -1.20 -9.59
C GLY B 83 23.37 -2.70 -9.51
N GLY B 84 22.13 -3.12 -9.78
CA GLY B 84 21.75 -4.51 -9.75
C GLY B 84 21.70 -5.12 -11.14
N ASP B 85 21.38 -6.42 -11.17
CA ASP B 85 21.36 -7.20 -12.41
C ASP B 85 20.03 -6.95 -13.12
N VAL B 86 20.03 -6.03 -14.08
CA VAL B 86 18.80 -5.68 -14.78
C VAL B 86 18.38 -6.80 -15.73
N LYS B 87 19.35 -7.51 -16.32
CA LYS B 87 19.02 -8.60 -17.24
C LYS B 87 18.24 -9.71 -16.56
N THR B 88 18.36 -9.85 -15.24
CA THR B 88 17.61 -10.86 -14.50
C THR B 88 16.29 -10.31 -13.97
N MET B 89 16.24 -9.02 -13.64
CA MET B 89 15.04 -8.44 -13.07
C MET B 89 13.91 -8.36 -14.09
N ILE B 90 14.22 -8.00 -15.33
CA ILE B 90 13.19 -7.87 -16.35
C ILE B 90 12.56 -9.21 -16.69
N GLN B 91 13.24 -10.32 -16.38
CA GLN B 91 12.66 -11.64 -16.60
C GLN B 91 11.75 -12.08 -15.46
N ALA B 92 11.85 -11.44 -14.30
CA ALA B 92 11.08 -11.85 -13.12
C ALA B 92 9.57 -11.72 -13.35
N ARG B 93 8.89 -12.85 -13.46
CA ARG B 93 7.46 -12.87 -13.70
C ARG B 93 6.72 -12.48 -12.43
N PRO B 94 5.42 -12.16 -12.54
CA PRO B 94 4.64 -11.86 -11.32
C PRO B 94 4.62 -12.98 -10.31
N GLU B 95 4.55 -14.24 -10.77
CA GLU B 95 4.51 -15.38 -9.86
C GLU B 95 5.84 -15.63 -9.16
N ASP B 96 6.90 -14.94 -9.57
CA ASP B 96 8.19 -15.05 -8.89
C ASP B 96 8.34 -14.04 -7.75
N ALA B 97 7.24 -13.41 -7.34
CA ALA B 97 7.32 -12.35 -6.33
C ALA B 97 7.97 -12.86 -5.06
N GLY B 98 7.60 -14.07 -4.61
CA GLY B 98 8.14 -14.59 -3.37
C GLY B 98 9.58 -15.05 -3.49
N ASP B 99 9.98 -15.51 -4.68
CA ASP B 99 11.37 -15.89 -4.89
C ASP B 99 12.29 -14.67 -5.00
N VAL B 100 11.80 -13.58 -5.59
CA VAL B 100 12.56 -12.34 -5.61
C VAL B 100 12.74 -11.80 -4.19
N PHE B 101 11.71 -11.94 -3.36
CA PHE B 101 11.79 -11.48 -1.97
C PHE B 101 12.87 -12.22 -1.22
N ASN B 102 12.98 -13.54 -1.45
CA ASN B 102 13.98 -14.33 -0.74
C ASN B 102 15.39 -14.00 -1.20
N THR B 103 15.55 -13.58 -2.45
CA THR B 103 16.88 -13.23 -2.96
C THR B 103 17.36 -11.90 -2.37
N VAL B 104 16.49 -10.89 -2.35
CA VAL B 104 16.89 -9.59 -1.81
C VAL B 104 17.11 -9.66 -0.31
N GLU B 105 16.38 -10.54 0.39
CA GLU B 105 16.66 -10.76 1.80
C GLU B 105 18.05 -11.32 2.00
N THR B 106 18.48 -12.23 1.12
CA THR B 106 19.84 -12.78 1.21
C THR B 106 20.88 -11.70 0.93
N ILE B 107 20.62 -10.83 -0.04
CA ILE B 107 21.51 -9.71 -0.29
C ILE B 107 21.64 -8.84 0.94
N LYS B 108 20.51 -8.50 1.56
CA LYS B 108 20.54 -7.63 2.74
C LYS B 108 21.00 -8.35 3.99
N ARG B 109 20.85 -9.68 4.05
CA ARG B 109 21.35 -10.42 5.20
C ARG B 109 22.88 -10.38 5.26
N GLN B 110 23.52 -10.54 4.10
CA GLN B 110 24.98 -10.44 4.05
C GLN B 110 25.46 -9.04 4.39
N LEU B 111 24.77 -8.02 3.88
CA LEU B 111 25.12 -6.64 4.22
C LEU B 111 24.82 -6.31 5.67
N ARG B 112 23.96 -7.09 6.33
CA ARG B 112 23.65 -6.87 7.74
C ARG B 112 24.64 -7.56 8.66
N THR B 113 25.05 -8.78 8.32
CA THR B 113 26.07 -9.47 9.11
C THR B 113 27.40 -8.72 9.03
N LEU B 114 27.73 -8.18 7.85
CA LEU B 114 28.91 -7.35 7.73
C LEU B 114 28.79 -6.09 8.57
N GLU B 115 27.59 -5.52 8.65
CA GLU B 115 27.40 -4.25 9.33
C GLU B 115 27.53 -4.37 10.84
N THR B 116 27.20 -5.55 11.40
CA THR B 116 27.23 -5.79 12.83
C THR B 116 28.42 -6.66 13.23
N LEU B 117 29.54 -6.51 12.53
CA LEU B 117 30.71 -7.36 12.76
C LEU B 117 31.44 -7.02 14.06
N GLY B 118 31.05 -5.94 14.73
CA GLY B 118 31.79 -5.48 15.90
C GLY B 118 33.12 -4.85 15.56
N LYS B 119 33.39 -4.63 14.29
CA LYS B 119 34.64 -4.07 13.79
C LYS B 119 34.32 -3.01 12.74
N PRO B 120 35.16 -1.99 12.62
CA PRO B 120 34.89 -0.93 11.62
C PRO B 120 35.00 -1.47 10.21
N VAL B 121 34.03 -1.12 9.37
CA VAL B 121 34.02 -1.45 7.95
C VAL B 121 34.01 -0.15 7.17
N VAL B 122 34.98 0.01 6.27
CA VAL B 122 35.17 1.25 5.53
C VAL B 122 35.03 0.95 4.04
N ALA B 123 34.30 1.81 3.33
CA ALA B 123 34.08 1.68 1.90
C ALA B 123 35.06 2.58 1.16
N ALA B 124 35.90 1.98 0.32
CA ALA B 124 36.88 2.72 -0.50
C ALA B 124 36.28 2.89 -1.89
N ILE B 125 35.50 3.95 -2.07
CA ILE B 125 34.80 4.20 -3.32
C ILE B 125 35.78 4.83 -4.31
N ASN B 126 36.11 4.09 -5.37
CA ASN B 126 37.07 4.57 -6.36
C ASN B 126 36.43 5.30 -7.52
N GLY B 127 35.20 4.95 -7.87
CA GLY B 127 34.51 5.56 -9.00
C GLY B 127 33.02 5.53 -8.81
N ALA B 128 32.29 5.26 -9.89
CA ALA B 128 30.84 5.30 -9.85
C ALA B 128 30.28 4.23 -8.93
N ALA B 129 29.44 4.65 -7.98
CA ALA B 129 28.76 3.75 -7.06
C ALA B 129 27.27 4.08 -7.11
N LEU B 130 26.51 3.27 -7.85
CA LEU B 130 25.11 3.55 -8.12
C LEU B 130 24.24 2.36 -7.74
N GLY B 131 22.97 2.65 -7.43
CA GLY B 131 22.01 1.62 -7.10
C GLY B 131 22.46 0.67 -6.02
N GLY B 132 22.62 -0.61 -6.38
CA GLY B 132 23.13 -1.61 -5.45
C GLY B 132 24.57 -1.37 -5.03
N GLY B 133 25.31 -0.54 -5.76
CA GLY B 133 26.67 -0.20 -5.38
C GLY B 133 26.73 0.77 -4.22
N LEU B 134 25.84 1.76 -4.21
CA LEU B 134 25.76 2.67 -3.07
C LEU B 134 25.15 2.00 -1.85
N GLU B 135 24.28 1.00 -2.07
CA GLU B 135 23.71 0.28 -0.94
C GLU B 135 24.77 -0.54 -0.20
N ILE B 136 25.75 -1.06 -0.94
CA ILE B 136 26.87 -1.76 -0.30
C ILE B 136 27.67 -0.78 0.54
N ALA B 137 27.92 0.43 0.01
CA ALA B 137 28.71 1.41 0.74
C ALA B 137 27.96 1.93 1.96
N LEU B 138 26.65 2.12 1.84
CA LEU B 138 25.87 2.59 2.99
C LEU B 138 25.88 1.59 4.14
N ALA B 139 26.13 0.31 3.85
CA ALA B 139 26.24 -0.70 4.88
C ALA B 139 27.58 -0.63 5.62
N CYS B 140 28.49 0.25 5.21
CA CYS B 140 29.75 0.44 5.91
C CYS B 140 29.63 1.54 6.95
N HIS B 141 30.59 1.57 7.87
CA HIS B 141 30.58 2.55 8.94
C HIS B 141 31.25 3.86 8.54
N HIS B 142 32.07 3.85 7.50
CA HIS B 142 32.75 5.06 7.05
C HIS B 142 32.97 4.96 5.54
N ARG B 143 32.59 6.02 4.82
CA ARG B 143 32.65 6.02 3.36
C ARG B 143 33.66 7.06 2.89
N ILE B 144 34.77 6.59 2.33
CA ILE B 144 35.76 7.44 1.70
C ILE B 144 35.62 7.30 0.19
N ALA B 145 35.64 8.41 -0.53
CA ALA B 145 35.46 8.41 -1.97
C ALA B 145 36.57 9.21 -2.64
N ALA B 146 37.02 8.71 -3.79
CA ALA B 146 37.97 9.43 -4.61
C ALA B 146 37.25 10.51 -5.43
N ASP B 147 38.01 11.50 -5.86
CA ASP B 147 37.47 12.66 -6.58
C ASP B 147 37.89 12.65 -8.05
N VAL B 148 37.93 11.46 -8.66
CA VAL B 148 38.28 11.38 -10.07
C VAL B 148 37.10 11.87 -10.92
N LYS B 149 37.41 12.24 -12.16
CA LYS B 149 36.40 12.80 -13.05
C LYS B 149 35.35 11.75 -13.40
N GLY B 150 34.09 12.18 -13.47
CA GLY B 150 33.00 11.32 -13.87
C GLY B 150 32.41 10.45 -12.78
N SER B 151 33.05 10.35 -11.62
CA SER B 151 32.54 9.49 -10.55
C SER B 151 31.20 10.02 -10.04
N GLN B 152 30.25 9.10 -9.85
CA GLN B 152 28.90 9.47 -9.45
C GLN B 152 28.38 8.51 -8.39
N LEU B 153 27.51 9.03 -7.54
CA LEU B 153 26.88 8.25 -6.47
C LEU B 153 25.39 8.58 -6.43
N GLY B 154 24.58 7.56 -6.19
CA GLY B 154 23.16 7.77 -6.10
C GLY B 154 22.40 6.45 -6.14
N LEU B 155 21.08 6.58 -6.03
CA LEU B 155 20.15 5.45 -6.08
C LEU B 155 19.15 5.74 -7.20
N PRO B 156 19.49 5.42 -8.44
CA PRO B 156 18.66 5.82 -9.59
C PRO B 156 17.60 4.79 -10.01
N GLU B 157 17.39 3.71 -9.27
CA GLU B 157 16.50 2.66 -9.76
C GLU B 157 15.03 3.10 -9.79
N VAL B 158 14.68 4.21 -9.16
CA VAL B 158 13.32 4.74 -9.32
C VAL B 158 13.08 5.14 -10.76
N THR B 159 14.12 5.58 -11.48
CA THR B 159 14.00 5.92 -12.89
C THR B 159 13.76 4.71 -13.77
N LEU B 160 13.92 3.50 -13.24
CA LEU B 160 13.61 2.27 -13.94
C LEU B 160 12.32 1.63 -13.44
N GLY B 161 11.55 2.33 -12.61
CA GLY B 161 10.36 1.75 -12.03
C GLY B 161 10.62 0.81 -10.88
N LEU B 162 11.80 0.90 -10.26
CA LEU B 162 12.20 0.04 -9.15
C LEU B 162 12.36 0.91 -7.91
N LEU B 163 12.90 0.30 -6.86
CA LEU B 163 13.25 1.01 -5.64
C LEU B 163 14.52 0.39 -5.07
N PRO B 164 15.31 1.17 -4.32
CA PRO B 164 16.52 0.59 -3.69
C PRO B 164 16.17 -0.52 -2.71
N GLY B 165 16.27 -1.77 -3.17
CA GLY B 165 15.90 -2.93 -2.39
C GLY B 165 17.04 -3.62 -1.67
N GLY B 166 18.22 -3.02 -1.62
CA GLY B 166 19.34 -3.60 -0.90
C GLY B 166 19.64 -2.86 0.38
N GLY B 167 18.63 -2.18 0.91
CA GLY B 167 18.77 -1.39 2.11
C GLY B 167 18.88 0.11 1.86
N GLY B 168 18.83 0.53 0.59
CA GLY B 168 18.97 1.95 0.30
C GLY B 168 17.89 2.79 0.96
N VAL B 169 16.63 2.35 0.85
CA VAL B 169 15.54 3.08 1.49
C VAL B 169 15.71 3.07 3.00
N THR B 170 15.96 1.90 3.57
CA THR B 170 16.03 1.78 5.02
C THR B 170 17.20 2.57 5.60
N ARG B 171 18.37 2.46 4.98
CA ARG B 171 19.54 3.11 5.56
C ARG B 171 19.55 4.62 5.34
N THR B 172 19.05 5.10 4.20
CA THR B 172 19.02 6.55 3.98
C THR B 172 18.03 7.22 4.90
N VAL B 173 16.88 6.59 5.14
CA VAL B 173 15.91 7.14 6.08
C VAL B 173 16.47 7.12 7.50
N ARG B 174 17.31 6.14 7.81
CA ARG B 174 17.95 6.08 9.12
C ARG B 174 19.05 7.13 9.27
N MET B 175 19.60 7.63 8.17
CA MET B 175 20.67 8.62 8.23
C MET B 175 20.15 10.05 8.18
N PHE B 176 19.04 10.31 7.49
CA PHE B 176 18.59 11.67 7.21
C PHE B 176 17.16 11.96 7.63
N GLY B 177 16.35 10.95 7.94
CA GLY B 177 14.94 11.13 8.17
C GLY B 177 14.13 10.92 6.89
N ILE B 178 12.81 10.91 7.06
CA ILE B 178 11.93 10.58 5.95
C ILE B 178 12.00 11.66 4.86
N GLN B 179 11.67 12.90 5.22
CA GLN B 179 11.56 13.96 4.22
C GLN B 179 12.89 14.21 3.53
N ASN B 180 14.00 14.15 4.28
CA ASN B 180 15.30 14.43 3.68
C ASN B 180 15.74 13.30 2.76
N ALA B 181 15.70 12.06 3.24
CA ALA B 181 16.17 10.94 2.42
C ALA B 181 15.29 10.76 1.19
N PHE B 182 14.02 11.12 1.26
CA PHE B 182 13.13 10.91 0.14
C PHE B 182 13.29 11.99 -0.93
N VAL B 183 13.22 13.26 -0.54
CA VAL B 183 13.23 14.35 -1.50
C VAL B 183 14.54 14.37 -2.27
N SER B 184 15.67 14.25 -1.55
CA SER B 184 16.98 14.41 -2.18
C SER B 184 17.37 13.17 -2.98
N VAL B 185 17.37 12.01 -2.34
CA VAL B 185 18.03 10.84 -2.91
C VAL B 185 17.03 9.91 -3.58
N LEU B 186 16.01 9.49 -2.84
CA LEU B 186 15.21 8.34 -3.25
C LEU B 186 14.17 8.70 -4.31
N ALA B 187 13.51 9.85 -4.19
CA ALA B 187 12.33 10.12 -5.01
C ALA B 187 12.69 10.21 -6.50
N GLN B 188 13.67 11.03 -6.85
CA GLN B 188 14.00 11.28 -8.25
C GLN B 188 15.24 10.55 -8.72
N GLY B 189 15.90 9.80 -7.83
CA GLY B 189 17.10 9.06 -8.21
C GLY B 189 18.24 9.98 -8.58
N THR B 190 18.53 10.93 -7.70
CA THR B 190 19.53 11.94 -8.01
C THR B 190 20.93 11.35 -7.99
N ARG B 191 21.73 11.71 -8.99
CA ARG B 191 23.13 11.31 -9.07
C ARG B 191 24.01 12.49 -8.66
N PHE B 192 25.00 12.21 -7.81
CA PHE B 192 25.82 13.24 -7.20
C PHE B 192 27.28 13.05 -7.60
N LYS B 193 27.98 14.18 -7.75
CA LYS B 193 29.43 14.14 -7.78
C LYS B 193 29.97 13.88 -6.38
N PRO B 194 31.18 13.35 -6.26
CA PRO B 194 31.75 13.09 -4.93
C PRO B 194 31.86 14.35 -4.08
N ALA B 195 31.83 15.54 -4.69
CA ALA B 195 31.80 16.77 -3.91
C ALA B 195 30.46 16.96 -3.23
N LYS B 196 29.37 16.95 -4.00
CA LYS B 196 28.04 17.08 -3.42
C LYS B 196 27.63 15.86 -2.61
N ALA B 197 28.34 14.73 -2.77
CA ALA B 197 28.02 13.54 -1.99
C ALA B 197 28.43 13.71 -0.53
N LYS B 198 29.61 14.32 -0.30
CA LYS B 198 30.05 14.57 1.06
C LYS B 198 29.19 15.62 1.75
N GLU B 199 28.63 16.56 0.98
CA GLU B 199 27.86 17.64 1.56
C GLU B 199 26.60 17.11 2.25
N ILE B 200 25.78 16.36 1.52
CA ILE B 200 24.52 15.91 2.09
C ILE B 200 24.74 14.81 3.12
N GLY B 201 25.75 13.97 2.93
CA GLY B 201 26.08 12.97 3.92
C GLY B 201 26.30 11.57 3.39
N LEU B 202 26.25 11.39 2.07
CA LEU B 202 26.49 10.07 1.51
C LEU B 202 27.95 9.65 1.67
N VAL B 203 28.87 10.61 1.70
CA VAL B 203 30.29 10.34 1.83
C VAL B 203 30.83 11.15 3.01
N ASP B 204 31.83 10.60 3.69
CA ASP B 204 32.42 11.24 4.87
C ASP B 204 33.76 11.89 4.55
N GLU B 205 34.73 11.12 4.06
CA GLU B 205 36.04 11.64 3.72
C GLU B 205 36.22 11.65 2.21
N LEU B 206 37.13 12.53 1.76
CA LEU B 206 37.50 12.62 0.35
C LEU B 206 39.00 12.54 0.20
N VAL B 207 39.44 11.93 -0.91
CA VAL B 207 40.84 11.83 -1.25
C VAL B 207 41.03 12.32 -2.68
N ALA B 208 42.25 12.76 -2.98
CA ALA B 208 42.54 13.35 -4.27
C ALA B 208 42.47 12.32 -5.39
N THR B 209 43.26 11.26 -5.29
CA THR B 209 43.32 10.22 -6.31
C THR B 209 42.95 8.87 -5.70
N VAL B 210 42.70 7.90 -6.58
CA VAL B 210 42.19 6.61 -6.15
C VAL B 210 43.22 5.79 -5.40
N GLU B 211 44.52 6.05 -5.63
CA GLU B 211 45.57 5.27 -4.97
C GLU B 211 45.71 5.59 -3.49
N GLU B 212 44.96 6.57 -2.98
CA GLU B 212 45.00 6.94 -1.57
C GLU B 212 43.86 6.32 -0.77
N LEU B 213 42.96 5.59 -1.41
CA LEU B 213 41.80 5.05 -0.72
C LEU B 213 42.19 3.93 0.24
N VAL B 214 42.83 2.88 -0.29
CA VAL B 214 43.23 1.76 0.57
C VAL B 214 44.14 2.19 1.71
N PRO B 215 45.14 3.08 1.51
CA PRO B 215 45.91 3.55 2.68
C PRO B 215 45.08 4.35 3.67
N ALA B 216 44.20 5.23 3.20
CA ALA B 216 43.41 6.04 4.11
C ALA B 216 42.33 5.23 4.82
N ALA B 217 41.77 4.23 4.15
CA ALA B 217 40.79 3.37 4.80
C ALA B 217 41.42 2.59 5.95
N LYS B 218 42.68 2.18 5.78
CA LYS B 218 43.38 1.55 6.89
C LYS B 218 43.75 2.55 7.97
N ALA B 219 44.02 3.80 7.59
CA ALA B 219 44.37 4.82 8.57
C ALA B 219 43.17 5.18 9.44
N TRP B 220 41.98 5.18 8.86
CA TRP B 220 40.77 5.48 9.62
C TRP B 220 40.36 4.32 10.51
N ILE B 221 40.64 3.09 10.10
CA ILE B 221 40.36 1.93 10.94
C ILE B 221 41.25 1.96 12.18
N LYS B 222 42.49 2.39 12.04
CA LYS B 222 43.39 2.45 13.19
C LYS B 222 43.03 3.61 14.12
N GLU B 223 42.44 4.68 13.58
CA GLU B 223 42.05 5.81 14.40
C GLU B 223 40.75 5.55 15.15
N GLU B 224 39.80 4.88 14.51
CA GLU B 224 38.54 4.56 15.17
C GLU B 224 38.74 3.57 16.31
N LEU B 225 39.58 2.55 16.09
CA LEU B 225 39.85 1.56 17.15
C LEU B 225 40.56 2.17 18.34
N LYS B 226 41.13 3.37 18.18
CA LYS B 226 41.90 4.03 19.24
C LYS B 226 41.07 5.04 20.02
N ALA B 227 40.42 5.97 19.33
CA ALA B 227 39.63 7.01 19.98
C ALA B 227 38.20 6.58 20.27
N ASN B 228 37.83 5.35 19.94
CA ASN B 228 36.47 4.85 20.18
C ASN B 228 36.46 3.33 20.15
N PRO B 229 37.01 2.67 21.17
CA PRO B 229 37.06 1.19 21.15
C PRO B 229 35.71 0.53 21.39
N ASP B 230 34.77 1.21 22.03
CA ASP B 230 33.49 0.59 22.33
C ASP B 230 32.54 0.65 21.14
N GLY B 231 32.36 1.84 20.56
CA GLY B 231 31.50 2.02 19.42
C GLY B 231 32.11 1.61 18.09
N ALA B 232 33.25 0.95 18.10
CA ALA B 232 33.91 0.55 16.86
C ALA B 232 33.04 -0.40 16.07
N GLY B 233 32.63 0.03 14.89
CA GLY B 233 31.81 -0.81 14.03
C GLY B 233 30.37 -0.92 14.46
N VAL B 234 29.82 0.13 15.07
CA VAL B 234 28.44 0.17 15.52
C VAL B 234 27.75 1.35 14.85
N GLN B 235 26.76 1.06 14.02
CA GLN B 235 26.04 2.12 13.33
C GLN B 235 25.23 2.95 14.32
N PRO B 236 24.95 4.22 13.97
CA PRO B 236 24.23 5.08 14.93
C PRO B 236 22.85 4.57 15.29
N TRP B 237 22.13 3.98 14.33
CA TRP B 237 20.79 3.49 14.57
C TRP B 237 20.76 2.17 15.34
N ASP B 238 21.91 1.58 15.61
CA ASP B 238 22.00 0.35 16.39
C ASP B 238 22.34 0.60 17.84
N LYS B 239 22.48 1.85 18.24
CA LYS B 239 22.71 2.21 19.63
C LYS B 239 21.38 2.52 20.31
N LYS B 240 21.38 2.40 21.64
CA LYS B 240 20.13 2.42 22.39
C LYS B 240 19.42 3.77 22.26
N GLY B 241 20.16 4.87 22.39
CA GLY B 241 19.56 6.18 22.43
C GLY B 241 19.21 6.79 21.09
N TYR B 242 19.24 6.02 20.01
CA TYR B 242 19.06 6.57 18.67
C TYR B 242 17.65 7.12 18.48
N LYS B 243 17.57 8.36 18.03
CA LYS B 243 16.34 8.94 17.51
C LYS B 243 16.53 9.28 16.04
N MET B 244 15.45 9.20 15.28
CA MET B 244 15.59 9.46 13.85
C MET B 244 15.51 10.96 13.58
N PRO B 245 16.33 11.47 12.66
CA PRO B 245 16.26 12.89 12.31
C PRO B 245 14.89 13.27 11.78
N GLY B 246 14.39 14.42 12.23
CA GLY B 246 13.09 14.89 11.82
C GLY B 246 11.91 14.16 12.43
N GLY B 247 12.16 13.27 13.38
CA GLY B 247 11.10 12.54 14.04
C GLY B 247 10.58 11.38 13.20
N THR B 248 9.89 10.46 13.88
CA THR B 248 9.31 9.30 13.23
C THR B 248 7.87 9.59 12.82
N PRO B 249 7.16 8.61 12.28
CA PRO B 249 5.76 8.87 11.86
C PRO B 249 4.78 8.72 13.02
N SER B 250 5.25 8.94 14.24
CA SER B 250 4.41 8.86 15.42
C SER B 250 5.06 9.60 16.60
N LEU B 258 -2.11 10.75 2.90
CA LEU B 258 -1.21 10.54 4.02
C LEU B 258 -0.97 11.86 4.78
N PRO B 259 -0.62 11.75 6.07
CA PRO B 259 -0.31 12.98 6.83
C PRO B 259 0.89 13.74 6.27
N SER B 260 1.99 13.04 5.99
CA SER B 260 3.19 13.68 5.46
C SER B 260 3.13 13.88 3.95
N PHE B 261 1.95 13.75 3.35
CA PHE B 261 1.79 13.88 1.90
C PHE B 261 2.38 15.16 1.33
N PRO B 262 2.13 16.36 1.89
CA PRO B 262 2.72 17.57 1.31
C PRO B 262 4.23 17.68 1.58
N SER B 263 5.03 16.98 0.78
CA SER B 263 6.48 17.12 0.87
C SER B 263 6.96 18.32 0.06
N ASN B 264 6.72 18.31 -1.25
CA ASN B 264 7.11 19.39 -2.14
C ASN B 264 6.26 19.31 -3.40
N LEU B 265 6.05 20.45 -4.04
CA LEU B 265 5.10 20.53 -5.15
C LEU B 265 5.51 19.63 -6.31
N ARG B 266 6.80 19.53 -6.59
CA ARG B 266 7.25 18.75 -7.75
C ARG B 266 7.00 17.27 -7.54
N LYS B 267 7.29 16.75 -6.34
CA LYS B 267 7.16 15.33 -6.05
C LYS B 267 5.77 14.95 -5.55
N GLN B 268 4.75 15.78 -5.85
CA GLN B 268 3.40 15.49 -5.39
C GLN B 268 2.74 14.32 -6.12
N LEU B 269 3.39 13.72 -7.11
CA LEU B 269 2.86 12.54 -7.77
C LEU B 269 3.04 11.33 -6.86
N LYS B 270 1.94 10.63 -6.56
CA LYS B 270 1.96 9.52 -5.60
C LYS B 270 1.15 8.36 -6.15
N GLY B 271 1.83 7.45 -6.84
CA GLY B 271 1.27 6.17 -7.24
C GLY B 271 -0.01 6.20 -8.04
N ALA B 272 0.01 6.84 -9.21
CA ALA B 272 -1.17 6.71 -10.07
C ALA B 272 -0.73 6.10 -11.41
N PRO B 273 0.15 6.73 -12.22
CA PRO B 273 0.67 6.00 -13.39
C PRO B 273 1.91 5.21 -13.03
N MET B 274 2.75 5.78 -12.16
CA MET B 274 3.96 5.13 -11.69
C MET B 274 3.79 4.75 -10.24
N PRO B 275 3.82 3.45 -9.89
CA PRO B 275 3.70 3.07 -8.48
C PRO B 275 5.00 3.22 -7.70
N ALA B 276 6.15 3.26 -8.38
CA ALA B 276 7.42 3.26 -7.68
C ALA B 276 7.62 4.42 -6.72
N PRO B 277 7.28 5.67 -7.04
CA PRO B 277 7.48 6.74 -6.05
C PRO B 277 6.69 6.54 -4.77
N ARG B 278 5.40 6.24 -4.86
CA ARG B 278 4.60 6.02 -3.66
C ARG B 278 5.09 4.79 -2.89
N ALA B 279 5.49 3.74 -3.61
CA ALA B 279 6.02 2.56 -2.94
C ALA B 279 7.27 2.89 -2.13
N ILE B 280 8.12 3.77 -2.66
CA ILE B 280 9.34 4.16 -1.94
C ILE B 280 8.99 4.91 -0.67
N LEU B 281 8.03 5.84 -0.77
CA LEU B 281 7.60 6.58 0.42
C LEU B 281 6.88 5.67 1.40
N ALA B 282 6.07 4.73 0.90
CA ALA B 282 5.35 3.82 1.78
C ALA B 282 6.31 2.90 2.53
N ALA B 283 7.38 2.47 1.86
CA ALA B 283 8.40 1.67 2.53
C ALA B 283 9.16 2.50 3.54
N ALA B 284 9.47 3.75 3.21
CA ALA B 284 10.20 4.61 4.13
C ALA B 284 9.38 4.92 5.38
N VAL B 285 8.10 5.24 5.21
CA VAL B 285 7.27 5.64 6.35
C VAL B 285 7.01 4.43 7.26
N GLU B 286 6.58 3.31 6.69
CA GLU B 286 6.31 2.13 7.50
C GLU B 286 7.56 1.66 8.23
N GLY B 287 8.72 1.77 7.58
CA GLY B 287 9.96 1.35 8.20
C GLY B 287 10.41 2.24 9.34
N ALA B 288 9.94 3.49 9.39
CA ALA B 288 10.35 4.40 10.45
C ALA B 288 9.69 4.07 11.78
N GLN B 289 8.50 3.44 11.73
CA GLN B 289 7.78 3.10 12.95
C GLN B 289 8.30 1.84 13.64
N VAL B 290 9.15 1.07 12.97
CA VAL B 290 9.65 -0.18 13.54
C VAL B 290 11.15 -0.09 13.71
N ASP B 291 11.77 -1.21 14.12
CA ASP B 291 13.22 -1.25 14.24
C ASP B 291 13.86 -1.49 12.87
N PHE B 292 15.19 -1.55 12.84
CA PHE B 292 15.90 -1.60 11.57
C PHE B 292 15.61 -2.88 10.81
N ASP B 293 15.72 -4.04 11.49
CA ASP B 293 15.57 -5.31 10.81
C ASP B 293 14.16 -5.48 10.23
N THR B 294 13.13 -5.07 10.97
CA THR B 294 11.78 -5.14 10.44
C THR B 294 11.59 -4.15 9.30
N ALA B 295 12.23 -2.97 9.38
CA ALA B 295 12.14 -2.01 8.30
C ALA B 295 12.72 -2.57 7.02
N SER B 296 13.85 -3.27 7.12
CA SER B 296 14.47 -3.85 5.93
C SER B 296 13.58 -4.93 5.31
N ARG B 297 12.77 -5.62 6.13
CA ARG B 297 11.90 -6.66 5.59
C ARG B 297 10.67 -6.06 4.93
N ILE B 298 10.20 -4.90 5.40
CA ILE B 298 9.14 -4.17 4.72
C ILE B 298 9.65 -3.68 3.37
N GLU B 299 10.89 -3.18 3.35
CA GLU B 299 11.49 -2.69 2.11
C GLU B 299 11.58 -3.77 1.06
N SER B 300 11.90 -5.01 1.47
CA SER B 300 11.94 -6.13 0.53
C SER B 300 10.54 -6.49 0.04
N ARG B 301 9.52 -6.23 0.85
CA ARG B 301 8.15 -6.55 0.47
C ARG B 301 7.67 -5.65 -0.66
N TYR B 302 8.05 -4.38 -0.63
CA TYR B 302 7.68 -3.46 -1.69
C TYR B 302 8.57 -3.64 -2.92
N PHE B 303 9.83 -4.02 -2.73
CA PHE B 303 10.71 -4.27 -3.87
C PHE B 303 10.19 -5.42 -4.72
N ALA B 304 9.87 -6.54 -4.09
CA ALA B 304 9.36 -7.69 -4.84
C ALA B 304 8.04 -7.38 -5.53
N SER B 305 7.29 -6.40 -5.01
CA SER B 305 6.02 -6.03 -5.62
C SER B 305 6.22 -5.21 -6.88
N LEU B 306 7.19 -4.30 -6.90
CA LEU B 306 7.42 -3.45 -8.06
C LEU B 306 8.13 -4.20 -9.17
N VAL B 307 9.14 -5.00 -8.83
CA VAL B 307 9.97 -5.63 -9.84
C VAL B 307 9.18 -6.63 -10.68
N THR B 308 8.22 -7.32 -10.06
CA THR B 308 7.40 -8.26 -10.81
C THR B 308 6.29 -7.55 -11.60
N GLY B 309 6.09 -6.25 -11.36
CA GLY B 309 5.05 -5.53 -12.07
C GLY B 309 5.40 -5.22 -13.50
N GLN B 310 4.36 -4.92 -14.28
CA GLN B 310 4.54 -4.67 -15.71
C GLN B 310 5.18 -3.31 -15.96
N VAL B 311 4.93 -2.33 -15.09
CA VAL B 311 5.49 -0.99 -15.27
C VAL B 311 7.01 -1.04 -15.20
N ALA B 312 7.55 -1.77 -14.24
CA ALA B 312 9.01 -1.86 -14.10
C ALA B 312 9.63 -2.51 -15.33
N LYS B 313 8.98 -3.54 -15.88
CA LYS B 313 9.48 -4.14 -17.12
C LYS B 313 9.42 -3.13 -18.26
N ASN B 314 8.38 -2.30 -18.30
CA ASN B 314 8.29 -1.27 -19.33
C ASN B 314 9.42 -0.26 -19.20
N MET B 315 9.71 0.18 -17.97
CA MET B 315 10.74 1.19 -17.77
C MET B 315 12.14 0.60 -17.88
N MET B 316 12.35 -0.61 -17.38
CA MET B 316 13.63 -1.28 -17.60
C MET B 316 13.90 -1.48 -19.08
N GLN B 317 12.85 -1.74 -19.86
CA GLN B 317 13.02 -1.96 -21.30
C GLN B 317 13.42 -0.67 -22.01
N ALA B 318 12.87 0.47 -21.58
CA ALA B 318 13.10 1.73 -22.26
C ALA B 318 14.29 2.50 -21.68
N PHE B 319 14.26 2.77 -20.38
CA PHE B 319 15.25 3.65 -19.77
C PHE B 319 16.55 2.94 -19.42
N PHE B 320 16.64 1.63 -19.62
CA PHE B 320 17.90 0.92 -19.44
C PHE B 320 18.36 0.23 -20.72
N PHE B 321 17.50 -0.59 -21.32
CA PHE B 321 17.94 -1.41 -22.46
C PHE B 321 17.94 -0.61 -23.76
N ASP B 322 16.84 0.08 -24.06
CA ASP B 322 16.75 0.80 -25.33
C ASP B 322 17.72 1.97 -25.39
N LEU B 323 17.98 2.62 -24.26
CA LEU B 323 18.92 3.75 -24.26
C LEU B 323 20.36 3.27 -24.45
N GLN B 324 20.72 2.12 -23.86
CA GLN B 324 22.08 1.61 -24.04
C GLN B 324 22.35 1.30 -25.50
N ALA B 325 21.38 0.73 -26.20
CA ALA B 325 21.59 0.38 -27.60
C ALA B 325 21.73 1.64 -28.46
N ILE B 326 20.93 2.67 -28.18
CA ILE B 326 20.97 3.88 -28.99
C ILE B 326 22.29 4.61 -28.80
N ASN B 327 22.75 4.73 -27.56
CA ASN B 327 24.02 5.39 -27.26
C ASN B 327 25.22 4.49 -27.55
N ALA B 328 25.01 3.27 -28.04
CA ALA B 328 26.10 2.40 -28.46
C ALA B 328 26.07 2.12 -29.96
N GLY B 329 25.30 2.89 -30.73
CA GLY B 329 25.27 2.71 -32.17
C GLY B 329 24.29 1.66 -32.65
N GLY B 330 23.05 1.72 -32.16
CA GLY B 330 22.05 0.77 -32.61
C GLY B 330 21.61 1.01 -34.04
N SER B 331 21.36 2.27 -34.38
CA SER B 331 20.97 2.65 -35.74
C SER B 331 22.14 3.22 -36.53
N ARG B 332 23.31 3.37 -35.91
CA ARG B 332 24.49 3.86 -36.62
C ARG B 332 25.01 2.79 -37.58
N PRO B 333 25.35 3.16 -38.81
CA PRO B 333 25.88 2.16 -39.75
C PRO B 333 27.22 1.62 -39.31
N GLU B 334 27.51 0.40 -39.77
CA GLU B 334 28.69 -0.34 -39.37
C GLU B 334 29.85 -0.08 -40.35
N GLY B 335 31.06 -0.23 -39.84
CA GLY B 335 32.25 -0.15 -40.67
C GLY B 335 32.61 1.24 -41.15
N ILE B 336 32.41 2.25 -40.29
CA ILE B 336 32.72 3.64 -40.63
C ILE B 336 33.49 4.27 -39.48
N GLY B 337 34.55 5.02 -39.82
CA GLY B 337 35.33 5.71 -38.83
C GLY B 337 34.74 7.06 -38.45
N LYS B 338 35.48 7.77 -37.60
CA LYS B 338 35.05 9.07 -37.10
C LYS B 338 35.63 10.18 -37.96
N THR B 339 34.90 11.30 -38.02
CA THR B 339 35.34 12.49 -38.75
C THR B 339 35.10 13.70 -37.85
N PRO B 340 36.13 14.18 -37.15
CA PRO B 340 35.94 15.32 -36.24
C PRO B 340 35.46 16.56 -36.98
N ILE B 341 34.46 17.21 -36.41
CA ILE B 341 33.89 18.42 -36.97
C ILE B 341 34.69 19.61 -36.48
N LYS B 342 35.32 20.33 -37.41
CA LYS B 342 36.17 21.47 -37.05
C LYS B 342 35.37 22.75 -36.85
N ARG B 343 34.54 23.13 -37.82
CA ARG B 343 33.75 24.36 -37.72
C ARG B 343 32.35 24.10 -38.23
N ILE B 344 31.35 24.59 -37.50
CA ILE B 344 29.95 24.39 -37.84
C ILE B 344 29.38 25.72 -38.33
N GLY B 345 28.54 25.65 -39.36
CA GLY B 345 27.83 26.82 -39.85
C GLY B 345 26.33 26.63 -39.81
N VAL B 346 25.62 27.56 -39.16
CA VAL B 346 24.18 27.48 -38.99
C VAL B 346 23.53 28.62 -39.77
N LEU B 347 22.51 28.29 -40.57
CA LEU B 347 21.81 29.25 -41.41
C LEU B 347 20.46 29.54 -40.77
N GLY B 348 20.32 30.72 -40.19
CA GLY B 348 19.11 31.11 -39.49
C GLY B 348 19.37 31.25 -38.00
N ALA B 349 18.77 32.27 -37.40
CA ALA B 349 18.97 32.57 -35.99
C ALA B 349 17.64 32.81 -35.28
N GLY B 350 16.62 32.03 -35.65
CA GLY B 350 15.33 32.10 -35.00
C GLY B 350 15.32 31.36 -33.67
N MET B 351 14.13 30.90 -33.26
CA MET B 351 14.02 30.18 -32.00
C MET B 351 14.72 28.82 -32.06
N MET B 352 14.95 28.29 -33.25
CA MET B 352 15.61 27.00 -33.42
C MET B 352 17.10 27.14 -33.76
N GLY B 353 17.43 28.00 -34.73
CA GLY B 353 18.81 28.14 -35.14
C GLY B 353 19.70 28.71 -34.05
N ALA B 354 19.17 29.64 -33.25
CA ALA B 354 19.97 30.21 -32.17
C ALA B 354 20.27 29.18 -31.10
N GLY B 355 19.29 28.33 -30.77
CA GLY B 355 19.54 27.24 -29.84
C GLY B 355 20.51 26.21 -30.38
N ILE B 356 20.45 25.94 -31.69
CA ILE B 356 21.43 25.04 -32.31
C ILE B 356 22.83 25.60 -32.17
N ALA B 357 22.98 26.93 -32.29
CA ALA B 357 24.27 27.55 -32.05
C ALA B 357 24.69 27.43 -30.59
N TYR B 358 23.72 27.47 -29.67
CA TYR B 358 24.05 27.35 -28.26
C TYR B 358 24.61 25.97 -27.94
N VAL B 359 23.83 24.92 -28.22
CA VAL B 359 24.23 23.57 -27.85
C VAL B 359 25.46 23.10 -28.60
N SER B 360 25.73 23.67 -29.78
CA SER B 360 26.93 23.28 -30.52
C SER B 360 28.18 23.93 -29.92
N ALA B 361 28.11 25.23 -29.64
CA ALA B 361 29.25 25.91 -29.03
C ALA B 361 29.44 25.49 -27.58
N LYS B 362 28.35 25.16 -26.88
CA LYS B 362 28.47 24.64 -25.52
C LYS B 362 29.26 23.35 -25.49
N ALA B 363 29.14 22.52 -26.53
CA ALA B 363 29.89 21.27 -26.62
C ALA B 363 31.34 21.49 -27.05
N GLY B 364 31.68 22.67 -27.58
CA GLY B 364 33.06 22.98 -27.89
C GLY B 364 33.32 23.49 -29.29
N TYR B 365 32.43 23.16 -30.23
CA TYR B 365 32.65 23.49 -31.63
C TYR B 365 32.60 25.00 -31.86
N GLU B 366 33.27 25.44 -32.93
CA GLU B 366 33.18 26.81 -33.40
C GLU B 366 31.99 26.95 -34.32
N VAL B 367 31.13 27.92 -34.04
CA VAL B 367 29.85 28.08 -34.74
C VAL B 367 29.85 29.44 -35.43
N VAL B 368 29.44 29.44 -36.70
CA VAL B 368 29.24 30.66 -37.48
C VAL B 368 27.74 30.78 -37.73
N LEU B 369 27.13 31.80 -37.14
CA LEU B 369 25.68 31.97 -37.13
C LEU B 369 25.30 33.02 -38.17
N LYS B 370 25.01 32.56 -39.38
CA LYS B 370 24.65 33.45 -40.48
C LYS B 370 23.16 33.73 -40.47
N ASP B 371 22.80 34.96 -40.83
CA ASP B 371 21.41 35.37 -40.95
C ASP B 371 21.30 36.31 -42.15
N VAL B 372 20.13 36.95 -42.31
CA VAL B 372 19.92 37.81 -43.47
C VAL B 372 20.77 39.07 -43.38
N SER B 373 20.97 39.59 -42.17
CA SER B 373 21.74 40.80 -41.96
C SER B 373 22.62 40.58 -40.74
N LEU B 374 23.12 41.68 -40.17
CA LEU B 374 23.93 41.62 -38.95
C LEU B 374 23.13 41.92 -37.69
N GLU B 375 22.04 42.68 -37.81
CA GLU B 375 21.19 42.93 -36.64
C GLU B 375 20.46 41.66 -36.21
N ALA B 376 20.02 40.85 -37.18
CA ALA B 376 19.33 39.61 -36.87
C ALA B 376 20.28 38.49 -36.44
N ALA B 377 21.55 38.56 -36.85
CA ALA B 377 22.51 37.55 -36.44
C ALA B 377 22.96 37.75 -35.01
N ALA B 378 23.15 39.00 -34.58
CA ALA B 378 23.56 39.26 -33.21
C ALA B 378 22.46 38.90 -32.21
N LYS B 379 21.21 39.21 -32.54
CA LYS B 379 20.09 38.85 -31.68
C LYS B 379 19.83 37.35 -31.65
N GLY B 380 20.43 36.59 -32.57
CA GLY B 380 20.45 35.14 -32.47
C GLY B 380 21.52 34.71 -31.50
N LYS B 381 22.68 35.36 -31.57
CA LYS B 381 23.70 35.19 -30.53
C LYS B 381 23.21 35.71 -29.19
N GLY B 382 22.36 36.73 -29.20
CA GLY B 382 21.74 37.24 -27.98
C GLY B 382 20.85 36.23 -27.29
N TYR B 383 20.49 35.14 -27.96
CA TYR B 383 19.77 34.06 -27.29
C TYR B 383 20.70 33.23 -26.42
N SER B 384 21.94 33.01 -26.88
CA SER B 384 22.92 32.29 -26.07
C SER B 384 23.43 33.15 -24.92
N GLU B 385 23.55 34.46 -25.13
CA GLU B 385 23.98 35.35 -24.07
C GLU B 385 22.90 35.54 -23.02
N LYS B 386 21.63 35.34 -23.38
CA LYS B 386 20.55 35.44 -22.41
C LYS B 386 20.50 34.22 -21.50
N LEU B 387 20.68 33.02 -22.07
CA LEU B 387 20.65 31.81 -21.26
C LEU B 387 21.89 31.70 -20.37
N GLU B 388 23.05 32.09 -20.88
CA GLU B 388 24.25 32.09 -20.07
C GLU B 388 24.18 33.12 -18.95
N ALA B 389 23.34 34.14 -19.08
CA ALA B 389 23.12 35.07 -17.97
C ALA B 389 22.36 34.40 -16.83
N LYS B 390 21.49 33.44 -17.14
CA LYS B 390 20.78 32.71 -16.10
C LYS B 390 21.67 31.62 -15.49
N ALA B 391 22.53 31.00 -16.29
CA ALA B 391 23.48 30.04 -15.74
C ALA B 391 24.54 30.74 -14.91
N LEU B 392 24.91 31.97 -15.29
CA LEU B 392 25.84 32.76 -14.47
C LEU B 392 25.17 33.23 -13.18
N GLU B 393 23.87 33.55 -13.25
CA GLU B 393 23.18 34.02 -12.05
C GLU B 393 22.92 32.88 -11.07
N ARG B 394 22.48 31.73 -11.58
CA ARG B 394 22.20 30.57 -10.75
C ARG B 394 23.45 29.73 -10.46
N GLY B 395 24.62 30.17 -10.90
CA GLY B 395 25.85 29.49 -10.57
C GLY B 395 26.03 28.14 -11.23
N ARG B 396 25.26 27.85 -12.27
CA ARG B 396 25.40 26.56 -12.94
C ARG B 396 26.67 26.48 -13.76
N THR B 397 27.18 27.62 -14.23
CA THR B 397 28.45 27.67 -14.95
C THR B 397 29.24 28.88 -14.46
N THR B 398 30.55 28.84 -14.71
CA THR B 398 31.44 29.90 -14.27
C THR B 398 31.61 30.95 -15.36
N GLN B 399 32.25 32.06 -15.00
CA GLN B 399 32.43 33.15 -15.93
C GLN B 399 33.48 32.82 -16.99
N GLU B 400 34.48 32.00 -16.64
CA GLU B 400 35.53 31.64 -17.59
C GLU B 400 34.98 30.85 -18.77
N ARG B 401 33.92 30.05 -18.53
CA ARG B 401 33.25 29.30 -19.58
C ARG B 401 32.20 30.14 -20.31
N SER B 402 31.49 31.00 -19.57
CA SER B 402 30.48 31.84 -20.20
C SER B 402 31.08 32.77 -21.23
N ASP B 403 32.27 33.32 -20.95
CA ASP B 403 32.95 34.15 -21.93
C ASP B 403 33.46 33.30 -23.09
N ALA B 404 34.01 32.12 -22.80
CA ALA B 404 34.52 31.26 -23.86
C ALA B 404 33.41 30.67 -24.71
N LEU B 405 32.22 30.47 -24.13
CA LEU B 405 31.12 29.90 -24.89
C LEU B 405 30.61 30.88 -25.94
N LEU B 406 30.36 32.13 -25.54
CA LEU B 406 29.86 33.12 -26.49
C LEU B 406 30.91 33.46 -27.55
N ALA B 407 32.19 33.36 -27.20
CA ALA B 407 33.24 33.67 -28.16
C ALA B 407 33.32 32.67 -29.29
N ARG B 408 32.75 31.47 -29.11
CA ARG B 408 32.73 30.46 -30.15
C ARG B 408 31.54 30.59 -31.09
N ILE B 409 30.70 31.61 -30.89
CA ILE B 409 29.56 31.89 -31.77
C ILE B 409 29.89 33.14 -32.55
N THR B 410 30.08 32.99 -33.86
CA THR B 410 30.47 34.10 -34.73
C THR B 410 29.29 34.50 -35.62
N PRO B 411 28.51 35.50 -35.25
CA PRO B 411 27.40 35.92 -36.12
C PRO B 411 27.89 36.72 -37.32
N THR B 412 27.23 36.54 -38.45
CA THR B 412 27.63 37.20 -39.69
C THR B 412 26.47 37.18 -40.67
N ALA B 413 26.69 37.74 -41.86
CA ALA B 413 25.71 37.72 -42.93
C ALA B 413 26.35 37.50 -44.30
N ASP B 414 27.60 37.06 -44.33
CA ASP B 414 28.33 36.86 -45.58
C ASP B 414 28.49 35.36 -45.81
N ALA B 415 28.20 34.92 -47.04
CA ALA B 415 28.33 33.51 -47.39
C ALA B 415 29.79 33.05 -47.37
N ALA B 416 30.74 33.98 -47.56
CA ALA B 416 32.15 33.63 -47.54
C ALA B 416 32.65 33.24 -46.15
N ASP B 417 31.87 33.50 -45.10
CA ASP B 417 32.25 33.08 -43.75
C ASP B 417 32.18 31.57 -43.59
N PHE B 418 31.52 30.87 -44.51
CA PHE B 418 31.46 29.41 -44.49
C PHE B 418 32.68 28.76 -45.12
N LYS B 419 33.76 29.52 -45.34
CA LYS B 419 34.99 28.94 -45.85
C LYS B 419 35.59 28.03 -44.80
N GLY B 420 35.82 26.76 -45.16
CA GLY B 420 36.33 25.77 -44.23
C GLY B 420 35.28 25.10 -43.38
N VAL B 421 34.02 25.53 -43.44
CA VAL B 421 32.96 24.88 -42.69
C VAL B 421 32.71 23.48 -43.25
N ASP B 422 32.55 22.50 -42.35
CA ASP B 422 32.32 21.12 -42.74
C ASP B 422 30.99 20.57 -42.25
N PHE B 423 30.17 21.38 -41.59
CA PHE B 423 28.88 20.91 -41.06
C PHE B 423 27.90 22.07 -41.11
N VAL B 424 26.90 21.96 -41.98
CA VAL B 424 25.90 23.00 -42.19
C VAL B 424 24.59 22.58 -41.56
N ILE B 425 23.93 23.50 -40.87
CA ILE B 425 22.63 23.26 -40.24
C ILE B 425 21.70 24.40 -40.63
N GLU B 426 20.74 24.12 -41.51
CA GLU B 426 19.81 25.12 -41.99
C GLU B 426 18.58 25.20 -41.09
N ALA B 427 18.10 26.42 -40.86
CA ALA B 427 16.89 26.63 -40.07
C ALA B 427 16.18 27.94 -40.44
N VAL B 428 15.73 28.04 -41.69
CA VAL B 428 15.05 29.24 -42.18
C VAL B 428 13.54 29.01 -42.17
N PHE B 429 12.82 29.71 -43.02
CA PHE B 429 11.37 29.58 -43.05
C PHE B 429 10.96 28.26 -43.70
N GLU B 430 9.67 27.93 -43.58
CA GLU B 430 9.11 26.69 -44.11
C GLU B 430 8.73 26.87 -45.58
N ASN B 431 9.76 26.91 -46.42
CA ASN B 431 9.59 27.05 -47.86
C ASN B 431 10.65 26.24 -48.57
N GLN B 432 10.21 25.30 -49.41
CA GLN B 432 11.16 24.49 -50.18
C GLN B 432 11.95 25.36 -51.15
N GLU B 433 11.29 26.33 -51.78
CA GLU B 433 11.98 27.22 -52.72
C GLU B 433 13.06 28.03 -52.02
N LEU B 434 12.82 28.44 -50.77
CA LEU B 434 13.79 29.26 -50.06
C LEU B 434 15.04 28.46 -49.69
N LYS B 435 14.88 27.17 -49.40
CA LYS B 435 16.01 26.37 -48.95
C LYS B 435 16.93 25.96 -50.10
N HIS B 436 16.39 25.85 -51.32
CA HIS B 436 17.24 25.58 -52.47
C HIS B 436 18.21 26.73 -52.72
N LYS B 437 17.76 27.95 -52.50
CA LYS B 437 18.62 29.12 -52.69
C LYS B 437 19.69 29.20 -51.61
N VAL B 438 19.30 29.01 -50.34
CA VAL B 438 20.24 29.19 -49.24
C VAL B 438 21.38 28.18 -49.33
N PHE B 439 21.07 26.93 -49.67
CA PHE B 439 22.12 25.94 -49.85
C PHE B 439 22.92 26.18 -51.12
N GLY B 440 22.27 26.69 -52.17
CA GLY B 440 22.99 26.95 -53.41
C GLY B 440 24.04 28.02 -53.27
N GLU B 441 23.80 29.02 -52.41
CA GLU B 441 24.76 30.09 -52.18
C GLU B 441 25.91 29.67 -51.28
N ILE B 442 25.89 28.44 -50.76
CA ILE B 442 26.88 28.04 -49.76
C ILE B 442 27.60 26.76 -50.10
N GLU B 443 27.07 25.89 -50.97
CA GLU B 443 27.66 24.57 -51.16
C GLU B 443 29.00 24.61 -51.89
N ASP B 444 29.25 25.65 -52.68
CA ASP B 444 30.55 25.82 -53.32
C ASP B 444 31.57 26.48 -52.40
N ILE B 445 31.13 27.05 -51.28
CA ILE B 445 32.03 27.76 -50.37
C ILE B 445 32.55 26.84 -49.27
N VAL B 446 31.71 25.94 -48.76
CA VAL B 446 32.11 25.01 -47.72
C VAL B 446 33.06 23.97 -48.29
N GLU B 447 33.61 23.13 -47.41
CA GLU B 447 34.54 22.10 -47.83
C GLU B 447 33.84 21.09 -48.73
N PRO B 448 34.61 20.33 -49.53
CA PRO B 448 33.98 19.27 -50.34
C PRO B 448 33.28 18.22 -49.50
N ASN B 449 33.93 17.71 -48.45
CA ASN B 449 33.32 16.74 -47.56
C ASN B 449 32.64 17.47 -46.39
N ALA B 450 31.55 18.15 -46.73
CA ALA B 450 30.79 18.94 -45.76
C ALA B 450 29.36 18.44 -45.68
N ILE B 451 28.86 18.32 -44.45
CA ILE B 451 27.50 17.86 -44.23
C ILE B 451 26.53 19.01 -44.44
N LEU B 452 25.47 18.76 -45.19
CA LEU B 452 24.42 19.75 -45.46
C LEU B 452 23.15 19.30 -44.76
N GLY B 453 22.91 19.82 -43.56
CA GLY B 453 21.77 19.45 -42.76
C GLY B 453 20.63 20.46 -42.86
N SER B 454 19.41 19.94 -42.73
CA SER B 454 18.20 20.76 -42.77
C SER B 454 17.31 20.42 -41.58
N ASN B 455 16.69 21.45 -41.01
CA ASN B 455 15.87 21.31 -39.81
C ASN B 455 14.39 21.38 -40.13
N THR B 456 13.95 20.77 -41.24
CA THR B 456 12.55 20.78 -41.58
C THR B 456 11.77 19.82 -40.70
N SER B 457 10.48 20.11 -40.53
CA SER B 457 9.57 19.25 -39.81
C SER B 457 8.40 18.75 -40.66
N THR B 458 8.32 19.17 -41.92
CA THR B 458 7.24 18.77 -42.80
C THR B 458 7.74 18.49 -44.21
N LEU B 459 8.64 19.33 -44.71
CA LEU B 459 9.07 19.23 -46.09
C LEU B 459 9.86 17.93 -46.33
N PRO B 460 9.64 17.25 -47.45
CA PRO B 460 10.35 16.00 -47.71
C PRO B 460 11.85 16.22 -47.87
N ILE B 461 12.62 15.30 -47.29
CA ILE B 461 14.08 15.44 -47.31
C ILE B 461 14.62 15.17 -48.71
N THR B 462 14.10 14.16 -49.39
CA THR B 462 14.61 13.82 -50.72
C THR B 462 14.37 14.95 -51.71
N GLY B 463 13.22 15.63 -51.60
CA GLY B 463 12.95 16.74 -52.48
C GLY B 463 13.87 17.93 -52.24
N LEU B 464 14.14 18.23 -50.97
CA LEU B 464 15.07 19.32 -50.66
C LEU B 464 16.49 19.01 -51.07
N ALA B 465 16.84 17.72 -51.22
CA ALA B 465 18.18 17.37 -51.67
C ALA B 465 18.40 17.70 -53.14
N THR B 466 17.32 17.92 -53.90
CA THR B 466 17.45 18.20 -55.33
C THR B 466 18.08 19.55 -55.63
N GLY B 467 18.28 20.40 -54.61
CA GLY B 467 18.83 21.72 -54.84
C GLY B 467 20.30 21.85 -54.46
N VAL B 468 21.00 20.73 -54.37
CA VAL B 468 22.43 20.73 -54.07
C VAL B 468 23.13 19.75 -55.02
N LYS B 469 24.41 20.01 -55.27
CA LYS B 469 25.19 19.11 -56.11
C LYS B 469 25.46 17.79 -55.40
N ARG B 470 25.93 17.84 -54.16
CA ARG B 470 26.22 16.64 -53.37
C ARG B 470 24.96 16.25 -52.62
N GLN B 471 24.13 15.44 -53.27
CA GLN B 471 22.93 14.90 -52.63
C GLN B 471 23.24 13.82 -51.61
N GLU B 472 24.43 13.23 -51.67
CA GLU B 472 24.81 12.21 -50.71
C GLU B 472 24.95 12.78 -49.30
N ASP B 473 25.41 14.01 -49.18
CA ASP B 473 25.68 14.63 -47.90
C ASP B 473 24.53 15.49 -47.38
N PHE B 474 23.40 15.54 -48.10
CA PHE B 474 22.24 16.30 -47.66
C PHE B 474 21.38 15.41 -46.77
N ILE B 475 21.32 15.74 -45.48
CA ILE B 475 20.61 14.94 -44.49
C ILE B 475 19.65 15.85 -43.73
N GLY B 476 18.68 15.22 -43.07
CA GLY B 476 17.74 15.93 -42.23
C GLY B 476 18.13 15.81 -40.78
N ILE B 477 18.17 16.96 -40.10
CA ILE B 477 18.55 17.03 -38.68
C ILE B 477 17.46 17.85 -38.00
N HIS B 478 16.54 17.17 -37.31
CA HIS B 478 15.36 17.79 -36.73
C HIS B 478 15.54 17.93 -35.22
N PHE B 479 15.54 19.17 -34.74
CA PHE B 479 15.60 19.47 -33.32
C PHE B 479 14.19 19.75 -32.80
N PHE B 480 14.10 20.01 -31.50
CA PHE B 480 12.83 20.27 -30.83
C PHE B 480 12.95 21.49 -29.94
N SER B 481 11.88 22.31 -29.89
CA SER B 481 11.87 23.56 -29.13
C SER B 481 11.44 23.30 -27.69
N PRO B 482 12.12 23.89 -26.69
CA PRO B 482 13.35 24.68 -26.86
C PRO B 482 14.59 23.78 -27.00
N VAL B 483 15.55 24.20 -27.83
CA VAL B 483 16.64 23.33 -28.21
C VAL B 483 17.55 23.01 -27.02
N ASP B 484 17.74 23.99 -26.13
CA ASP B 484 18.67 23.79 -25.01
C ASP B 484 18.18 22.71 -24.05
N LYS B 485 16.87 22.49 -23.97
CA LYS B 485 16.30 21.52 -23.05
C LYS B 485 15.94 20.20 -23.71
N MET B 486 15.39 20.23 -24.92
CA MET B 486 14.92 19.00 -25.56
C MET B 486 16.10 18.09 -25.88
N PRO B 487 16.04 16.81 -25.50
CA PRO B 487 17.18 15.92 -25.69
C PRO B 487 17.15 15.06 -26.95
N LEU B 488 16.12 15.18 -27.78
CA LEU B 488 15.97 14.33 -28.95
C LEU B 488 16.32 15.08 -30.22
N VAL B 489 16.95 14.37 -31.16
CA VAL B 489 17.24 14.86 -32.49
C VAL B 489 16.77 13.81 -33.48
N GLU B 490 15.83 14.18 -34.35
CA GLU B 490 15.25 13.24 -35.31
C GLU B 490 16.02 13.34 -36.61
N ILE B 491 16.93 12.39 -36.83
CA ILE B 491 17.74 12.38 -38.05
C ILE B 491 16.95 11.69 -39.16
N ILE B 492 16.76 12.41 -40.27
CA ILE B 492 15.93 11.95 -41.38
C ILE B 492 16.83 11.69 -42.59
N LYS B 493 16.83 10.47 -43.08
CA LYS B 493 17.64 10.07 -44.22
C LYS B 493 16.80 10.10 -45.48
N GLY B 494 17.26 10.85 -46.48
CA GLY B 494 16.61 10.86 -47.78
C GLY B 494 16.96 9.64 -48.61
N GLU B 495 16.42 9.61 -49.82
CA GLU B 495 16.70 8.51 -50.73
C GLU B 495 18.11 8.58 -51.30
N LYS B 496 18.72 9.76 -51.33
CA LYS B 496 20.06 9.95 -51.85
C LYS B 496 21.12 10.02 -50.76
N THR B 497 20.73 10.09 -49.49
CA THR B 497 21.68 10.26 -48.41
C THR B 497 22.56 9.01 -48.26
N SER B 498 23.86 9.21 -48.15
CA SER B 498 24.79 8.12 -47.97
C SER B 498 24.86 7.71 -46.50
N ASP B 499 25.33 6.49 -46.27
CA ASP B 499 25.44 5.97 -44.91
C ASP B 499 26.63 6.55 -44.16
N GLU B 500 27.66 7.03 -44.87
CA GLU B 500 28.81 7.63 -44.22
C GLU B 500 28.52 9.04 -43.73
N ALA B 501 27.50 9.70 -44.28
CA ALA B 501 27.11 11.01 -43.78
C ALA B 501 26.18 10.88 -42.59
N LEU B 502 25.30 9.87 -42.61
CA LEU B 502 24.44 9.61 -41.47
C LEU B 502 25.26 9.34 -40.22
N ALA B 503 26.37 8.62 -40.36
CA ALA B 503 27.22 8.34 -39.21
C ALA B 503 27.89 9.60 -38.67
N ARG B 504 28.26 10.52 -39.57
CA ARG B 504 28.89 11.76 -39.14
C ARG B 504 27.92 12.62 -38.33
N VAL B 505 26.65 12.66 -38.74
CA VAL B 505 25.64 13.36 -37.95
C VAL B 505 25.38 12.61 -36.64
N PHE B 506 25.43 11.28 -36.68
CA PHE B 506 25.18 10.49 -35.49
C PHE B 506 26.19 10.80 -34.40
N ASP B 507 27.45 11.02 -34.77
CA ASP B 507 28.46 11.36 -33.79
C ASP B 507 28.27 12.78 -33.27
N TYR B 508 27.84 13.69 -34.15
CA TYR B 508 27.59 15.07 -33.73
C TYR B 508 26.48 15.14 -32.69
N THR B 509 25.43 14.33 -32.87
CA THR B 509 24.32 14.34 -31.93
C THR B 509 24.77 13.88 -30.55
N LEU B 510 25.58 12.82 -30.49
CA LEU B 510 26.14 12.40 -29.22
C LEU B 510 27.23 13.34 -28.72
N ALA B 511 27.86 14.11 -29.61
CA ALA B 511 28.86 15.08 -29.17
C ALA B 511 28.23 16.24 -28.40
N ILE B 512 26.97 16.58 -28.73
CA ILE B 512 26.31 17.73 -28.09
C ILE B 512 25.42 17.21 -26.97
N GLY B 513 25.59 15.92 -26.65
CA GLY B 513 24.90 15.29 -25.55
C GLY B 513 23.41 15.17 -25.74
N LYS B 514 22.97 14.55 -26.84
CA LYS B 514 21.58 14.33 -27.10
C LYS B 514 21.38 12.91 -27.63
N THR B 515 20.12 12.50 -27.76
CA THR B 515 19.79 11.15 -28.18
C THR B 515 19.35 11.17 -29.64
N PRO B 516 20.02 10.42 -30.52
CA PRO B 516 19.62 10.43 -31.93
C PRO B 516 18.71 9.27 -32.31
N ILE B 517 17.81 9.51 -33.26
CA ILE B 517 17.00 8.46 -33.86
C ILE B 517 17.03 8.64 -35.37
N VAL B 518 17.09 7.53 -36.10
CA VAL B 518 17.22 7.55 -37.54
C VAL B 518 15.87 7.23 -38.18
N VAL B 519 15.42 8.11 -39.07
CA VAL B 519 14.12 8.01 -39.71
C VAL B 519 14.29 8.10 -41.22
N ASN B 520 13.49 7.34 -41.96
CA ASN B 520 13.48 7.41 -43.41
C ASN B 520 12.48 8.47 -43.88
N ASP B 521 12.70 8.96 -45.10
CA ASP B 521 11.92 10.07 -45.63
C ASP B 521 10.48 9.63 -45.88
N SER B 522 9.55 10.22 -45.12
CA SER B 522 8.12 9.96 -45.29
C SER B 522 7.37 11.14 -44.70
N ARG B 523 6.18 11.42 -45.24
CA ARG B 523 5.41 12.56 -44.79
C ARG B 523 5.08 12.43 -43.31
N GLY B 524 5.42 13.47 -42.53
CA GLY B 524 5.24 13.45 -41.11
C GLY B 524 6.43 12.90 -40.33
N PHE B 525 7.37 12.25 -41.01
CA PHE B 525 8.55 11.63 -40.39
C PHE B 525 8.05 10.62 -39.37
N PHE B 526 8.42 10.73 -38.09
CA PHE B 526 7.87 9.87 -37.05
C PHE B 526 7.26 10.67 -35.91
N THR B 527 7.95 11.70 -35.42
CA THR B 527 7.46 12.46 -34.28
C THR B 527 6.20 13.25 -34.63
N SER B 528 6.26 14.05 -35.70
CA SER B 528 5.11 14.86 -36.08
C SER B 528 3.91 13.98 -36.45
N ARG B 529 4.17 12.86 -37.13
CA ARG B 529 3.09 11.99 -37.59
C ARG B 529 2.36 11.36 -36.42
N VAL B 530 3.10 10.78 -35.47
CA VAL B 530 2.47 10.07 -34.36
C VAL B 530 1.85 11.05 -33.36
N ILE B 531 2.46 12.24 -33.20
CA ILE B 531 1.90 13.20 -32.27
C ILE B 531 0.60 13.79 -32.82
N GLY B 532 0.43 13.79 -34.14
CA GLY B 532 -0.81 14.27 -34.72
C GLY B 532 -2.00 13.42 -34.34
N THR B 533 -1.85 12.09 -34.47
CA THR B 533 -2.93 11.18 -34.11
C THR B 533 -3.34 11.35 -32.65
N PHE B 534 -2.41 11.74 -31.78
CA PHE B 534 -2.76 12.01 -30.39
C PHE B 534 -3.66 13.23 -30.28
N VAL B 535 -3.17 14.41 -30.69
CA VAL B 535 -3.95 15.63 -30.58
C VAL B 535 -5.18 15.61 -31.47
N ASN B 536 -5.16 14.79 -32.54
CA ASN B 536 -6.33 14.68 -33.40
C ASN B 536 -7.42 13.81 -32.78
N GLU B 537 -7.05 12.88 -31.89
CA GLU B 537 -8.05 12.07 -31.20
C GLU B 537 -8.83 12.92 -30.20
N ALA B 538 -8.11 13.72 -29.40
CA ALA B 538 -8.77 14.56 -28.40
C ALA B 538 -9.68 15.59 -29.06
N LEU B 539 -9.21 16.20 -30.16
CA LEU B 539 -10.05 17.17 -30.85
C LEU B 539 -11.27 16.50 -31.46
N ALA B 540 -11.11 15.28 -31.96
CA ALA B 540 -12.26 14.51 -32.44
C ALA B 540 -13.23 14.22 -31.30
N MET B 541 -12.71 13.96 -30.10
CA MET B 541 -13.58 13.78 -28.94
C MET B 541 -14.38 15.06 -28.66
N LEU B 542 -13.72 16.21 -28.79
CA LEU B 542 -14.40 17.48 -28.55
C LEU B 542 -15.53 17.69 -29.54
N GLY B 543 -15.30 17.38 -30.82
CA GLY B 543 -16.33 17.53 -31.82
C GLY B 543 -17.48 16.56 -31.68
N GLU B 544 -17.31 15.50 -30.89
CA GLU B 544 -18.36 14.53 -30.64
C GLU B 544 -19.24 14.91 -29.46
N GLY B 545 -18.84 15.90 -28.67
CA GLY B 545 -19.60 16.34 -27.52
C GLY B 545 -19.01 15.99 -26.17
N VAL B 546 -17.80 15.44 -26.13
CA VAL B 546 -17.18 15.08 -24.86
C VAL B 546 -16.76 16.34 -24.12
N GLU B 547 -16.96 16.34 -22.80
CA GLU B 547 -16.64 17.49 -21.98
C GLU B 547 -15.16 17.84 -22.11
N PRO B 548 -14.82 19.12 -22.33
CA PRO B 548 -13.40 19.47 -22.48
C PRO B 548 -12.57 19.19 -21.24
N ALA B 549 -13.14 19.45 -20.05
CA ALA B 549 -12.42 19.17 -18.81
C ALA B 549 -12.13 17.68 -18.66
N SER B 550 -13.01 16.82 -19.16
CA SER B 550 -12.74 15.38 -19.13
C SER B 550 -11.62 15.00 -20.07
N ILE B 551 -11.51 15.68 -21.22
CA ILE B 551 -10.42 15.41 -22.15
C ILE B 551 -9.07 15.69 -21.48
N GLU B 552 -8.97 16.82 -20.77
CA GLU B 552 -7.73 17.14 -20.07
C GLU B 552 -7.53 16.22 -18.87
N GLN B 553 -8.62 15.83 -18.21
CA GLN B 553 -8.51 14.88 -17.11
C GLN B 553 -8.01 13.53 -17.59
N ALA B 554 -8.58 13.04 -18.69
CA ALA B 554 -8.12 11.77 -19.26
C ALA B 554 -6.66 11.86 -19.69
N GLY B 555 -6.26 12.99 -20.27
CA GLY B 555 -4.87 13.13 -20.70
C GLY B 555 -3.88 13.06 -19.55
N SER B 556 -4.23 13.68 -18.42
CA SER B 556 -3.35 13.65 -17.26
C SER B 556 -3.27 12.24 -16.67
N GLN B 557 -4.42 11.58 -16.52
CA GLN B 557 -4.43 10.23 -15.95
C GLN B 557 -3.66 9.25 -16.83
N ALA B 558 -3.67 9.46 -18.14
CA ALA B 558 -2.89 8.60 -19.02
C ALA B 558 -1.38 8.77 -18.78
N GLY B 559 -0.95 9.88 -18.20
CA GLY B 559 0.45 10.12 -17.95
C GLY B 559 1.15 11.07 -18.89
N TYR B 560 0.41 11.80 -19.73
CA TYR B 560 1.04 12.77 -20.61
C TYR B 560 1.58 13.95 -19.79
N PRO B 561 2.73 14.52 -20.16
CA PRO B 561 3.23 15.68 -19.43
C PRO B 561 2.40 16.93 -19.65
N ALA B 562 1.72 17.04 -20.79
CA ALA B 562 0.84 18.17 -21.07
C ALA B 562 -0.44 17.62 -21.70
N PRO B 563 -1.60 17.99 -21.18
CA PRO B 563 -2.87 17.51 -21.75
C PRO B 563 -3.01 17.94 -23.21
N PRO B 564 -3.82 17.23 -23.99
CA PRO B 564 -3.82 17.49 -25.45
C PRO B 564 -4.32 18.87 -25.83
N LEU B 565 -5.39 19.37 -25.20
CA LEU B 565 -5.89 20.69 -25.54
C LEU B 565 -4.87 21.78 -25.17
N GLN B 566 -4.19 21.60 -24.04
CA GLN B 566 -3.08 22.50 -23.71
C GLN B 566 -1.95 22.37 -24.73
N LEU B 567 -1.63 21.15 -25.12
CA LEU B 567 -0.60 20.92 -26.13
C LEU B 567 -1.00 21.48 -27.49
N SER B 568 -2.28 21.33 -27.85
CA SER B 568 -2.76 21.80 -29.15
C SER B 568 -2.70 23.32 -29.29
N ASP B 569 -2.41 24.05 -28.22
CA ASP B 569 -2.28 25.50 -28.32
C ASP B 569 -0.84 25.94 -28.54
N GLU B 570 0.12 25.24 -27.92
CA GLU B 570 1.53 25.52 -28.19
C GLU B 570 1.87 25.17 -29.63
N LEU B 571 1.49 23.98 -30.08
CA LEU B 571 1.49 23.67 -31.50
C LEU B 571 0.43 24.51 -32.18
N ASN B 572 0.85 25.47 -33.00
CA ASN B 572 -0.08 26.48 -33.51
C ASN B 572 -1.17 25.83 -34.36
N LEU B 573 -2.43 26.15 -34.05
CA LEU B 573 -3.56 25.61 -34.79
C LEU B 573 -3.54 26.04 -36.25
N GLU B 574 -3.02 27.25 -36.53
CA GLU B 574 -2.83 27.66 -37.92
C GLU B 574 -1.78 26.83 -38.61
N LEU B 575 -0.80 26.31 -37.86
CA LEU B 575 0.17 25.40 -38.45
C LEU B 575 -0.39 23.99 -38.62
N MET B 576 -1.28 23.56 -37.71
CA MET B 576 -1.96 22.28 -37.91
C MET B 576 -2.91 22.36 -39.09
N HIS B 577 -3.59 23.49 -39.26
CA HIS B 577 -4.46 23.67 -40.41
C HIS B 577 -3.68 23.66 -41.71
N LYS B 578 -2.43 24.14 -41.69
CA LYS B 578 -1.61 24.13 -42.90
C LYS B 578 -1.24 22.71 -43.29
N ILE B 579 -0.89 21.87 -42.32
CA ILE B 579 -0.55 20.47 -42.62
C ILE B 579 -1.76 19.75 -43.20
N ALA B 580 -2.96 20.08 -42.73
CA ALA B 580 -4.16 19.42 -43.22
C ALA B 580 -4.45 19.79 -44.68
N VAL B 581 -4.34 21.07 -45.01
CA VAL B 581 -4.56 21.50 -46.39
C VAL B 581 -3.44 21.01 -47.29
N ALA B 582 -2.21 20.98 -46.78
CA ALA B 582 -1.08 20.51 -47.58
C ALA B 582 -1.20 19.03 -47.88
N THR B 583 -1.54 18.23 -46.86
CA THR B 583 -1.74 16.79 -47.07
C THR B 583 -2.92 16.54 -48.01
N ARG B 584 -3.96 17.37 -47.91
CA ARG B 584 -5.12 17.23 -48.79
C ARG B 584 -4.77 17.62 -50.23
N LYS B 585 -3.96 18.66 -50.40
CA LYS B 585 -3.62 19.12 -51.74
C LYS B 585 -2.78 18.08 -52.49
N GLY B 586 -1.88 17.40 -51.79
CA GLY B 586 -1.08 16.36 -52.42
C GLY B 586 -1.91 15.20 -52.94
N VAL B 587 -3.03 14.92 -52.29
CA VAL B 587 -3.93 13.87 -52.77
C VAL B 587 -4.86 14.41 -53.85
N GLU B 588 -5.36 15.64 -53.68
CA GLU B 588 -6.31 16.19 -54.64
C GLU B 588 -5.65 16.48 -55.98
N ASP B 589 -4.40 16.94 -55.96
CA ASP B 589 -3.71 17.27 -57.21
C ASP B 589 -3.39 16.04 -58.05
N ALA B 590 -3.56 14.84 -57.49
CA ALA B 590 -3.48 13.60 -58.24
C ALA B 590 -4.90 13.16 -58.61
N GLY B 591 -5.09 11.88 -58.87
CA GLY B 591 -6.41 11.38 -59.20
C GLY B 591 -7.05 10.60 -58.06
N GLY B 592 -7.12 11.22 -56.87
CA GLY B 592 -7.66 10.56 -55.70
C GLY B 592 -8.43 11.51 -54.82
N THR B 593 -9.08 10.93 -53.82
CA THR B 593 -9.91 11.66 -52.87
C THR B 593 -9.28 11.61 -51.49
N TYR B 594 -9.23 12.75 -50.81
CA TYR B 594 -8.68 12.84 -49.47
C TYR B 594 -9.76 12.53 -48.45
N GLN B 595 -9.44 11.68 -47.47
CA GLN B 595 -10.38 11.37 -46.39
C GLN B 595 -10.02 12.21 -45.17
N PRO B 596 -10.88 13.14 -44.75
CA PRO B 596 -10.49 14.07 -43.69
C PRO B 596 -10.63 13.43 -42.31
N HIS B 597 -9.60 13.62 -41.49
CA HIS B 597 -9.70 13.26 -40.08
C HIS B 597 -10.73 14.17 -39.41
N PRO B 598 -11.61 13.61 -38.57
CA PRO B 598 -12.68 14.43 -37.99
C PRO B 598 -12.18 15.60 -37.14
N ALA B 599 -10.90 15.58 -36.72
CA ALA B 599 -10.35 16.70 -35.97
C ALA B 599 -10.15 17.94 -36.82
N GLU B 600 -10.01 17.79 -38.14
CA GLU B 600 -9.78 18.94 -39.01
C GLU B 600 -10.95 19.91 -38.96
N ALA B 601 -12.18 19.39 -38.93
CA ALA B 601 -13.34 20.26 -38.82
C ALA B 601 -13.34 21.05 -37.52
N VAL B 602 -12.78 20.46 -36.45
CA VAL B 602 -12.70 21.17 -35.18
C VAL B 602 -11.68 22.30 -35.26
N VAL B 603 -10.55 22.06 -35.92
CA VAL B 603 -9.54 23.10 -36.06
C VAL B 603 -10.08 24.28 -36.87
N GLU B 604 -10.76 23.98 -37.98
CA GLU B 604 -11.33 25.05 -38.80
C GLU B 604 -12.32 25.89 -38.02
N LYS B 605 -13.14 25.25 -37.16
CA LYS B 605 -14.04 26.01 -36.31
C LYS B 605 -13.29 26.89 -35.32
N MET B 606 -12.12 26.42 -34.84
CA MET B 606 -11.30 27.26 -33.96
C MET B 606 -10.65 28.39 -34.73
N ILE B 607 -10.21 28.13 -35.96
CA ILE B 607 -9.65 29.19 -36.80
C ILE B 607 -10.74 30.18 -37.19
N GLU B 608 -11.94 29.68 -37.48
CA GLU B 608 -13.05 30.55 -37.86
C GLU B 608 -13.41 31.50 -36.72
N LEU B 609 -13.31 31.04 -35.47
CA LEU B 609 -13.57 31.89 -34.31
C LEU B 609 -12.42 32.81 -33.99
N GLY B 610 -11.24 32.60 -34.56
CA GLY B 610 -10.09 33.43 -34.28
C GLY B 610 -9.26 32.99 -33.10
N ARG B 611 -9.40 31.74 -32.66
CA ARG B 611 -8.66 31.20 -31.52
C ARG B 611 -7.71 30.13 -32.04
N SER B 612 -6.50 30.54 -32.42
CA SER B 612 -5.54 29.65 -33.06
C SER B 612 -4.47 29.13 -32.11
N GLY B 613 -4.59 29.40 -30.80
CA GLY B 613 -3.68 28.81 -29.84
C GLY B 613 -3.06 29.86 -28.96
N ARG B 614 -1.91 29.49 -28.38
CA ARG B 614 -1.25 30.37 -27.41
C ARG B 614 -0.62 31.58 -28.07
N LEU B 615 -0.07 31.41 -29.29
CA LEU B 615 0.64 32.51 -29.92
C LEU B 615 -0.29 33.67 -30.23
N LYS B 616 -1.53 33.39 -30.65
CA LYS B 616 -2.46 34.45 -30.96
C LYS B 616 -3.04 35.09 -29.70
N GLY B 617 -2.98 34.40 -28.56
CA GLY B 617 -3.56 34.89 -27.33
C GLY B 617 -4.89 34.26 -26.96
N ALA B 618 -5.38 33.32 -27.77
CA ALA B 618 -6.66 32.67 -27.50
C ALA B 618 -6.69 31.34 -28.23
N GLY B 619 -7.12 30.30 -27.53
CA GLY B 619 -7.25 28.98 -28.11
C GLY B 619 -8.25 28.14 -27.36
N PHE B 620 -7.91 26.86 -27.10
CA PHE B 620 -8.75 26.05 -26.22
C PHE B 620 -8.71 26.58 -24.79
N TYR B 621 -7.59 27.17 -24.38
CA TYR B 621 -7.47 27.83 -23.09
C TYR B 621 -7.52 29.34 -23.27
N GLU B 622 -7.73 30.02 -22.15
CA GLU B 622 -7.63 31.48 -22.12
C GLU B 622 -6.20 31.87 -21.77
N TYR B 623 -5.72 32.94 -22.40
CA TYR B 623 -4.33 33.36 -22.26
C TYR B 623 -4.28 34.83 -21.89
N ALA B 624 -3.70 35.13 -20.74
CA ALA B 624 -3.54 36.49 -20.24
C ALA B 624 -2.06 36.74 -19.99
N ASP B 625 -1.50 37.70 -20.72
CA ASP B 625 -0.10 38.09 -20.58
C ASP B 625 0.85 36.91 -20.81
N GLY B 626 0.48 35.99 -21.71
CA GLY B 626 1.35 34.88 -22.06
C GLY B 626 0.98 33.58 -21.38
N LYS B 627 0.70 33.62 -20.09
CA LYS B 627 0.43 32.42 -19.33
C LYS B 627 -0.96 31.89 -19.66
N ARG B 628 -1.28 30.73 -19.08
CA ARG B 628 -2.51 30.01 -19.37
C ARG B 628 -3.48 30.23 -18.22
N SER B 629 -4.73 30.57 -18.55
CA SER B 629 -5.72 31.03 -17.56
C SER B 629 -7.04 30.28 -17.73
N GLY B 630 -7.01 28.97 -17.50
CA GLY B 630 -8.22 28.17 -17.55
C GLY B 630 -8.82 28.00 -18.93
N LEU B 631 -9.73 27.04 -19.07
CA LEU B 631 -10.34 26.75 -20.36
C LEU B 631 -11.31 27.87 -20.76
N TRP B 632 -11.37 28.13 -22.06
CA TRP B 632 -12.28 29.12 -22.60
C TRP B 632 -13.73 28.71 -22.31
N PRO B 633 -14.50 29.54 -21.60
CA PRO B 633 -15.86 29.11 -21.22
C PRO B 633 -16.75 28.80 -22.41
N GLY B 634 -16.64 29.57 -23.50
CA GLY B 634 -17.45 29.32 -24.68
C GLY B 634 -17.12 28.04 -25.42
N LEU B 635 -16.16 27.26 -24.93
CA LEU B 635 -15.77 26.04 -25.63
C LEU B 635 -16.89 25.00 -25.59
N ARG B 636 -17.64 24.95 -24.49
CA ARG B 636 -18.69 23.94 -24.37
C ARG B 636 -19.88 24.26 -25.28
N GLU B 637 -20.25 25.54 -25.37
CA GLU B 637 -21.37 25.92 -26.24
C GLU B 637 -21.03 25.70 -27.72
N THR B 638 -19.75 25.80 -28.07
CA THR B 638 -19.38 25.69 -29.48
C THR B 638 -19.49 24.25 -29.98
N PHE B 639 -19.08 23.28 -29.18
CA PHE B 639 -19.02 21.89 -29.61
C PHE B 639 -20.08 21.01 -28.95
N LYS B 640 -21.12 21.62 -28.38
CA LYS B 640 -22.22 20.90 -27.73
C LYS B 640 -21.67 19.88 -26.71
N SER B 641 -20.86 20.39 -25.78
CA SER B 641 -20.22 19.53 -24.80
C SER B 641 -21.24 18.98 -23.81
N GLY B 642 -21.10 17.69 -23.48
CA GLY B 642 -22.00 17.01 -22.58
C GLY B 642 -22.95 16.04 -23.25
N SER B 643 -23.13 16.16 -24.57
CA SER B 643 -24.03 15.27 -25.30
C SER B 643 -23.47 13.86 -25.46
N SER B 644 -22.25 13.61 -24.99
CA SER B 644 -21.65 12.28 -25.06
C SER B 644 -20.68 12.14 -23.90
N GLN B 645 -20.84 11.08 -23.10
CA GLN B 645 -20.02 10.84 -21.93
C GLN B 645 -19.52 9.40 -21.94
N PRO B 646 -18.51 9.10 -22.74
CA PRO B 646 -17.95 7.75 -22.75
C PRO B 646 -17.19 7.49 -21.46
N PRO B 647 -16.90 6.23 -21.14
CA PRO B 647 -16.11 5.93 -19.94
C PRO B 647 -14.74 6.60 -19.99
N LEU B 648 -14.20 6.88 -18.81
CA LEU B 648 -12.90 7.55 -18.75
C LEU B 648 -11.79 6.70 -19.35
N GLN B 649 -11.85 5.37 -19.12
CA GLN B 649 -10.85 4.50 -19.70
C GLN B 649 -10.95 4.47 -21.22
N ASP B 650 -12.13 4.68 -21.77
CA ASP B 650 -12.27 4.74 -23.23
C ASP B 650 -11.55 5.97 -23.78
N MET B 651 -11.66 7.11 -23.10
CA MET B 651 -10.93 8.30 -23.53
C MET B 651 -9.42 8.08 -23.45
N ILE B 652 -8.97 7.41 -22.39
CA ILE B 652 -7.54 7.21 -22.21
C ILE B 652 -6.99 6.24 -23.25
N ASP B 653 -7.69 5.13 -23.47
CA ASP B 653 -7.21 4.14 -24.43
C ASP B 653 -7.31 4.64 -25.85
N ARG B 654 -8.26 5.54 -26.14
CA ARG B 654 -8.34 6.10 -27.48
C ARG B 654 -7.11 6.95 -27.80
N MET B 655 -6.58 7.65 -26.80
CA MET B 655 -5.39 8.47 -27.04
C MET B 655 -4.12 7.61 -27.08
N LEU B 656 -4.06 6.56 -26.26
CA LEU B 656 -2.86 5.73 -26.21
C LEU B 656 -2.80 4.77 -27.39
N PHE B 657 -3.93 4.16 -27.76
CA PHE B 657 -3.91 3.22 -28.88
C PHE B 657 -3.69 3.92 -30.21
N ALA B 658 -4.14 5.17 -30.34
CA ALA B 658 -3.95 5.90 -31.59
C ALA B 658 -2.48 6.13 -31.89
N GLU B 659 -1.69 6.44 -30.85
CA GLU B 659 -0.25 6.57 -31.02
C GLU B 659 0.44 5.22 -31.16
N ALA B 660 -0.06 4.20 -30.46
CA ALA B 660 0.54 2.88 -30.55
C ALA B 660 0.29 2.26 -31.92
N LEU B 661 -0.93 2.39 -32.45
CA LEU B 661 -1.22 1.87 -33.79
C LEU B 661 -0.47 2.63 -34.87
N GLU B 662 -0.29 3.94 -34.69
CA GLU B 662 0.46 4.71 -35.67
C GLU B 662 1.94 4.35 -35.63
N THR B 663 2.47 4.08 -34.44
CA THR B 663 3.89 3.71 -34.33
C THR B 663 4.18 2.39 -35.02
N GLN B 664 3.26 1.42 -34.91
CA GLN B 664 3.45 0.16 -35.60
C GLN B 664 3.41 0.35 -37.11
N LYS B 665 2.55 1.25 -37.59
CA LYS B 665 2.53 1.56 -39.02
C LYS B 665 3.87 2.11 -39.49
N CYS B 666 4.48 2.97 -38.67
CA CYS B 666 5.81 3.49 -39.00
C CYS B 666 6.86 2.38 -39.03
N LEU B 667 6.61 1.27 -38.33
CA LEU B 667 7.49 0.10 -38.40
C LEU B 667 7.14 -0.84 -39.54
N ASP B 668 5.90 -0.75 -40.06
CA ASP B 668 5.49 -1.55 -41.21
C ASP B 668 5.77 -0.85 -42.53
N GLU B 669 6.10 0.44 -42.51
CA GLU B 669 6.43 1.19 -43.71
C GLU B 669 7.91 1.51 -43.82
N GLY B 670 8.74 1.00 -42.89
CA GLY B 670 10.16 1.27 -42.91
C GLY B 670 10.56 2.64 -42.42
N VAL B 671 9.61 3.46 -41.95
CA VAL B 671 9.95 4.79 -41.43
C VAL B 671 10.90 4.67 -40.25
N LEU B 672 10.70 3.66 -39.40
CA LEU B 672 11.60 3.36 -38.30
C LEU B 672 12.18 1.96 -38.50
N THR B 673 13.40 1.77 -37.98
CA THR B 673 14.11 0.52 -38.18
C THR B 673 14.07 -0.41 -36.97
N SER B 674 14.03 0.15 -35.76
CA SER B 674 14.02 -0.65 -34.54
C SER B 674 13.00 -0.09 -33.57
N THR B 675 12.53 -0.97 -32.68
CA THR B 675 11.60 -0.53 -31.64
C THR B 675 12.30 0.31 -30.58
N ALA B 676 13.61 0.13 -30.41
CA ALA B 676 14.34 0.93 -29.42
C ALA B 676 14.32 2.40 -29.77
N ASP B 677 14.35 2.72 -31.07
CA ASP B 677 14.20 4.12 -31.46
C ASP B 677 12.76 4.59 -31.29
N ALA B 678 11.79 3.73 -31.65
CA ALA B 678 10.39 4.10 -31.50
C ALA B 678 10.03 4.40 -30.05
N ASN B 679 10.59 3.62 -29.11
CA ASN B 679 10.27 3.82 -27.71
C ASN B 679 10.86 5.12 -27.18
N ILE B 680 12.17 5.32 -27.37
CA ILE B 680 12.80 6.55 -26.91
C ILE B 680 12.33 7.74 -27.72
N GLY B 681 11.99 7.52 -28.99
CA GLY B 681 11.45 8.62 -29.79
C GLY B 681 10.12 9.12 -29.27
N SER B 682 9.26 8.20 -28.83
CA SER B 682 7.95 8.61 -28.31
C SER B 682 8.07 9.28 -26.95
N ILE B 683 8.99 8.79 -26.11
CA ILE B 683 9.13 9.36 -24.77
C ILE B 683 9.77 10.75 -24.85
N MET B 684 10.97 10.83 -25.43
CA MET B 684 11.73 12.07 -25.45
C MET B 684 11.25 13.06 -26.49
N GLY B 685 10.37 12.67 -27.41
CA GLY B 685 10.02 13.54 -28.51
C GLY B 685 8.60 14.10 -28.49
N ILE B 686 7.62 13.23 -28.28
CA ILE B 686 6.22 13.59 -28.38
C ILE B 686 5.48 13.40 -27.07
N GLY B 687 6.20 13.12 -25.99
CA GLY B 687 5.59 13.07 -24.67
C GLY B 687 4.74 11.86 -24.39
N PHE B 688 5.13 10.69 -24.90
CA PHE B 688 4.40 9.48 -24.56
C PHE B 688 4.74 9.07 -23.13
N PRO B 689 3.75 8.65 -22.35
CA PRO B 689 3.97 8.45 -20.90
C PRO B 689 5.04 7.40 -20.64
N PRO B 690 6.00 7.71 -19.76
CA PRO B 690 7.12 6.76 -19.54
C PRO B 690 6.70 5.42 -18.97
N TRP B 691 5.60 5.36 -18.22
CA TRP B 691 5.18 4.08 -17.65
C TRP B 691 4.84 3.06 -18.72
N THR B 692 4.49 3.50 -19.92
CA THR B 692 4.36 2.59 -21.04
C THR B 692 5.71 2.08 -21.52
N GLY B 693 6.76 2.87 -21.31
CA GLY B 693 8.07 2.52 -21.83
C GLY B 693 8.23 2.74 -23.31
N GLY B 694 7.38 3.57 -23.91
CA GLY B 694 7.43 3.83 -25.34
C GLY B 694 6.16 3.42 -26.05
N SER B 695 5.92 3.99 -27.23
CA SER B 695 4.71 3.67 -27.99
CA SER B 695 4.71 3.66 -27.97
C SER B 695 4.77 2.26 -28.59
N ALA B 696 5.96 1.69 -28.73
CA ALA B 696 6.09 0.33 -29.23
C ALA B 696 6.02 -0.69 -28.10
N GLN B 697 6.69 -0.40 -26.98
CA GLN B 697 6.62 -1.28 -25.82
C GLN B 697 5.21 -1.34 -25.26
N PHE B 698 4.41 -0.29 -25.48
CA PHE B 698 3.05 -0.26 -24.98
C PHE B 698 2.20 -1.40 -25.54
N ILE B 699 2.49 -1.84 -26.76
CA ILE B 699 1.73 -2.92 -27.37
C ILE B 699 1.97 -4.23 -26.62
N VAL B 700 3.24 -4.61 -26.49
CA VAL B 700 3.57 -5.86 -25.81
C VAL B 700 3.39 -5.76 -24.31
N GLY B 701 3.37 -4.55 -23.76
CA GLY B 701 3.23 -4.32 -22.33
C GLY B 701 1.88 -3.82 -21.89
N TYR B 702 0.89 -3.78 -22.78
CA TYR B 702 -0.44 -3.33 -22.42
C TYR B 702 -1.03 -4.20 -21.31
N SER B 703 -1.81 -3.57 -20.43
CA SER B 703 -2.43 -4.25 -19.31
C SER B 703 -3.82 -3.68 -19.10
N GLY B 704 -4.84 -4.53 -19.21
CA GLY B 704 -6.21 -4.10 -19.04
C GLY B 704 -7.01 -5.10 -18.24
N PRO B 705 -8.30 -4.81 -18.02
CA PRO B 705 -9.14 -5.73 -17.25
C PRO B 705 -9.34 -7.09 -17.91
N ALA B 706 -9.03 -7.23 -19.20
CA ALA B 706 -9.23 -8.48 -19.92
C ALA B 706 -7.90 -9.11 -20.36
N GLY B 707 -6.79 -8.72 -19.75
CA GLY B 707 -5.54 -9.39 -20.05
C GLY B 707 -4.33 -8.48 -20.12
N THR B 708 -3.18 -9.08 -20.42
CA THR B 708 -1.90 -8.38 -20.52
C THR B 708 -1.17 -8.88 -21.76
N GLY B 709 -0.47 -7.99 -22.44
CA GLY B 709 0.36 -8.35 -23.57
C GLY B 709 -0.24 -7.91 -24.89
N LYS B 710 0.36 -8.43 -25.97
CA LYS B 710 -0.05 -8.01 -27.31
C LYS B 710 -1.43 -8.55 -27.66
N ALA B 711 -1.69 -9.82 -27.36
CA ALA B 711 -3.01 -10.39 -27.63
C ALA B 711 -4.10 -9.60 -26.93
N ALA B 712 -3.86 -9.19 -25.68
CA ALA B 712 -4.82 -8.33 -24.99
C ALA B 712 -4.92 -6.97 -25.67
N PHE B 713 -3.79 -6.43 -26.13
CA PHE B 713 -3.81 -5.19 -26.89
C PHE B 713 -4.67 -5.31 -28.13
N VAL B 714 -4.58 -6.45 -28.82
CA VAL B 714 -5.36 -6.65 -30.04
C VAL B 714 -6.85 -6.75 -29.73
N ALA B 715 -7.20 -7.35 -28.60
CA ALA B 715 -8.61 -7.47 -28.23
C ALA B 715 -9.19 -6.12 -27.84
N ARG B 716 -8.45 -5.33 -27.05
CA ARG B 716 -8.92 -4.01 -26.67
C ARG B 716 -9.00 -3.07 -27.86
N ALA B 717 -8.09 -3.23 -28.83
CA ALA B 717 -8.14 -2.40 -30.03
C ALA B 717 -9.43 -2.66 -30.82
N ARG B 718 -9.80 -3.93 -30.99
CA ARG B 718 -11.04 -4.24 -31.69
C ARG B 718 -12.25 -3.74 -30.91
N GLU B 719 -12.15 -3.68 -29.58
CA GLU B 719 -13.25 -3.16 -28.78
C GLU B 719 -13.47 -1.68 -29.06
N LEU B 720 -12.39 -0.89 -29.05
CA LEU B 720 -12.50 0.53 -29.40
C LEU B 720 -12.92 0.72 -30.85
N ALA B 721 -12.54 -0.21 -31.73
CA ALA B 721 -12.83 -0.04 -33.15
C ALA B 721 -14.32 -0.15 -33.43
N ALA B 722 -14.98 -1.15 -32.85
CA ALA B 722 -16.40 -1.34 -33.08
C ALA B 722 -17.24 -0.20 -32.52
N ALA B 723 -16.68 0.61 -31.62
CA ALA B 723 -17.43 1.69 -31.00
C ALA B 723 -17.01 3.09 -31.44
N TYR B 724 -15.92 3.23 -32.20
CA TYR B 724 -15.44 4.58 -32.49
C TYR B 724 -15.03 4.76 -33.94
N GLY B 725 -14.50 3.72 -34.58
CA GLY B 725 -14.19 3.84 -35.99
C GLY B 725 -13.18 2.80 -36.43
N ASP B 726 -13.01 2.74 -37.76
CA ASP B 726 -12.09 1.79 -38.38
C ASP B 726 -10.64 2.07 -38.06
N ARG B 727 -10.28 3.30 -37.72
CA ARG B 727 -8.88 3.67 -37.51
C ARG B 727 -8.25 2.92 -36.34
N PHE B 728 -9.04 2.28 -35.49
CA PHE B 728 -8.51 1.52 -34.36
C PHE B 728 -8.29 0.04 -34.70
N LEU B 729 -8.64 -0.39 -35.90
CA LEU B 729 -8.40 -1.77 -36.31
C LEU B 729 -6.90 -2.04 -36.35
N PRO B 730 -6.40 -3.05 -35.63
CA PRO B 730 -4.96 -3.28 -35.60
C PRO B 730 -4.48 -3.83 -36.93
N PRO B 731 -3.27 -3.48 -37.34
CA PRO B 731 -2.74 -3.97 -38.63
C PRO B 731 -2.53 -5.48 -38.61
N GLU B 732 -2.18 -6.01 -39.78
CA GLU B 732 -1.98 -7.44 -39.93
C GLU B 732 -0.70 -7.91 -39.25
N SER B 733 0.30 -7.03 -39.12
CA SER B 733 1.55 -7.43 -38.50
C SER B 733 1.42 -7.69 -37.00
N LEU B 734 0.27 -7.35 -36.41
CA LEU B 734 -0.01 -7.72 -35.03
C LEU B 734 -0.87 -8.96 -34.90
N LEU B 735 -1.52 -9.37 -35.99
CA LEU B 735 -2.38 -10.55 -35.99
C LEU B 735 -1.54 -11.78 -36.35
N SER B 736 -2.21 -12.90 -36.60
CA SER B 736 -1.54 -14.12 -37.03
C SER B 736 -2.55 -15.10 -37.64
#